data_1DSR
# 
_entry.id   1DSR 
# 
_audit_conform.dict_name       mmcif_pdbx.dic 
_audit_conform.dict_version    5.381 
_audit_conform.dict_location   http://mmcif.pdb.org/dictionaries/ascii/mmcif_pdbx.dic 
# 
loop_
_database_2.database_id 
_database_2.database_code 
_database_2.pdbx_database_accession 
_database_2.pdbx_DOI 
PDB   1DSR         pdb_00001dsr 10.2210/pdb1dsr/pdb 
WWPDB D_1000172927 ?            ?                   
# 
_pdbx_database_status.status_code                     REL 
_pdbx_database_status.entry_id                        1DSR 
_pdbx_database_status.recvd_initial_deposition_date   1996-07-05 
_pdbx_database_status.deposit_site                    ? 
_pdbx_database_status.process_site                    BNL 
_pdbx_database_status.SG_entry                        . 
_pdbx_database_status.status_code_sf                  ? 
_pdbx_database_status.status_code_mr                  ? 
_pdbx_database_status.status_code_cs                  ? 
_pdbx_database_status.methods_development_category    ? 
_pdbx_database_status.pdb_format_compatible           Y 
_pdbx_database_status.status_code_nmr_data            ? 
# 
loop_
_audit_author.name 
_audit_author.pdbx_ordinal 
'Kurz, M.' 1 
'Guba, W.' 2 
# 
_citation.id                        primary 
_citation.title                     '3D Structure of Ramoplanin: A Potent Inhibitor of Bacterial Cell Wall Synthesis.' 
_citation.journal_abbrev            Biochemistry 
_citation.journal_volume            35 
_citation.page_first                12570 
_citation.page_last                 ? 
_citation.year                      1996 
_citation.journal_id_ASTM           BICHAW 
_citation.country                   US 
_citation.journal_id_ISSN           0006-2960 
_citation.journal_id_CSD            0033 
_citation.book_publisher            ? 
_citation.pdbx_database_id_PubMed   8823194 
_citation.pdbx_database_id_DOI      10.1021/BI961017Q 
# 
loop_
_citation_author.citation_id 
_citation_author.name 
_citation_author.ordinal 
_citation_author.identifier_ORCID 
primary 'Kurz, M.' 1 ? 
primary 'Guba, W.' 2 ? 
# 
_cell.entry_id           1DSR 
_cell.length_a           1.000 
_cell.length_b           1.000 
_cell.length_c           1.000 
_cell.angle_alpha        90.00 
_cell.angle_beta         90.00 
_cell.angle_gamma        90.00 
_cell.Z_PDB              1 
_cell.pdbx_unique_axis   ? 
# 
_symmetry.entry_id                         1DSR 
_symmetry.space_group_name_H-M             'P 1' 
_symmetry.pdbx_full_space_group_name_H-M   ? 
_symmetry.cell_setting                     ? 
_symmetry.Int_Tables_number                1 
# 
loop_
_entity.id 
_entity.type 
_entity.src_method 
_entity.pdbx_description 
_entity.formula_weight 
_entity.pdbx_number_of_molecules 
_entity.pdbx_ec 
_entity.pdbx_mutation 
_entity.pdbx_fragment 
_entity.details 
1 polymer     nat 'RAMOPLANIN A2'                                     2111.610 1 ? ? ? ? 
2 branched    man 'alpha-D-mannopyranose-(1-2)-alpha-D-mannopyranose' 342.297  1 ? ? ? ? 
3 non-polymer syn '(2Z,4E)-7-methylocta-2,4-dienoic acid'             154.206  1 ? ? ? ? 
# 
loop_
_entity_name_com.entity_id 
_entity_name_com.name 
1 'A-166686,MDL 62,198)'  
2 2alpha-alpha-mannobiose 
# 
_entity_poly.entity_id                      1 
_entity_poly.type                           'polypeptide(L)' 
_entity_poly.nstd_linkage                   no 
_entity_poly.nstd_monomer                   yes 
_entity_poly.pdbx_seq_one_letter_code       'N(AHB)(GHP)(ORD)(2TL)(D4P)(GHP)(ALO)F(ORD)(D4P)(2TL)(D4P)GL(DAL)(CHP)' 
_entity_poly.pdbx_seq_one_letter_code_can   NNGXTXGTFXXTXGLAG 
_entity_poly.pdbx_strand_id                 A 
_entity_poly.pdbx_target_identifier         ? 
# 
loop_
_entity_poly_seq.entity_id 
_entity_poly_seq.num 
_entity_poly_seq.mon_id 
_entity_poly_seq.hetero 
1 1  ASN n 
1 2  AHB n 
1 3  GHP n 
1 4  ORD n 
1 5  2TL n 
1 6  D4P n 
1 7  GHP n 
1 8  ALO n 
1 9  PHE n 
1 10 ORD n 
1 11 D4P n 
1 12 2TL n 
1 13 D4P n 
1 14 GLY n 
1 15 LEU n 
1 16 DAL n 
1 17 CHP n 
# 
_entity_src_nat.entity_id                  1 
_entity_src_nat.pdbx_src_id                1 
_entity_src_nat.pdbx_alt_source_flag       sample 
_entity_src_nat.pdbx_beg_seq_num           ? 
_entity_src_nat.pdbx_end_seq_num           ? 
_entity_src_nat.common_name                ? 
_entity_src_nat.pdbx_organism_scientific   'ACTINOPLANES SP.' 
_entity_src_nat.pdbx_ncbi_taxonomy_id      1871 
_entity_src_nat.genus                      ? 
_entity_src_nat.species                    ? 
_entity_src_nat.strain                     'ATCC 33076' 
_entity_src_nat.tissue                     ? 
_entity_src_nat.tissue_fraction            ? 
_entity_src_nat.pdbx_secretion             ? 
_entity_src_nat.pdbx_fragment              ? 
_entity_src_nat.pdbx_variant               ? 
_entity_src_nat.pdbx_cell_line             ? 
_entity_src_nat.pdbx_atcc                  ? 
_entity_src_nat.pdbx_cellular_location     ? 
_entity_src_nat.pdbx_organ                 ? 
_entity_src_nat.pdbx_organelle             ? 
_entity_src_nat.pdbx_cell                  ? 
_entity_src_nat.pdbx_plasmid_name          ? 
_entity_src_nat.pdbx_plasmid_details       ? 
_entity_src_nat.details                    ? 
# 
_struct_ref.id                         1 
_struct_ref.db_name                    NOR 
_struct_ref.db_code                    NOR00844 
_struct_ref.entity_id                  1 
_struct_ref.pdbx_seq_one_letter_code   ? 
_struct_ref.pdbx_align_begin           ? 
_struct_ref.pdbx_db_accession          NOR00844 
_struct_ref.pdbx_db_isoform            ? 
# 
_struct_ref_seq.align_id                      1 
_struct_ref_seq.ref_id                        1 
_struct_ref_seq.pdbx_PDB_id_code              1DSR 
_struct_ref_seq.pdbx_strand_id                A 
_struct_ref_seq.seq_align_beg                 1 
_struct_ref_seq.pdbx_seq_align_beg_ins_code   ? 
_struct_ref_seq.seq_align_end                 17 
_struct_ref_seq.pdbx_seq_align_end_ins_code   ? 
_struct_ref_seq.pdbx_db_accession             NOR00844 
_struct_ref_seq.db_align_beg                  1 
_struct_ref_seq.pdbx_db_align_beg_ins_code    ? 
_struct_ref_seq.db_align_end                  17 
_struct_ref_seq.pdbx_db_align_end_ins_code    ? 
_struct_ref_seq.pdbx_auth_seq_align_beg       1 
_struct_ref_seq.pdbx_auth_seq_align_end       17 
# 
loop_
_chem_comp.id 
_chem_comp.type 
_chem_comp.mon_nstd_flag 
_chem_comp.name 
_chem_comp.pdbx_synonyms 
_chem_comp.formula 
_chem_comp.formula_weight 
2TL 'D-peptide linking'           . D-allothreonine                            ?                                     'C4 H9 N O3' 
119.119 
AHB 'L-peptide linking'           n BETA-HYDROXYASPARAGINE                     ?                                     'C4 H8 N2 O4' 
148.117 
ALO 'L-peptide linking'           n ALLO-THREONINE                             ?                                     'C4 H9 N O3' 
119.119 
ASN 'L-peptide linking'           y ASPARAGINE                                 ?                                     'C4 H8 N2 O3' 
132.118 
CHP 'L-peptide linking'           n 3-CHLORO-4-HYDROXYPHENYLGLYCINE            ?                                     
'C8 H8 Cl N O3' 201.607 
D4P 'L-peptide linking'           . '(2S)-AMINO(4-HYDROXYPHENYL)ACETIC ACID'   ?                                     'C8 H9 N O3' 
167.162 
DAL 'D-peptide linking'           . D-ALANINE                                  ?                                     'C3 H7 N O2' 
89.093  
FA7 non-polymer                   . '(2Z,4E)-7-methylocta-2,4-dienoic acid'    ?                                     'C9 H14 O2' 
154.206 
GHP 'D-peptide linking'           . '(2R)-amino(4-hydroxyphenyl)ethanoic acid' ?                                     'C8 H9 N O3' 
167.162 
GLY 'peptide linking'             y GLYCINE                                    ?                                     'C2 H5 N O2' 
75.067  
LEU 'L-peptide linking'           y LEUCINE                                    ?                                     'C6 H13 N O2' 
131.173 
MAN 'D-saccharide, alpha linking' . alpha-D-mannopyranose                      'alpha-D-mannose; D-mannose; mannose' 'C6 H12 O6' 
180.156 
ORD 'D-peptide linking'           . D-ORNITHINE                                ?                                     
'C5 H12 N2 O2'  132.161 
PHE 'L-peptide linking'           y PHENYLALANINE                              ?                                     'C9 H11 N O2' 
165.189 
# 
_pdbx_nmr_exptl.experiment_id   1 
_pdbx_nmr_exptl.conditions_id   1 
_pdbx_nmr_exptl.type            NOESY 
_pdbx_nmr_exptl.solution_id     1 
# 
_pdbx_nmr_exptl_sample_conditions.conditions_id       1 
_pdbx_nmr_exptl_sample_conditions.temperature         313 
_pdbx_nmr_exptl_sample_conditions.pressure_units      ? 
_pdbx_nmr_exptl_sample_conditions.pressure            ? 
_pdbx_nmr_exptl_sample_conditions.pH                  4.6 
_pdbx_nmr_exptl_sample_conditions.ionic_strength      ? 
_pdbx_nmr_exptl_sample_conditions.temperature_units   K 
# 
_pdbx_nmr_spectrometer.spectrometer_id   1 
_pdbx_nmr_spectrometer.model             'AMX 600' 
_pdbx_nmr_spectrometer.manufacturer      Bruker 
_pdbx_nmr_spectrometer.field_strength    600 
_pdbx_nmr_spectrometer.type              ? 
# 
_pdbx_nmr_ensemble.entry_id                                      1DSR 
_pdbx_nmr_ensemble.conformers_calculated_total_number            450 
_pdbx_nmr_ensemble.conformers_submitted_total_number             6 
_pdbx_nmr_ensemble.conformer_selection_criteria                  'ENERGY MINIMIZED SNAPSHOT EVERY 75 PS' 
_pdbx_nmr_ensemble.average_constraints_per_residue               ? 
_pdbx_nmr_ensemble.average_constraint_violations_per_residue     ? 
_pdbx_nmr_ensemble.maximum_distance_constraint_violation         ? 
_pdbx_nmr_ensemble.average_distance_constraint_violation         ? 
_pdbx_nmr_ensemble.maximum_upper_distance_constraint_violation   ? 
_pdbx_nmr_ensemble.maximum_lower_distance_constraint_violation   ? 
_pdbx_nmr_ensemble.distance_constraint_violation_method          ? 
_pdbx_nmr_ensemble.maximum_torsion_angle_constraint_violation    ? 
_pdbx_nmr_ensemble.average_torsion_angle_constraint_violation    ? 
_pdbx_nmr_ensemble.torsion_angle_constraint_violation_method     ? 
# 
_exptl.entry_id          1DSR 
_exptl.method            'SOLUTION NMR' 
_exptl.crystals_number   ? 
# 
_struct.entry_id                  1DSR 
_struct.title                     'Peptide antibiotic, NMR, 6 structures' 
_struct.pdbx_model_details        ? 
_struct.pdbx_CASP_flag            ? 
_struct.pdbx_model_type_details   ? 
# 
_struct_keywords.entry_id        1DSR 
_struct_keywords.pdbx_keywords   ANTIBIOTIC 
_struct_keywords.text            'RAMOPLANIN, ANTIBIOTIC, INHIBITOR, GLYCOLIPODESPSIPEPTIDE' 
# 
loop_
_struct_asym.id 
_struct_asym.pdbx_blank_PDB_chainid_flag 
_struct_asym.pdbx_modified 
_struct_asym.entity_id 
_struct_asym.details 
A N N 1 ? 
B N N 2 ? 
C N N 3 ? 
# 
_struct_biol.id        1 
_struct_biol.details   ? 
# 
loop_
_struct_conn.id 
_struct_conn.conn_type_id 
_struct_conn.pdbx_leaving_atom_flag 
_struct_conn.pdbx_PDB_id 
_struct_conn.ptnr1_label_asym_id 
_struct_conn.ptnr1_label_comp_id 
_struct_conn.ptnr1_label_seq_id 
_struct_conn.ptnr1_label_atom_id 
_struct_conn.pdbx_ptnr1_label_alt_id 
_struct_conn.pdbx_ptnr1_PDB_ins_code 
_struct_conn.pdbx_ptnr1_standard_comp_id 
_struct_conn.ptnr1_symmetry 
_struct_conn.ptnr2_label_asym_id 
_struct_conn.ptnr2_label_comp_id 
_struct_conn.ptnr2_label_seq_id 
_struct_conn.ptnr2_label_atom_id 
_struct_conn.pdbx_ptnr2_label_alt_id 
_struct_conn.pdbx_ptnr2_PDB_ins_code 
_struct_conn.ptnr1_auth_asym_id 
_struct_conn.ptnr1_auth_comp_id 
_struct_conn.ptnr1_auth_seq_id 
_struct_conn.ptnr2_auth_asym_id 
_struct_conn.ptnr2_auth_comp_id 
_struct_conn.ptnr2_auth_seq_id 
_struct_conn.ptnr2_symmetry 
_struct_conn.pdbx_ptnr3_label_atom_id 
_struct_conn.pdbx_ptnr3_label_seq_id 
_struct_conn.pdbx_ptnr3_label_comp_id 
_struct_conn.pdbx_ptnr3_label_asym_id 
_struct_conn.pdbx_ptnr3_label_alt_id 
_struct_conn.pdbx_ptnr3_PDB_ins_code 
_struct_conn.details 
_struct_conn.pdbx_dist_value 
_struct_conn.pdbx_value_order 
_struct_conn.pdbx_role 
covale1  covale both ? C FA7 .  C1 ? ? ? 1_555 A ASN 1  N  ? ? A FA7 0  A ASN 1  1_555 ? ? ? ? ? ? ? 1.338 ? ? 
covale2  covale both ? A ASN 1  C  ? ? ? 1_555 A AHB 2  N  ? ? A ASN 1  A AHB 2  1_555 ? ? ? ? ? ? ? 1.340 ? ? 
covale3  covale both ? A AHB 2  C  ? ? ? 1_555 A GHP 3  N  ? ? A AHB 2  A GHP 3  1_555 ? ? ? ? ? ? ? 1.339 ? ? 
covale4  covale one  ? A AHB 2  OB ? ? ? 1_555 A CHP 17 C  ? ? A AHB 2  A CHP 17 1_555 ? ? ? ? ? ? ? 1.397 ? ? 
covale5  covale both ? A GHP 3  C  ? ? ? 1_555 A ORD 4  N  ? ? A GHP 3  A ORD 4  1_555 ? ? ? ? ? ? ? 1.339 ? ? 
covale6  covale both ? A ORD 4  C  ? ? ? 1_555 A 2TL 5  N  ? ? A ORD 4  A 2TL 5  1_555 ? ? ? ? ? ? ? 1.339 ? ? 
covale7  covale both ? A 2TL 5  C  ? ? ? 1_555 A D4P 6  N  ? ? A 2TL 5  A D4P 6  1_555 ? ? ? ? ? ? ? 1.339 ? ? 
covale8  covale both ? A D4P 6  C  ? ? ? 1_555 A GHP 7  N  ? ? A D4P 6  A GHP 7  1_555 ? ? ? ? ? ? ? 1.351 ? ? 
covale9  covale both ? A GHP 7  C  ? ? ? 1_555 A ALO 8  N  ? ? A GHP 7  A ALO 8  1_555 ? ? ? ? ? ? ? 1.344 ? ? 
covale10 covale both ? A ALO 8  C  ? ? ? 1_555 A PHE 9  N  ? ? A ALO 8  A PHE 9  1_555 ? ? ? ? ? ? ? 1.340 ? ? 
covale11 covale both ? A PHE 9  C  ? ? ? 1_555 A ORD 10 N  ? ? A PHE 9  A ORD 10 1_555 ? ? ? ? ? ? ? 1.343 ? ? 
covale12 covale both ? A ORD 10 C  ? ? ? 1_555 A D4P 11 N  ? ? A ORD 10 A D4P 11 1_555 ? ? ? ? ? ? ? 1.342 ? ? 
covale13 covale both ? A D4P 11 C  ? ? ? 1_555 A 2TL 12 N  ? ? A D4P 11 A 2TL 12 1_555 ? ? ? ? ? ? ? 1.343 ? ? 
covale14 covale both ? A D4P 11 O4 ? ? ? 1_555 B MAN .  C1 ? ? A D4P 11 B MAN 1  1_555 ? ? ? ? ? ? ? 1.451 ? ? 
covale15 covale both ? A 2TL 12 C  ? ? ? 1_555 A D4P 13 N  ? ? A 2TL 12 A D4P 13 1_555 ? ? ? ? ? ? ? 1.341 ? ? 
covale16 covale both ? A D4P 13 C  ? ? ? 1_555 A GLY 14 N  ? ? A D4P 13 A GLY 14 1_555 ? ? ? ? ? ? ? 1.349 ? ? 
covale17 covale both ? A LEU 15 C  ? ? ? 1_555 A DAL 16 N  ? ? A LEU 15 A DAL 16 1_555 ? ? ? ? ? ? ? 1.338 ? ? 
covale18 covale both ? A DAL 16 C  ? ? ? 1_555 A CHP 17 N  ? ? A DAL 16 A CHP 17 1_555 ? ? ? ? ? ? ? 1.346 ? ? 
covale19 covale both ? B MAN .  O2 ? ? ? 1_555 B MAN .  C1 ? ? B MAN 1  B MAN 2  1_555 ? ? ? ? ? ? ? 1.450 ? ? 
# 
_struct_conn_type.id          covale 
_struct_conn_type.criteria    ? 
_struct_conn_type.reference   ? 
# 
_struct_sheet.id               A 
_struct_sheet.type             ? 
_struct_sheet.number_strands   2 
_struct_sheet.details          ? 
# 
_struct_sheet_order.sheet_id     A 
_struct_sheet_order.range_id_1   1 
_struct_sheet_order.range_id_2   2 
_struct_sheet_order.offset       ? 
_struct_sheet_order.sense        anti-parallel 
# 
loop_
_struct_sheet_range.sheet_id 
_struct_sheet_range.id 
_struct_sheet_range.beg_label_comp_id 
_struct_sheet_range.beg_label_asym_id 
_struct_sheet_range.beg_label_seq_id 
_struct_sheet_range.pdbx_beg_PDB_ins_code 
_struct_sheet_range.end_label_comp_id 
_struct_sheet_range.end_label_asym_id 
_struct_sheet_range.end_label_seq_id 
_struct_sheet_range.pdbx_end_PDB_ins_code 
_struct_sheet_range.beg_auth_comp_id 
_struct_sheet_range.beg_auth_asym_id 
_struct_sheet_range.beg_auth_seq_id 
_struct_sheet_range.end_auth_comp_id 
_struct_sheet_range.end_auth_asym_id 
_struct_sheet_range.end_auth_seq_id 
A 1 GHP A 3  ? D4P A 6  ? GHP A 3  D4P A 6  
A 2 D4P A 11 ? D4P A 13 ? D4P A 11 D4P A 13 
# 
_pdbx_struct_sheet_hbond.sheet_id                A 
_pdbx_struct_sheet_hbond.range_id_1              1 
_pdbx_struct_sheet_hbond.range_id_2              2 
_pdbx_struct_sheet_hbond.range_1_label_atom_id   N 
_pdbx_struct_sheet_hbond.range_1_label_comp_id   ORD 
_pdbx_struct_sheet_hbond.range_1_label_asym_id   A 
_pdbx_struct_sheet_hbond.range_1_label_seq_id    4 
_pdbx_struct_sheet_hbond.range_1_PDB_ins_code    ? 
_pdbx_struct_sheet_hbond.range_1_auth_atom_id    N 
_pdbx_struct_sheet_hbond.range_1_auth_comp_id    ORD 
_pdbx_struct_sheet_hbond.range_1_auth_asym_id    A 
_pdbx_struct_sheet_hbond.range_1_auth_seq_id     4 
_pdbx_struct_sheet_hbond.range_2_label_atom_id   O 
_pdbx_struct_sheet_hbond.range_2_label_comp_id   2TL 
_pdbx_struct_sheet_hbond.range_2_label_asym_id   A 
_pdbx_struct_sheet_hbond.range_2_label_seq_id    12 
_pdbx_struct_sheet_hbond.range_2_PDB_ins_code    ? 
_pdbx_struct_sheet_hbond.range_2_auth_atom_id    O 
_pdbx_struct_sheet_hbond.range_2_auth_comp_id    2TL 
_pdbx_struct_sheet_hbond.range_2_auth_asym_id    A 
_pdbx_struct_sheet_hbond.range_2_auth_seq_id     12 
# 
_atom_sites.entry_id                    1DSR 
_atom_sites.fract_transf_matrix[1][1]   1.000000 
_atom_sites.fract_transf_matrix[1][2]   0.000000 
_atom_sites.fract_transf_matrix[1][3]   0.000000 
_atom_sites.fract_transf_matrix[2][1]   0.000000 
_atom_sites.fract_transf_matrix[2][2]   1.000000 
_atom_sites.fract_transf_matrix[2][3]   0.000000 
_atom_sites.fract_transf_matrix[3][1]   0.000000 
_atom_sites.fract_transf_matrix[3][2]   0.000000 
_atom_sites.fract_transf_matrix[3][3]   1.000000 
_atom_sites.fract_transf_vector[1]      0.00000 
_atom_sites.fract_transf_vector[2]      0.00000 
_atom_sites.fract_transf_vector[3]      0.00000 
# 
loop_
_atom_type.symbol 
C  
CL 
H  
N  
O  
# 
loop_
_atom_site.group_PDB 
_atom_site.id 
_atom_site.type_symbol 
_atom_site.label_atom_id 
_atom_site.label_alt_id 
_atom_site.label_comp_id 
_atom_site.label_asym_id 
_atom_site.label_entity_id 
_atom_site.label_seq_id 
_atom_site.pdbx_PDB_ins_code 
_atom_site.Cartn_x 
_atom_site.Cartn_y 
_atom_site.Cartn_z 
_atom_site.occupancy 
_atom_site.B_iso_or_equiv 
_atom_site.pdbx_formal_charge 
_atom_site.auth_seq_id 
_atom_site.auth_comp_id 
_atom_site.auth_asym_id 
_atom_site.auth_atom_id 
_atom_site.pdbx_PDB_model_num 
ATOM   1    N  N    . ASN A 1 1  ? 0.037  -2.665 8.089   1.00 0.00 ? 1  ASN A N    1 
ATOM   2    C  CA   . ASN A 1 1  ? 0.144  -1.660 6.995   1.00 0.00 ? 1  ASN A CA   1 
ATOM   3    C  C    . ASN A 1 1  ? 1.337  -1.942 6.030   1.00 0.00 ? 1  ASN A C    1 
ATOM   4    O  O    . ASN A 1 1  ? 2.494  -1.613 6.312   1.00 0.00 ? 1  ASN A O    1 
ATOM   5    C  CB   . ASN A 1 1  ? 0.241  -0.230 7.578   1.00 0.00 ? 1  ASN A CB   1 
ATOM   6    C  CG   . ASN A 1 1  ? -1.048 0.346  8.151   1.00 0.00 ? 1  ASN A CG   1 
ATOM   7    O  OD1  . ASN A 1 1  ? -2.011 0.571  7.430   1.00 0.00 ? 1  ASN A OD1  1 
ATOM   8    N  ND2  . ASN A 1 1  ? -1.115 0.616  9.430   1.00 0.00 ? 1  ASN A ND2  1 
ATOM   9    H  H2   . ASN A 1 1  ? 0.327  -4.667 9.822   1.00 0.00 ? 1  ASN A H2   1 
ATOM   10   H  HA   . ASN A 1 1  ? -0.792 -1.690 6.400   1.00 0.00 ? 1  ASN A HA   1 
ATOM   11   H  HB2  . ASN A 1 1  ? 1.088  -0.154 8.279   1.00 0.00 ? 1  ASN A HB2  1 
ATOM   12   H  HB3  . ASN A 1 1  ? 0.508  0.457  6.761   1.00 0.00 ? 1  ASN A HB3  1 
ATOM   13   H  HD21 . ASN A 1 1  ? -0.267 0.491  9.988   1.00 0.00 ? 1  ASN A HD21 1 
ATOM   14   H  HD22 . ASN A 1 1  ? -1.992 1.064  9.704   1.00 0.00 ? 1  ASN A HD22 1 
HETATM 15   N  N    . AHB A 1 2  ? 1.012  -2.516 4.863   1.00 0.00 ? 2  AHB A N    1 
HETATM 16   C  CA   . AHB A 1 2  ? 1.991  -2.694 3.748   1.00 0.00 ? 2  AHB A CA   1 
HETATM 17   C  CB   . AHB A 1 2  ? 1.874  -4.087 3.042   1.00 0.00 ? 2  AHB A CB   1 
HETATM 18   O  OB   . AHB A 1 2  ? 0.500  -4.300 2.630   1.00 0.00 ? 2  AHB A OB   1 
HETATM 19   C  CG   . AHB A 1 2  ? 2.341  -5.296 3.898   1.00 0.00 ? 2  AHB A CG   1 
HETATM 20   O  OD1  . AHB A 1 2  ? 2.566  -5.232 5.102   1.00 0.00 ? 2  AHB A OD1  1 
HETATM 21   N  ND2  . AHB A 1 2  ? 2.522  -6.457 3.307   1.00 0.00 ? 2  AHB A ND2  1 
HETATM 22   C  C    . AHB A 1 2  ? 1.809  -1.551 2.710   1.00 0.00 ? 2  AHB A C    1 
HETATM 23   O  O    . AHB A 1 2  ? 0.723  -0.982 2.565   1.00 0.00 ? 2  AHB A O    1 
HETATM 24   H  HA   . AHB A 1 2  ? 3.020  -2.625 4.154   1.00 0.00 ? 2  AHB A HA   1 
HETATM 25   H  HB   . AHB A 1 2  ? 2.545  -4.075 2.159   1.00 0.00 ? 2  AHB A HB   1 
HETATM 26   N  N    . GHP A 1 3  ? 2.879  -1.230 1.972   1.00 0.00 ? 3  GHP A N    1 
HETATM 27   C  CA   . GHP A 1 3  ? 2.844  -0.198 0.894   1.00 0.00 ? 3  GHP A CA   1 
HETATM 28   C  C    . GHP A 1 3  ? 4.121  0.682  1.023   1.00 0.00 ? 3  GHP A C    1 
HETATM 29   O  O    . GHP A 1 3  ? 5.239  0.265  0.709   1.00 0.00 ? 3  GHP A O    1 
HETATM 30   C  C1   . GHP A 1 3  ? 2.624  -0.702 -0.565  1.00 0.00 ? 3  GHP A C1   1 
HETATM 31   C  C2   . GHP A 1 3  ? 1.885  0.093  -1.454  1.00 0.00 ? 3  GHP A C2   1 
HETATM 32   C  C3   . GHP A 1 3  ? 1.512  -0.397 -2.703  1.00 0.00 ? 3  GHP A C3   1 
HETATM 33   C  C4   . GHP A 1 3  ? 1.899  -1.676 -3.087  1.00 0.00 ? 3  GHP A C4   1 
HETATM 34   O  O4   . GHP A 1 3  ? 1.462  -2.206 -4.268  1.00 0.00 ? 3  GHP A O4   1 
HETATM 35   C  C5   . GHP A 1 3  ? 2.690  -2.452 -2.247  1.00 0.00 ? 3  GHP A C5   1 
HETATM 36   C  C6   . GHP A 1 3  ? 3.057  -1.966 -0.996  1.00 0.00 ? 3  GHP A C6   1 
HETATM 37   H  H    . GHP A 1 3  ? 3.713  -1.797 2.149   1.00 0.00 ? 3  GHP A H    1 
HETATM 38   H  HA   . GHP A 1 3  ? 1.971  0.458  1.111   1.00 0.00 ? 3  GHP A HA   1 
HETATM 39   H  HC2  . GHP A 1 3  ? 1.565  1.086  -1.169  1.00 0.00 ? 3  GHP A HC2  1 
HETATM 40   H  HO4  . GHP A 1 3  ? 1.808  -3.099 -4.348  1.00 0.00 ? 3  GHP A HO4  1 
HETATM 41   H  H5   . GHP A 1 3  ? 2.995  -3.443 -2.543  1.00 0.00 ? 3  GHP A H5   1 
HETATM 42   H  H6   . GHP A 1 3  ? 3.638  -2.600 -0.342  1.00 0.00 ? 3  GHP A H6   1 
HETATM 43   N  N    . ORD A 1 4  ? 3.927  1.910  1.520   1.00 0.00 ? 4  ORD A N    1 
HETATM 44   C  CA   . ORD A 1 4  ? 4.976  2.962  1.598   1.00 0.00 ? 4  ORD A CA   1 
HETATM 45   C  CB   . ORD A 1 4  ? 4.399  3.997  2.609   1.00 0.00 ? 4  ORD A CB   1 
HETATM 46   C  CG   . ORD A 1 4  ? 5.375  5.106  3.060   1.00 0.00 ? 4  ORD A CG   1 
HETATM 47   C  CD   . ORD A 1 4  ? 4.704  6.104  4.019   1.00 0.00 ? 4  ORD A CD   1 
HETATM 48   N  NE   . ORD A 1 4  ? 5.692  7.117  4.448   1.00 0.00 ? 4  ORD A NE   1 
HETATM 49   O  O    . ORD A 1 4  ? 6.501  3.717  -0.153  1.00 0.00 ? 4  ORD A O    1 
HETATM 50   C  C    . ORD A 1 4  ? 5.331  3.603  0.215   1.00 0.00 ? 4  ORD A C    1 
HETATM 51   H  H    . ORD A 1 4  ? 2.930  2.167  1.630   1.00 0.00 ? 4  ORD A H    1 
HETATM 52   H  HA   . ORD A 1 4  ? 5.903  2.518  2.013   1.00 0.00 ? 4  ORD A HA   1 
HETATM 53   H  HB2  . ORD A 1 4  ? 3.485  4.453  2.173   1.00 0.00 ? 4  ORD A HB2  1 
HETATM 54   H  HB3  . ORD A 1 4  ? 4.029  3.476  3.507   1.00 0.00 ? 4  ORD A HB3  1 
HETATM 55   H  HG2  . ORD A 1 4  ? 6.256  4.634  3.540   1.00 0.00 ? 4  ORD A HG2  1 
HETATM 56   H  HG3  . ORD A 1 4  ? 5.767  5.637  2.169   1.00 0.00 ? 4  ORD A HG3  1 
HETATM 57   H  HD2  . ORD A 1 4  ? 4.287  5.573  4.902   1.00 0.00 ? 4  ORD A HD2  1 
HETATM 58   H  HD3  . ORD A 1 4  ? 3.836  6.592  3.526   1.00 0.00 ? 4  ORD A HD3  1 
HETATM 59   H  HE1  . ORD A 1 4  ? 5.313  7.778  5.137   1.00 0.00 ? 4  ORD A HE1  1 
HETATM 60   H  HE2  . ORD A 1 4  ? 6.040  7.673  3.657   1.00 0.00 ? 4  ORD A HE2  1 
HETATM 61   H  HE3  . ORD A 1 4  ? 6.516  6.681  4.877   1.00 0.00 ? 4  ORD A HE3  1 
HETATM 62   N  N    . 2TL A 1 5  ? 4.294  4.057  -0.502  1.00 0.00 ? 5  2TL A N    1 
HETATM 63   C  CA   . 2TL A 1 5  ? 4.391  4.598  -1.882  1.00 0.00 ? 5  2TL A CA   1 
HETATM 64   C  CB   . 2TL A 1 5  ? 4.155  6.140  -1.856  1.00 0.00 ? 5  2TL A CB   1 
HETATM 65   O  OG1  . 2TL A 1 5  ? 4.055  6.654  -3.179  1.00 0.00 ? 5  2TL A OG1  1 
HETATM 66   C  CG2  . 2TL A 1 5  ? 5.268  6.960  -1.188  1.00 0.00 ? 5  2TL A CG2  1 
HETATM 67   C  C    . 2TL A 1 5  ? 3.311  3.866  -2.741  1.00 0.00 ? 5  2TL A C    1 
HETATM 68   O  O    . 2TL A 1 5  ? 2.227  3.517  -2.255  1.00 0.00 ? 5  2TL A O    1 
HETATM 69   H  H    . 2TL A 1 5  ? 3.400  3.723  -0.129  1.00 0.00 ? 5  2TL A H    1 
HETATM 70   H  HA   . 2TL A 1 5  ? 5.393  4.395  -2.313  1.00 0.00 ? 5  2TL A HA   1 
HETATM 71   H  HB   . 2TL A 1 5  ? 3.204  6.335  -1.323  1.00 0.00 ? 5  2TL A HB   1 
HETATM 72   H  HG1  . 2TL A 1 5  ? 4.246  7.593  -3.113  1.00 0.00 ? 5  2TL A HG1  1 
HETATM 73   H  HG21 . 2TL A 1 5  ? 6.245  6.814  -1.686  1.00 0.00 ? 5  2TL A HG21 1 
HETATM 74   H  HG22 . 2TL A 1 5  ? 5.047  8.045  -1.194  1.00 0.00 ? 5  2TL A HG22 1 
HETATM 75   H  HG23 . 2TL A 1 5  ? 5.401  6.672  -0.130  1.00 0.00 ? 5  2TL A HG23 1 
HETATM 76   N  N    . D4P A 1 6  ? 3.601  3.677  -4.035  1.00 0.00 ? 6  D4P A N    1 
HETATM 77   C  CA   . D4P A 1 6  ? 2.602  3.197  -5.038  1.00 0.00 ? 6  D4P A CA   1 
HETATM 78   C  C    . D4P A 1 6  ? 2.871  1.753  -5.571  1.00 0.00 ? 6  D4P A C    1 
HETATM 79   O  O    . D4P A 1 6  ? 4.011  1.279  -5.604  1.00 0.00 ? 6  D4P A O    1 
HETATM 80   C  C1   . D4P A 1 6  ? 2.440  4.164  -6.246  1.00 0.00 ? 6  D4P A C1   1 
HETATM 81   C  C2   . D4P A 1 6  ? 3.538  4.656  -6.974  1.00 0.00 ? 6  D4P A C2   1 
HETATM 82   C  C3   . D4P A 1 6  ? 3.342  5.495  -8.069  1.00 0.00 ? 6  D4P A C3   1 
HETATM 83   C  C4   . D4P A 1 6  ? 2.050  5.833  -8.458  1.00 0.00 ? 6  D4P A C4   1 
HETATM 84   O  O4   . D4P A 1 6  ? 1.847  6.650  -9.535  1.00 0.00 ? 6  D4P A O4   1 
HETATM 85   C  C5   . D4P A 1 6  ? 0.958  5.333  -7.762  1.00 0.00 ? 6  D4P A C5   1 
HETATM 86   C  C6   . D4P A 1 6  ? 1.147  4.508  -6.665  1.00 0.00 ? 6  D4P A C6   1 
HETATM 87   H  H    . D4P A 1 6  ? 4.487  4.102  -4.323  1.00 0.00 ? 6  D4P A H    1 
HETATM 88   H  HA   . D4P A 1 6  ? 1.625  3.150  -4.523  1.00 0.00 ? 6  D4P A HA   1 
HETATM 89   H  H4   . D4P A 1 6  ? 2.695  6.945  -9.873  1.00 0.00 ? 6  D4P A H4   1 
HETATM 90   H  H5   . D4P A 1 6  ? -0.041 5.578  -8.068  1.00 0.00 ? 6  D4P A H5   1 
HETATM 91   H  H6   . D4P A 1 6  ? 0.276  4.143  -6.143  1.00 0.00 ? 6  D4P A H6   1 
HETATM 92   N  N    . GHP A 1 7  ? 1.814  1.081  -6.077  1.00 0.00 ? 7  GHP A N    1 
HETATM 93   C  CA   . GHP A 1 7  ? 1.965  -0.143 -6.920  1.00 0.00 ? 7  GHP A CA   1 
HETATM 94   C  C    . GHP A 1 7  ? 0.606  -0.854 -7.216  1.00 0.00 ? 7  GHP A C    1 
HETATM 95   O  O    . GHP A 1 7  ? -0.410 -0.226 -7.525  1.00 0.00 ? 7  GHP A O    1 
HETATM 96   C  C1   . GHP A 1 7  ? 2.743  0.051  -8.257  1.00 0.00 ? 7  GHP A C1   1 
HETATM 97   C  C2   . GHP A 1 7  ? 2.350  1.002  -9.215  1.00 0.00 ? 7  GHP A C2   1 
HETATM 98   C  C3   . GHP A 1 7  ? 3.082  1.164  -10.389 1.00 0.00 ? 7  GHP A C3   1 
HETATM 99   C  C4   . GHP A 1 7  ? 4.212  0.386  -10.616 1.00 0.00 ? 7  GHP A C4   1 
HETATM 100  O  O4   . GHP A 1 7  ? 4.932  0.557  -11.769 1.00 0.00 ? 7  GHP A O4   1 
HETATM 101  C  C5   . GHP A 1 7  ? 4.615  -0.557 -9.676  1.00 0.00 ? 7  GHP A C5   1 
HETATM 102  C  C6   . GHP A 1 7  ? 3.884  -0.724 -8.502  1.00 0.00 ? 7  GHP A C6   1 
HETATM 103  H  H    . GHP A 1 7  ? 0.900  1.520  -5.889  1.00 0.00 ? 7  GHP A H    1 
HETATM 104  H  HA   . GHP A 1 7  ? 2.536  -0.846 -6.278  1.00 0.00 ? 7  GHP A HA   1 
HETATM 105  H  HC2  . GHP A 1 7  ? 1.479  1.619  -9.042  1.00 0.00 ? 7  GHP A HC2  1 
HETATM 106  H  HO4  . GHP A 1 7  ? 5.683  -0.038 -11.755 1.00 0.00 ? 7  GHP A HO4  1 
HETATM 107  H  H5   . GHP A 1 7  ? 5.495  -1.160 -9.846  1.00 0.00 ? 7  GHP A H5   1 
HETATM 108  H  H6   . GHP A 1 7  ? 4.222  -1.450 -7.777  1.00 0.00 ? 7  GHP A H6   1 
HETATM 109  N  N    . ALO A 1 8  ? 0.623  -2.196 -7.128  1.00 0.00 ? 8  ALO A N    1 
HETATM 110  C  CA   . ALO A 1 8  ? -0.562 -3.088 -7.307  1.00 0.00 ? 8  ALO A CA   1 
HETATM 111  C  CB   . ALO A 1 8  ? -0.033 -4.551 -7.106  1.00 0.00 ? 8  ALO A CB   1 
HETATM 112  C  CG2  . ALO A 1 8  ? -1.045 -5.671 -7.387  1.00 0.00 ? 8  ALO A CG2  1 
HETATM 113  O  OG1  . ALO A 1 8  ? 0.430  -4.765 -5.773  1.00 0.00 ? 8  ALO A OG1  1 
HETATM 114  C  C    . ALO A 1 8  ? -1.829 -2.753 -6.452  1.00 0.00 ? 8  ALO A C    1 
HETATM 115  O  O    . ALO A 1 8  ? -2.920 -2.568 -6.998  1.00 0.00 ? 8  ALO A O    1 
HETATM 116  H  H    . ALO A 1 8  ? 1.519  -2.581 -6.816  1.00 0.00 ? 8  ALO A H    1 
HETATM 117  H  HA   . ALO A 1 8  ? -0.879 -2.988 -8.361  1.00 0.00 ? 8  ALO A HA   1 
HETATM 118  H  HB   . ALO A 1 8  ? 0.821  -4.712 -7.793  1.00 0.00 ? 8  ALO A HB   1 
HETATM 119  H  HG21 . ALO A 1 8  ? -1.439 -5.610 -8.419  1.00 0.00 ? 8  ALO A HG21 1 
HETATM 120  H  HG22 . ALO A 1 8  ? -0.582 -6.670 -7.283  1.00 0.00 ? 8  ALO A HG22 1 
HETATM 121  H  HG23 . ALO A 1 8  ? -1.916 -5.638 -6.707  1.00 0.00 ? 8  ALO A HG23 1 
HETATM 122  H  HG1  . ALO A 1 8  ? -0.227 -5.342 -5.368  1.00 0.00 ? 8  ALO A HG1  1 
ATOM   123  N  N    . PHE A 1 9  ? -1.667 -2.671 -5.124  1.00 0.00 ? 9  PHE A N    1 
ATOM   124  C  CA   . PHE A 1 9  ? -2.775 -2.356 -4.176  1.00 0.00 ? 9  PHE A CA   1 
ATOM   125  C  C    . PHE A 1 9  ? -3.294 -0.878 -4.195  1.00 0.00 ? 9  PHE A C    1 
ATOM   126  O  O    . PHE A 1 9  ? -4.478 -0.644 -3.947  1.00 0.00 ? 9  PHE A O    1 
ATOM   127  C  CB   . PHE A 1 9  ? -2.309 -2.753 -2.751  1.00 0.00 ? 9  PHE A CB   1 
ATOM   128  C  CG   . PHE A 1 9  ? -1.976 -4.237 -2.512  1.00 0.00 ? 9  PHE A CG   1 
ATOM   129  C  CD1  . PHE A 1 9  ? -2.999 -5.176 -2.347  1.00 0.00 ? 9  PHE A CD1  1 
ATOM   130  C  CD2  . PHE A 1 9  ? -0.643 -4.652 -2.420  1.00 0.00 ? 9  PHE A CD2  1 
ATOM   131  C  CE1  . PHE A 1 9  ? -2.691 -6.511 -2.092  1.00 0.00 ? 9  PHE A CE1  1 
ATOM   132  C  CE2  . PHE A 1 9  ? -0.337 -5.987 -2.165  1.00 0.00 ? 9  PHE A CE2  1 
ATOM   133  C  CZ   . PHE A 1 9  ? -1.362 -6.914 -2.000  1.00 0.00 ? 9  PHE A CZ   1 
ATOM   134  H  H    . PHE A 1 9  ? -0.694 -2.791 -4.818  1.00 0.00 ? 9  PHE A H    1 
ATOM   135  H  HA   . PHE A 1 9  ? -3.649 -2.989 -4.430  1.00 0.00 ? 9  PHE A HA   1 
ATOM   136  H  HB2  . PHE A 1 9  ? -1.453 -2.119 -2.450  1.00 0.00 ? 9  PHE A HB2  1 
ATOM   137  H  HB3  . PHE A 1 9  ? -3.097 -2.465 -2.035  1.00 0.00 ? 9  PHE A HB3  1 
ATOM   138  H  HD1  . PHE A 1 9  ? -4.034 -4.872 -2.403  1.00 0.00 ? 9  PHE A HD1  1 
ATOM   139  H  HD2  . PHE A 1 9  ? 0.160  -3.935 -2.508  1.00 0.00 ? 9  PHE A HD2  1 
ATOM   140  H  HE1  . PHE A 1 9  ? -3.482 -7.233 -1.954  1.00 0.00 ? 9  PHE A HE1  1 
ATOM   141  H  HE2  . PHE A 1 9  ? 0.694  -6.297 -2.070  1.00 0.00 ? 9  PHE A HE2  1 
ATOM   142  H  HZ   . PHE A 1 9  ? -1.125 -7.944 -1.782  1.00 0.00 ? 9  PHE A HZ   1 
HETATM 143  N  N    . ORD A 1 10 ? -2.424 0.097  -4.506  1.00 0.00 ? 10 ORD A N    1 
HETATM 144  C  CA   . ORD A 1 10 ? -2.815 1.509  -4.732  1.00 0.00 ? 10 ORD A CA   1 
HETATM 145  C  CB   . ORD A 1 10 ? -3.014 1.795  -6.248  1.00 0.00 ? 10 ORD A CB   1 
HETATM 146  C  CG   . ORD A 1 10 ? -4.157 1.036  -6.961  1.00 0.00 ? 10 ORD A CG   1 
HETATM 147  C  CD   . ORD A 1 10 ? -4.210 1.343  -8.467  1.00 0.00 ? 10 ORD A CD   1 
HETATM 148  N  NE   . ORD A 1 10 ? -5.241 0.496  -9.106  1.00 0.00 ? 10 ORD A NE   1 
HETATM 149  O  O    . ORD A 1 10 ? -0.525 2.262  -4.709  1.00 0.00 ? 10 ORD A O    1 
HETATM 150  C  C    . ORD A 1 10 ? -1.654 2.405  -4.231  1.00 0.00 ? 10 ORD A C    1 
HETATM 151  H  H    . ORD A 1 10 ? -1.528 -0.269 -4.853  1.00 0.00 ? 10 ORD A H    1 
HETATM 152  H  HA   . ORD A 1 10 ? -3.749 1.753  -4.185  1.00 0.00 ? 10 ORD A HA   1 
HETATM 153  H  HB2  . ORD A 1 10 ? -3.146 2.887  -6.375  1.00 0.00 ? 10 ORD A HB2  1 
HETATM 154  H  HB3  . ORD A 1 10 ? -2.065 1.581  -6.773  1.00 0.00 ? 10 ORD A HB3  1 
HETATM 155  H  HG2  . ORD A 1 10 ? -4.007 -0.052 -6.814  1.00 0.00 ? 10 ORD A HG2  1 
HETATM 156  H  HG3  . ORD A 1 10 ? -5.123 1.276  -6.473  1.00 0.00 ? 10 ORD A HG3  1 
HETATM 157  H  HD2  . ORD A 1 10 ? -4.423 2.418  -8.636  1.00 0.00 ? 10 ORD A HD2  1 
HETATM 158  H  HD3  . ORD A 1 10 ? -3.221 1.153  -8.931  1.00 0.00 ? 10 ORD A HD3  1 
HETATM 159  H  HE1  . ORD A 1 10 ? -5.032 -0.502 -8.977  1.00 0.00 ? 10 ORD A HE1  1 
HETATM 160  H  HE2  . ORD A 1 10 ? -6.171 0.649  -8.700  1.00 0.00 ? 10 ORD A HE2  1 
HETATM 161  H  HE3  . ORD A 1 10 ? -5.318 0.656  -10.117 1.00 0.00 ? 10 ORD A HE3  1 
HETATM 162  N  N    . D4P A 1 11 ? -1.929 3.363  -3.333  1.00 0.00 ? 11 D4P A N    1 
HETATM 163  C  CA   . D4P A 1 11 ? -0.936 4.407  -2.944  1.00 0.00 ? 11 D4P A CA   1 
HETATM 164  C  C    . D4P A 1 11 ? -1.094 4.753  -1.433  1.00 0.00 ? 11 D4P A C    1 
HETATM 165  O  O    . D4P A 1 11 ? -2.146 5.224  -0.994  1.00 0.00 ? 11 D4P A O    1 
HETATM 166  C  C1   . D4P A 1 11 ? -0.846 5.706  -3.805  1.00 0.00 ? 11 D4P A C1   1 
HETATM 167  C  C2   . D4P A 1 11 ? 0.358  6.427  -3.796  1.00 0.00 ? 11 D4P A C2   1 
HETATM 168  C  C3   . D4P A 1 11 ? 0.514  7.555  -4.592  1.00 0.00 ? 11 D4P A C3   1 
HETATM 169  C  C4   . D4P A 1 11 ? -0.526 7.995  -5.403  1.00 0.00 ? 11 D4P A C4   1 
HETATM 170  O  O4   . D4P A 1 11 ? -0.253 9.116  -6.181  1.00 0.00 ? 11 D4P A O4   1 
HETATM 171  C  C5   . D4P A 1 11 ? -1.727 7.274  -5.436  1.00 0.00 ? 11 D4P A C5   1 
HETATM 172  C  C6   . D4P A 1 11 ? -1.889 6.149  -4.635  1.00 0.00 ? 11 D4P A C6   1 
HETATM 173  H  H    . D4P A 1 11 ? -2.863 3.331  -2.920  1.00 0.00 ? 11 D4P A H    1 
HETATM 174  H  HA   . D4P A 1 11 ? 0.051  3.931  -3.069  1.00 0.00 ? 11 D4P A HA   1 
HETATM 175  H  H1   . D4P A 1 11 ? 1.190  6.108  -3.183  1.00 0.00 ? 11 D4P A H1   1 
HETATM 176  H  H3   . D4P A 1 11 ? 1.450  8.095  -4.581  1.00 0.00 ? 11 D4P A H3   1 
HETATM 177  H  H5   . D4P A 1 11 ? -2.531 7.577  -6.092  1.00 0.00 ? 11 D4P A H5   1 
HETATM 178  H  H6   . D4P A 1 11 ? -2.824 5.607  -4.673  1.00 0.00 ? 11 D4P A H6   1 
HETATM 179  N  N    . 2TL A 1 12 ? -0.026 4.526  -0.652  1.00 0.00 ? 12 2TL A N    1 
HETATM 180  C  CA   . 2TL A 1 12 ? 0.030  4.897  0.794   1.00 0.00 ? 12 2TL A CA   1 
HETATM 181  C  CB   . 2TL A 1 12 ? 1.093  6.015  1.038   1.00 0.00 ? 12 2TL A CB   1 
HETATM 182  O  OG1  . 2TL A 1 12 ? 1.230  6.289  2.427   1.00 0.00 ? 12 2TL A OG1  1 
HETATM 183  C  CG2  . 2TL A 1 12 ? 0.764  7.367  0.388   1.00 0.00 ? 12 2TL A CG2  1 
HETATM 184  C  C    . 2TL A 1 12 ? 0.343  3.621  1.632   1.00 0.00 ? 12 2TL A C    1 
HETATM 185  O  O    . 2TL A 1 12 ? 1.355  2.952  1.412   1.00 0.00 ? 12 2TL A O    1 
HETATM 186  H  H    . 2TL A 1 12 ? 0.750  4.043  -1.132  1.00 0.00 ? 12 2TL A H    1 
HETATM 187  H  HA   . 2TL A 1 12 ? -0.946 5.307  1.124   1.00 0.00 ? 12 2TL A HA   1 
HETATM 188  H  HB   . 2TL A 1 12 ? 2.073  5.671  0.657   1.00 0.00 ? 12 2TL A HB   1 
HETATM 189  H  HG1  . 2TL A 1 12 ? 0.534  6.917  2.637   1.00 0.00 ? 12 2TL A HG1  1 
HETATM 190  H  HG21 . 2TL A 1 12 ? -0.220 7.761  0.703   1.00 0.00 ? 12 2TL A HG21 1 
HETATM 191  H  HG22 . 2TL A 1 12 ? 1.522  8.133  0.637   1.00 0.00 ? 12 2TL A HG22 1 
HETATM 192  H  HG23 . 2TL A 1 12 ? 0.740  7.297  -0.716  1.00 0.00 ? 12 2TL A HG23 1 
HETATM 193  N  N    . D4P A 1 13 ? -0.520 3.295  2.605   1.00 0.00 ? 13 D4P A N    1 
HETATM 194  C  CA   . D4P A 1 13 ? -0.332 2.117  3.504   1.00 0.00 ? 13 D4P A CA   1 
HETATM 195  C  C    . D4P A 1 13 ? -1.718 1.649  4.045   1.00 0.00 ? 13 D4P A C    1 
HETATM 196  O  O    . D4P A 1 13 ? -2.480 2.473  4.564   1.00 0.00 ? 13 D4P A O    1 
HETATM 197  C  C1   . D4P A 1 13 ? 0.724  2.312  4.632   1.00 0.00 ? 13 D4P A C1   1 
HETATM 198  C  C2   . D4P A 1 13 ? 0.525  3.199  5.703   1.00 0.00 ? 13 D4P A C2   1 
HETATM 199  C  C3   . D4P A 1 13 ? 1.500  3.351  6.687   1.00 0.00 ? 13 D4P A C3   1 
HETATM 200  C  C4   . D4P A 1 13 ? 2.685  2.626  6.610   1.00 0.00 ? 13 D4P A C4   1 
HETATM 201  O  O4   . D4P A 1 13 ? 3.630  2.761  7.589   1.00 0.00 ? 13 D4P A O4   1 
HETATM 202  C  C5   . D4P A 1 13 ? 2.903  1.754  5.549   1.00 0.00 ? 13 D4P A C5   1 
HETATM 203  C  C6   . D4P A 1 13 ? 1.933  1.608  4.562   1.00 0.00 ? 13 D4P A C6   1 
HETATM 204  H  H    . D4P A 1 13 ? -1.389 3.841  2.610   1.00 0.00 ? 13 D4P A H    1 
HETATM 205  H  HA   . D4P A 1 13 ? 0.009  1.292  2.855   1.00 0.00 ? 13 D4P A HA   1 
HETATM 206  H  H4   . D4P A 1 13 ? 4.295  2.078  7.476   1.00 0.00 ? 13 D4P A H4   1 
HETATM 207  H  H5   . D4P A 1 13 ? 3.818  1.184  5.482   1.00 0.00 ? 13 D4P A H5   1 
HETATM 208  H  H6   . D4P A 1 13 ? 2.138  0.949  3.736   1.00 0.00 ? 13 D4P A H6   1 
ATOM   209  N  N    . GLY A 1 14 ? -2.077 0.360  3.876   1.00 0.00 ? 14 GLY A N    1 
ATOM   210  C  CA   . GLY A 1 14 ? -3.507 -0.048 4.002   1.00 0.00 ? 14 GLY A CA   1 
ATOM   211  C  C    . GLY A 1 14 ? -3.880 -1.502 4.319   1.00 0.00 ? 14 GLY A C    1 
ATOM   212  O  O    . GLY A 1 14 ? -4.735 -2.085 3.655   1.00 0.00 ? 14 GLY A O    1 
ATOM   213  H  H    . GLY A 1 14 ? -1.334 -0.247 3.503   1.00 0.00 ? 14 GLY A H    1 
ATOM   214  H  HA2  . GLY A 1 14 ? -4.011 0.564  4.768   1.00 0.00 ? 14 GLY A HA2  1 
ATOM   215  H  HA3  . GLY A 1 14 ? -4.014 0.216  3.061   1.00 0.00 ? 14 GLY A HA3  1 
ATOM   216  N  N    . LEU A 1 15 ? -3.328 -2.028 5.413   1.00 0.00 ? 15 LEU A N    1 
ATOM   217  C  CA   . LEU A 1 15 ? -3.870 -3.217 6.141   1.00 0.00 ? 15 LEU A CA   1 
ATOM   218  C  C    . LEU A 1 15 ? -3.974 -4.535 5.301   1.00 0.00 ? 15 LEU A C    1 
ATOM   219  O  O    . LEU A 1 15 ? -5.033 -4.910 4.792   1.00 0.00 ? 15 LEU A O    1 
ATOM   220  C  CB   . LEU A 1 15 ? -5.164 -2.890 6.951   1.00 0.00 ? 15 LEU A CB   1 
ATOM   221  C  CG   . LEU A 1 15 ? -5.118 -1.856 8.114   1.00 0.00 ? 15 LEU A CG   1 
ATOM   222  C  CD1  . LEU A 1 15 ? -3.932 -2.048 9.078   1.00 0.00 ? 15 LEU A CD1  1 
ATOM   223  C  CD2  . LEU A 1 15 ? -5.188 -0.400 7.622   1.00 0.00 ? 15 LEU A CD2  1 
ATOM   224  H  H    . LEU A 1 15 ? -2.768 -1.309 5.878   1.00 0.00 ? 15 LEU A H    1 
ATOM   225  H  HA   . LEU A 1 15 ? -3.112 -3.439 6.913   1.00 0.00 ? 15 LEU A HA   1 
ATOM   226  H  HB2  . LEU A 1 15 ? -5.968 -2.614 6.241   1.00 0.00 ? 15 LEU A HB2  1 
ATOM   227  H  HB3  . LEU A 1 15 ? -5.525 -3.839 7.392   1.00 0.00 ? 15 LEU A HB3  1 
ATOM   228  H  HG   . LEU A 1 15 ? -6.039 -2.018 8.708   1.00 0.00 ? 15 LEU A HG   1 
ATOM   229  H  HD11 . LEU A 1 15 ? -3.883 -3.081 9.471   1.00 0.00 ? 15 LEU A HD11 1 
ATOM   230  H  HD12 . LEU A 1 15 ? -2.961 -1.831 8.598   1.00 0.00 ? 15 LEU A HD12 1 
ATOM   231  H  HD13 . LEU A 1 15 ? -4.012 -1.378 9.955   1.00 0.00 ? 15 LEU A HD13 1 
ATOM   232  H  HD21 . LEU A 1 15 ? -6.071 -0.230 6.979   1.00 0.00 ? 15 LEU A HD21 1 
ATOM   233  H  HD22 . LEU A 1 15 ? -5.266 0.312  8.464   1.00 0.00 ? 15 LEU A HD22 1 
ATOM   234  H  HD23 . LEU A 1 15 ? -4.306 -0.099 7.038   1.00 0.00 ? 15 LEU A HD23 1 
HETATM 235  N  N    . DAL A 1 16 ? -2.831 -5.214 5.145   1.00 0.00 ? 16 DAL A N    1 
HETATM 236  C  CA   . DAL A 1 16 ? -2.655 -6.303 4.148   1.00 0.00 ? 16 DAL A CA   1 
HETATM 237  C  CB   . DAL A 1 16 ? -1.565 -7.196 4.779   1.00 0.00 ? 16 DAL A CB   1 
HETATM 238  C  C    . DAL A 1 16 ? -2.262 -5.860 2.695   1.00 0.00 ? 16 DAL A C    1 
HETATM 239  O  O    . DAL A 1 16 ? -2.026 -6.709 1.832   1.00 0.00 ? 16 DAL A O    1 
HETATM 240  H  H    . DAL A 1 16 ? -2.018 -4.790 5.625   1.00 0.00 ? 16 DAL A H    1 
HETATM 241  H  HA   . DAL A 1 16 ? -3.589 -6.891 4.055   1.00 0.00 ? 16 DAL A HA   1 
HETATM 242  H  HB1  . DAL A 1 16 ? -1.861 -7.579 5.775   1.00 0.00 ? 16 DAL A HB1  1 
HETATM 243  H  HB2  . DAL A 1 16 ? -1.360 -8.084 4.152   1.00 0.00 ? 16 DAL A HB2  1 
HETATM 244  H  HB3  . DAL A 1 16 ? -0.601 -6.665 4.906   1.00 0.00 ? 16 DAL A HB3  1 
HETATM 245  N  N    . CHP A 1 17 ? -2.147 -4.546 2.426   1.00 0.00 ? 17 CHP A N    1 
HETATM 246  C  CA   . CHP A 1 17 ? -1.500 -3.996 1.198   1.00 0.00 ? 17 CHP A CA   1 
HETATM 247  C  C    . CHP A 1 17 ? 0.068  -4.067 1.322   1.00 0.00 ? 17 CHP A C    1 
HETATM 248  O  O    . CHP A 1 17 ? 0.816  -3.922 0.353   1.00 0.00 ? 17 CHP A O    1 
HETATM 249  C  C1   . CHP A 1 17 ? -2.118 -2.602 0.807   1.00 0.00 ? 17 CHP A C1   1 
HETATM 250  C  C2   . CHP A 1 17 ? -1.357 -1.490 0.408   1.00 0.00 ? 17 CHP A C2   1 
HETATM 251  C  C3   . CHP A 1 17 ? -1.966 -0.272 0.112   1.00 0.00 ? 17 CHP A C3   1 
HETATM 252  CL CL3  . CHP A 1 17 ? -1.000 1.126  -0.341  1.00 0.00 ? 17 CHP A CL3  1 
HETATM 253  C  C4   . CHP A 1 17 ? -3.348 -0.147 0.203   1.00 0.00 ? 17 CHP A C4   1 
HETATM 254  O  O4   . CHP A 1 17 ? -3.951 1.063  -0.027  1.00 0.00 ? 17 CHP A O4   1 
HETATM 255  C  C5   . CHP A 1 17 ? -4.121 -1.235 0.578   1.00 0.00 ? 17 CHP A C5   1 
HETATM 256  C  C6   . CHP A 1 17 ? -3.518 -2.456 0.847   1.00 0.00 ? 17 CHP A C6   1 
HETATM 257  H  H    . CHP A 1 17 ? -2.353 -3.936 3.228   1.00 0.00 ? 17 CHP A H    1 
HETATM 258  H  HA   . CHP A 1 17 ? -1.747 -4.665 0.354   1.00 0.00 ? 17 CHP A HA   1 
HETATM 259  H  HC2  . CHP A 1 17 ? -0.285 -1.561 0.350   1.00 0.00 ? 17 CHP A HC2  1 
HETATM 260  H  HO4  . CHP A 1 17 ? -3.271 1.716  -0.212  1.00 0.00 ? 17 CHP A HO4  1 
HETATM 261  H  H5   . CHP A 1 17 ? -5.179 -1.122 0.750   1.00 0.00 ? 17 CHP A H5   1 
HETATM 262  H  H6   . CHP A 1 17 ? -4.137 -3.274 1.191   1.00 0.00 ? 17 CHP A H6   1 
HETATM 263  C  C1   . MAN B 2 .  ? -1.234 10.154 -6.432  1.00 0.00 ? 1  MAN B C1   1 
HETATM 264  C  C2   . MAN B 2 .  ? -1.365 10.368 -7.959  1.00 0.00 ? 1  MAN B C2   1 
HETATM 265  C  C3   . MAN B 2 .  ? -2.263 11.591 -8.260  1.00 0.00 ? 1  MAN B C3   1 
HETATM 266  C  C4   . MAN B 2 .  ? -1.824 12.864 -7.495  1.00 0.00 ? 1  MAN B C4   1 
HETATM 267  C  C5   . MAN B 2 .  ? -1.557 12.605 -5.977  1.00 0.00 ? 1  MAN B C5   1 
HETATM 268  C  C6   . MAN B 2 .  ? -2.802 12.589 -5.061  1.00 0.00 ? 1  MAN B C6   1 
HETATM 269  O  O2   . MAN B 2 .  ? -1.974 9.196  -8.577  1.00 0.00 ? 1  MAN B O2   1 
HETATM 270  O  O3   . MAN B 2 .  ? -3.606 11.268 -7.914  1.00 0.00 ? 1  MAN B O3   1 
HETATM 271  O  O4   . MAN B 2 .  ? -0.628 13.366 -8.091  1.00 0.00 ? 1  MAN B O4   1 
HETATM 272  O  O5   . MAN B 2 .  ? -0.778 11.379 -5.781  1.00 0.00 ? 1  MAN B O5   1 
HETATM 273  O  O6   . MAN B 2 .  ? -3.503 13.831 -5.102  1.00 0.00 ? 1  MAN B O6   1 
HETATM 274  H  H2   . MAN B 2 .  ? -0.349 10.571 -8.360  1.00 0.00 ? 1  MAN B H2   1 
HETATM 275  H  H4   . MAN B 2 .  ? -2.606 13.637 -7.609  1.00 0.00 ? 1  MAN B H4   1 
HETATM 276  H  H5   . MAN B 2 .  ? -0.931 13.444 -5.615  1.00 0.00 ? 1  MAN B H5   1 
HETATM 277  H  H61  . MAN B 2 .  ? -2.480 12.395 -4.020  1.00 0.00 ? 1  MAN B H61  1 
HETATM 278  H  H62  . MAN B 2 .  ? -3.485 11.760 -5.321  1.00 0.00 ? 1  MAN B H62  1 
HETATM 279  H  HO3  . MAN B 2 .  ? -3.669 10.316 -8.043  1.00 0.00 ? 1  MAN B HO3  1 
HETATM 280  H  HO4  . MAN B 2 .  ? -0.820 13.526 -9.019  1.00 0.00 ? 1  MAN B HO4  1 
HETATM 281  H  HO6  . MAN B 2 .  ? -4.021 13.835 -5.912  1.00 0.00 ? 1  MAN B HO6  1 
HETATM 282  C  C1   . MAN B 2 .  ? -1.104 8.319  -9.336  1.00 0.00 ? 2  MAN B C1   1 
HETATM 283  C  C2   . MAN B 2 .  ? -1.037 8.766  -10.823 1.00 0.00 ? 2  MAN B C2   1 
HETATM 284  C  C3   . MAN B 2 .  ? -2.283 8.318  -11.623 1.00 0.00 ? 2  MAN B C3   1 
HETATM 285  C  C4   . MAN B 2 .  ? -2.617 6.824  -11.419 1.00 0.00 ? 2  MAN B C4   1 
HETATM 286  C  C5   . MAN B 2 .  ? -2.754 6.493  -9.909  1.00 0.00 ? 2  MAN B C5   1 
HETATM 287  C  C6   . MAN B 2 .  ? -2.873 4.981  -9.643  1.00 0.00 ? 2  MAN B C6   1 
HETATM 288  O  O2   . MAN B 2 .  ? 0.133  8.235  -11.440 1.00 0.00 ? 2  MAN B O2   1 
HETATM 289  O  O3   . MAN B 2 .  ? -2.068 8.556  -13.012 1.00 0.00 ? 2  MAN B O3   1 
HETATM 290  O  O4   . MAN B 2 .  ? -3.822 6.546  -12.120 1.00 0.00 ? 2  MAN B O4   1 
HETATM 291  O  O5   . MAN B 2 .  ? -1.573 6.946  -9.188  1.00 0.00 ? 2  MAN B O5   1 
HETATM 292  O  O6   . MAN B 2 .  ? -2.884 4.743  -8.238  1.00 0.00 ? 2  MAN B O6   1 
HETATM 293  H  H1   . MAN B 2 .  ? -0.079 8.344  -8.914  1.00 0.00 ? 2  MAN B H1   1 
HETATM 294  H  H2   . MAN B 2 .  ? -0.963 9.869  -10.853 1.00 0.00 ? 2  MAN B H2   1 
HETATM 295  H  H3   . MAN B 2 .  ? -3.151 8.920  -11.287 1.00 0.00 ? 2  MAN B H3   1 
HETATM 296  H  H4   . MAN B 2 .  ? -1.800 6.209  -11.847 1.00 0.00 ? 2  MAN B H4   1 
HETATM 297  H  H5   . MAN B 2 .  ? -3.648 7.001  -9.498  1.00 0.00 ? 2  MAN B H5   1 
HETATM 298  H  H61  . MAN B 2 .  ? -2.017 4.444  -10.097 1.00 0.00 ? 2  MAN B H61  1 
HETATM 299  H  H62  . MAN B 2 .  ? -3.788 4.567  -10.108 1.00 0.00 ? 2  MAN B H62  1 
HETATM 300  H  HO2  . MAN B 2 .  ? -0.194 7.663  -12.141 1.00 0.00 ? 2  MAN B HO2  1 
HETATM 301  H  HO3  . MAN B 2 .  ? -1.754 9.463  -13.086 1.00 0.00 ? 2  MAN B HO3  1 
HETATM 302  H  HO4  . MAN B 2 .  ? -3.724 7.010  -12.959 1.00 0.00 ? 2  MAN B HO4  1 
HETATM 303  H  HO6  . MAN B 2 .  ? -2.255 5.381  -7.878  1.00 0.00 ? 2  MAN B HO6  1 
HETATM 304  C  C1   . FA7 C 3 .  ? -0.393 -3.914 7.874   1.00 0.00 ? 0  FA7 A C1   1 
HETATM 305  O  O    . FA7 C 3 .  ? -0.709 -4.312 6.751   1.00 0.00 ? 0  FA7 A O    1 
HETATM 306  C  C2   . FA7 C 3 .  ? -0.466 -4.818 9.092   1.00 0.00 ? 0  FA7 A C2   1 
HETATM 307  C  C3   . FA7 C 3 .  ? -1.350 -5.787 9.394   1.00 0.00 ? 0  FA7 A C3   1 
HETATM 308  C  C4   . FA7 C 3 .  ? -2.421 -6.148 8.673   1.00 0.00 ? 0  FA7 A C4   1 
HETATM 309  C  C5   . FA7 C 3 .  ? -3.261 -7.143 8.989   1.00 0.00 ? 0  FA7 A C5   1 
HETATM 310  C  C6   . FA7 C 3 .  ? -4.458 -7.499 8.132   1.00 0.00 ? 0  FA7 A C6   1 
HETATM 311  C  C7   . FA7 C 3 .  ? -5.743 -6.829 8.652   1.00 0.00 ? 0  FA7 A C7   1 
HETATM 312  C  C8   . FA7 C 3 .  ? -6.932 -7.048 7.707   1.00 0.00 ? 0  FA7 A C8   1 
HETATM 313  C  C9   . FA7 C 3 .  ? -6.083 -7.368 10.053  1.00 0.00 ? 0  FA7 A C9   1 
HETATM 314  H  H3   . FA7 C 3 .  ? -1.157 -6.323 10.326  1.00 0.00 ? 0  FA7 A H3   1 
HETATM 315  H  H4   . FA7 C 3 .  ? -2.639 -5.606 7.757   1.00 0.00 ? 0  FA7 A H4   1 
HETATM 316  H  H5   . FA7 C 3 .  ? -3.116 -7.720 9.905   1.00 0.00 ? 0  FA7 A H5   1 
HETATM 317  H  H61  . FA7 C 3 .  ? -4.281 -7.219 7.074   1.00 0.00 ? 0  FA7 A H61  1 
HETATM 318  H  H62  . FA7 C 3 .  ? -4.585 -8.598 8.117   1.00 0.00 ? 0  FA7 A H62  1 
HETATM 319  H  H7   . FA7 C 3 .  ? -5.626 -5.751 8.765   1.00 0.00 ? 0  FA7 A H7   1 
HETATM 320  H  H81  . FA7 C 3 .  ? -7.149 -8.123 7.558   1.00 0.00 ? 0  FA7 A H81  1 
HETATM 321  H  H82  . FA7 C 3 .  ? -6.749 -6.606 6.709   1.00 0.00 ? 0  FA7 A H82  1 
HETATM 322  H  H83  . FA7 C 3 .  ? -7.853 -6.582 8.103   1.00 0.00 ? 0  FA7 A H83  1 
HETATM 323  H  H91  . FA7 C 3 .  ? -6.993 -6.890 10.416  1.00 0.00 ? 0  FA7 A H91  1 
HETATM 324  H  H92  . FA7 C 3 .  ? -6.236 -8.447 10.001  1.00 0.00 ? 0  FA7 A H92  1 
HETATM 325  H  H93  . FA7 C 3 .  ? -5.262 -7.151 10.736  1.00 0.00 ? 0  FA7 A H93  1 
ATOM   326  N  N    . ASN A 1 1  ? -0.015 -2.681 8.102   1.00 0.00 ? 1  ASN A N    2 
ATOM   327  C  CA   . ASN A 1 1  ? 0.134  -1.661 7.025   1.00 0.00 ? 1  ASN A CA   2 
ATOM   328  C  C    . ASN A 1 1  ? 1.320  -1.969 6.058   1.00 0.00 ? 1  ASN A C    2 
ATOM   329  O  O    . ASN A 1 1  ? 2.488  -1.709 6.361   1.00 0.00 ? 1  ASN A O    2 
ATOM   330  C  CB   . ASN A 1 1  ? 0.299  -0.245 7.627   1.00 0.00 ? 1  ASN A CB   2 
ATOM   331  C  CG   . ASN A 1 1  ? -0.941 0.377  8.258   1.00 0.00 ? 1  ASN A CG   2 
ATOM   332  O  OD1  . ASN A 1 1  ? -1.891 0.729  7.571   1.00 0.00 ? 1  ASN A OD1  2 
ATOM   333  N  ND2  . ASN A 1 1  ? -0.974 0.559  9.554   1.00 0.00 ? 1  ASN A ND2  2 
ATOM   334  H  H2   . ASN A 1 1  ? 0.245  -4.768 9.766   1.00 0.00 ? 1  ASN A H2   2 
ATOM   335  H  HA   . ASN A 1 1  ? -0.803 -1.642 6.432   1.00 0.00 ? 1  ASN A HA   2 
ATOM   336  H  HB2  . ASN A 1 1  ? 1.174  -0.209 8.298   1.00 0.00 ? 1  ASN A HB2  2 
ATOM   337  H  HB3  . ASN A 1 1  ? 0.565  0.444  6.810   1.00 0.00 ? 1  ASN A HB3  2 
ATOM   338  H  HD21 . ASN A 1 1  ? -0.124 0.355  10.085  1.00 0.00 ? 1  ASN A HD21 2 
ATOM   339  H  HD22 . ASN A 1 1  ? -1.814 1.049  9.871   1.00 0.00 ? 1  ASN A HD22 2 
HETATM 340  N  N    . AHB A 1 2  ? 0.981  -2.481 4.870   1.00 0.00 ? 2  AHB A N    2 
HETATM 341  C  CA   . AHB A 1 2  ? 1.953  -2.628 3.744   1.00 0.00 ? 2  AHB A CA   2 
HETATM 342  C  CB   . AHB A 1 2  ? 1.828  -4.001 3.005   1.00 0.00 ? 2  AHB A CB   2 
HETATM 343  O  OB   . AHB A 1 2  ? 0.440  -4.172 2.612   1.00 0.00 ? 2  AHB A OB   2 
HETATM 344  C  CG   . AHB A 1 2  ? 2.357  -5.208 3.825   1.00 0.00 ? 2  AHB A CG   2 
HETATM 345  O  OD1  . AHB A 1 2  ? 3.260  -5.099 4.649   1.00 0.00 ? 2  AHB A OD1  2 
HETATM 346  N  ND2  . AHB A 1 2  ? 1.880  -6.413 3.595   1.00 0.00 ? 2  AHB A ND2  2 
HETATM 347  C  C    . AHB A 1 2  ? 1.768  -1.467 2.727   1.00 0.00 ? 2  AHB A C    2 
HETATM 348  O  O    . AHB A 1 2  ? 0.671  -0.922 2.564   1.00 0.00 ? 2  AHB A O    2 
HETATM 349  H  HA   . AHB A 1 2  ? 2.986  -2.565 4.142   1.00 0.00 ? 2  AHB A HA   2 
HETATM 350  H  HB   . AHB A 1 2  ? 2.485  -3.975 2.113   1.00 0.00 ? 2  AHB A HB   2 
HETATM 351  N  N    . GHP A 1 3  ? 2.848  -1.126 2.016   1.00 0.00 ? 3  GHP A N    2 
HETATM 352  C  CA   . GHP A 1 3  ? 2.810  -0.137 0.900   1.00 0.00 ? 3  GHP A CA   2 
HETATM 353  C  C    . GHP A 1 3  ? 4.115  0.710  0.969   1.00 0.00 ? 3  GHP A C    2 
HETATM 354  O  O    . GHP A 1 3  ? 5.204  0.270  0.590   1.00 0.00 ? 3  GHP A O    2 
HETATM 355  C  C1   . GHP A 1 3  ? 2.548  -0.698 -0.531  1.00 0.00 ? 3  GHP A C1   2 
HETATM 356  C  C2   . GHP A 1 3  ? 1.825  0.084  -1.445  1.00 0.00 ? 3  GHP A C2   2 
HETATM 357  C  C3   . GHP A 1 3  ? 1.442  -0.438 -2.678  1.00 0.00 ? 3  GHP A C3   2 
HETATM 358  C  C4   . GHP A 1 3  ? 1.803  -1.734 -3.026  1.00 0.00 ? 3  GHP A C4   2 
HETATM 359  O  O4   . GHP A 1 3  ? 1.380  -2.266 -4.214  1.00 0.00 ? 3  GHP A O4   2 
HETATM 360  C  C5   . GHP A 1 3  ? 2.565  -2.506 -2.157  1.00 0.00 ? 3  GHP A C5   2 
HETATM 361  C  C6   . GHP A 1 3  ? 2.941  -1.990 -0.919  1.00 0.00 ? 3  GHP A C6   2 
HETATM 362  H  H    . GHP A 1 3  ? 3.685  -1.685 2.212   1.00 0.00 ? 3  GHP A H    2 
HETATM 363  H  HA   . GHP A 1 3  ? 1.959  0.550  1.113   1.00 0.00 ? 3  GHP A HA   2 
HETATM 364  H  HC2  . GHP A 1 3  ? 1.527  1.091  -1.192  1.00 0.00 ? 3  GHP A HC2  2 
HETATM 365  H  HO4  . GHP A 1 3  ? 1.756  -3.145 -4.317  1.00 0.00 ? 3  GHP A HO4  2 
HETATM 366  H  H5   . GHP A 1 3  ? 2.843  -3.516 -2.419  1.00 0.00 ? 3  GHP A H5   2 
HETATM 367  H  H6   . GHP A 1 3  ? 3.501  -2.618 -0.242  1.00 0.00 ? 3  GHP A H6   2 
HETATM 368  N  N    . ORD A 1 4  ? 3.981  1.935  1.492   1.00 0.00 ? 4  ORD A N    2 
HETATM 369  C  CA   . ORD A 1 4  ? 5.069  2.949  1.554   1.00 0.00 ? 4  ORD A CA   2 
HETATM 370  C  CB   . ORD A 1 4  ? 4.560  3.984  2.603   1.00 0.00 ? 4  ORD A CB   2 
HETATM 371  C  CG   . ORD A 1 4  ? 5.602  5.021  3.082   1.00 0.00 ? 4  ORD A CG   2 
HETATM 372  C  CD   . ORD A 1 4  ? 5.012  5.986  4.125   1.00 0.00 ? 4  ORD A CD   2 
HETATM 373  N  NE   . ORD A 1 4  ? 6.058  6.917  4.601   1.00 0.00 ? 4  ORD A NE   2 
HETATM 374  O  O    . ORD A 1 4  ? 6.572  3.719  -0.210  1.00 0.00 ? 4  ORD A O    2 
HETATM 375  C  C    . ORD A 1 4  ? 5.407  3.610  0.173   1.00 0.00 ? 4  ORD A C    2 
HETATM 376  H  H    . ORD A 1 4  ? 2.998  2.221  1.649   1.00 0.00 ? 4  ORD A H    2 
HETATM 377  H  HA   . ORD A 1 4  ? 5.990  2.466  1.934   1.00 0.00 ? 4  ORD A HA   2 
HETATM 378  H  HB2  . ORD A 1 4  ? 3.666  4.501  2.193   1.00 0.00 ? 4  ORD A HB2  2 
HETATM 379  H  HB3  . ORD A 1 4  ? 4.171  3.452  3.489   1.00 0.00 ? 4  ORD A HB3  2 
HETATM 380  H  HG2  . ORD A 1 4  ? 6.475  4.483  3.501   1.00 0.00 ? 4  ORD A HG2  2 
HETATM 381  H  HG3  . ORD A 1 4  ? 5.986  5.586  2.209   1.00 0.00 ? 4  ORD A HG3  2 
HETATM 382  H  HD2  . ORD A 1 4  ? 4.588  5.419  4.980   1.00 0.00 ? 4  ORD A HD2  2 
HETATM 383  H  HD3  . ORD A 1 4  ? 4.160  6.549  3.687   1.00 0.00 ? 4  ORD A HD3  2 
HETATM 384  H  HE1  . ORD A 1 4  ? 5.704  7.596  5.285   1.00 0.00 ? 4  ORD A HE1  2 
HETATM 385  H  HE2  . ORD A 1 4  ? 6.470  7.459  3.832   1.00 0.00 ? 4  ORD A HE2  2 
HETATM 386  H  HE3  . ORD A 1 4  ? 6.835  6.418  5.053   1.00 0.00 ? 4  ORD A HE3  2 
HETATM 387  N  N    . 2TL A 1 5  ? 4.364  4.072  -0.528  1.00 0.00 ? 5  2TL A N    2 
HETATM 388  C  CA   . 2TL A 1 5  ? 4.434  4.570  -1.926  1.00 0.00 ? 5  2TL A CA   2 
HETATM 389  C  CB   . 2TL A 1 5  ? 4.236  6.119  -1.938  1.00 0.00 ? 5  2TL A CB   2 
HETATM 390  O  OG1  . 2TL A 1 5  ? 4.043  6.598  -3.265  1.00 0.00 ? 5  2TL A OG1  2 
HETATM 391  C  CG2  . 2TL A 1 5  ? 5.424  6.922  -1.392  1.00 0.00 ? 5  2TL A CG2  2 
HETATM 392  C  C    . 2TL A 1 5  ? 3.316  3.844  -2.742  1.00 0.00 ? 5  2TL A C    2 
HETATM 393  O  O    . 2TL A 1 5  ? 2.247  3.513  -2.213  1.00 0.00 ? 5  2TL A O    2 
HETATM 394  H  H    . 2TL A 1 5  ? 3.476  3.739  -0.135  1.00 0.00 ? 5  2TL A H    2 
HETATM 395  H  HA   . 2TL A 1 5  ? 5.416  4.329  -2.381  1.00 0.00 ? 5  2TL A HA   2 
HETATM 396  H  HB   . 2TL A 1 5  ? 3.336  6.357  -1.337  1.00 0.00 ? 5  2TL A HB   2 
HETATM 397  H  HG1  . 2TL A 1 5  ? 4.247  7.537  -3.237  1.00 0.00 ? 5  2TL A HG1  2 
HETATM 398  H  HG21 . 2TL A 1 5  ? 5.658  6.644  -0.348  1.00 0.00 ? 5  2TL A HG21 2 
HETATM 399  H  HG22 . 2TL A 1 5  ? 6.343  6.746  -1.984  1.00 0.00 ? 5  2TL A HG22 2 
HETATM 400  H  HG23 . 2TL A 1 5  ? 5.226  8.010  -1.396  1.00 0.00 ? 5  2TL A HG23 2 
HETATM 401  N  N    . D4P A 1 6  ? 3.554  3.646  -4.047  1.00 0.00 ? 6  D4P A N    2 
HETATM 402  C  CA   . D4P A 1 6  ? 2.505  3.199  -5.015  1.00 0.00 ? 6  D4P A CA   2 
HETATM 403  C  C    . D4P A 1 6  ? 2.825  1.818  -5.671  1.00 0.00 ? 6  D4P A C    2 
HETATM 404  O  O    . D4P A 1 6  ? 3.982  1.494  -5.957  1.00 0.00 ? 6  D4P A O    2 
HETATM 405  C  C1   . D4P A 1 6  ? 2.152  4.218  -6.146  1.00 0.00 ? 6  D4P A C1   2 
HETATM 406  C  C2   . D4P A 1 6  ? 3.116  5.020  -6.779  1.00 0.00 ? 6  D4P A C2   2 
HETATM 407  C  C3   . D4P A 1 6  ? 2.756  5.880  -7.814  1.00 0.00 ? 6  D4P A C3   2 
HETATM 408  C  C4   . D4P A 1 6  ? 1.433  5.938  -8.237  1.00 0.00 ? 6  D4P A C4   2 
HETATM 409  O  O4   . D4P A 1 6  ? 1.071  6.763  -9.266  1.00 0.00 ? 6  D4P A O4   2 
HETATM 410  C  C5   . D4P A 1 6  ? 0.468  5.141  -7.633  1.00 0.00 ? 6  D4P A C5   2 
HETATM 411  C  C6   . D4P A 1 6  ? 0.822  4.292  -6.593  1.00 0.00 ? 6  D4P A C6   2 
HETATM 412  H  H    . D4P A 1 6  ? 4.457  4.015  -4.364  1.00 0.00 ? 6  D4P A H    2 
HETATM 413  H  HA   . D4P A 1 6  ? 1.581  3.061  -4.432  1.00 0.00 ? 6  D4P A HA   2 
HETATM 414  H  H4   . D4P A 1 6  ? 0.124  6.661  -9.414  1.00 0.00 ? 6  D4P A H4   2 
HETATM 415  H  H5   . D4P A 1 6  ? -0.553 5.165  -7.974  1.00 0.00 ? 6  D4P A H5   2 
HETATM 416  H  H6   . D4P A 1 6  ? 0.050  3.684  -6.149  1.00 0.00 ? 6  D4P A H6   2 
HETATM 417  N  N    . GHP A 1 7  ? 1.772  1.050  -6.021  1.00 0.00 ? 7  GHP A N    2 
HETATM 418  C  CA   . GHP A 1 7  ? 1.871  -0.017 -7.064  1.00 0.00 ? 7  GHP A CA   2 
HETATM 419  C  C    . GHP A 1 7  ? 0.540  -0.818 -7.227  1.00 0.00 ? 7  GHP A C    2 
HETATM 420  O  O    . GHP A 1 7  ? -0.536 -0.248 -7.437  1.00 0.00 ? 7  GHP A O    2 
HETATM 421  C  C1   . GHP A 1 7  ? 2.333  0.465  -8.477  1.00 0.00 ? 7  GHP A C1   2 
HETATM 422  C  C2   . GHP A 1 7  ? 1.689  1.526  -9.136  1.00 0.00 ? 7  GHP A C2   2 
HETATM 423  C  C3   . GHP A 1 7  ? 2.151  1.979  -10.367 1.00 0.00 ? 7  GHP A C3   2 
HETATM 424  C  C4   . GHP A 1 7  ? 3.257  1.376  -10.957 1.00 0.00 ? 7  GHP A C4   2 
HETATM 425  O  O4   . GHP A 1 7  ? 3.706  1.830  -12.168 1.00 0.00 ? 7  GHP A O4   2 
HETATM 426  C  C5   . GHP A 1 7  ? 3.906  0.324  -10.319 1.00 0.00 ? 7  GHP A C5   2 
HETATM 427  C  C6   . GHP A 1 7  ? 3.448  -0.130 -9.083  1.00 0.00 ? 7  GHP A C6   2 
HETATM 428  H  H    . GHP A 1 7  ? 0.872  1.367  -5.630  1.00 0.00 ? 7  GHP A H    2 
HETATM 429  H  HA   . GHP A 1 7  ? 2.617  -0.734 -6.661  1.00 0.00 ? 7  GHP A HA   2 
HETATM 430  H  HC2  . GHP A 1 7  ? 0.837  2.011  -8.681  1.00 0.00 ? 7  GHP A HC2  2 
HETATM 431  H  HO4  . GHP A 1 7  ? 4.485  1.328  -12.419 1.00 0.00 ? 7  GHP A HO4  2 
HETATM 432  H  H5   . GHP A 1 7  ? 4.771  -0.140 -10.770 1.00 0.00 ? 7  GHP A H5   2 
HETATM 433  H  H6   . GHP A 1 7  ? 3.976  -0.935 -8.593  1.00 0.00 ? 7  GHP A H6   2 
HETATM 434  N  N    . ALO A 1 8  ? 0.644  -2.157 -7.150  1.00 0.00 ? 8  ALO A N    2 
HETATM 435  C  CA   . ALO A 1 8  ? -0.496 -3.117 -7.281  1.00 0.00 ? 8  ALO A CA   2 
HETATM 436  C  CB   . ALO A 1 8  ? 0.104  -4.548 -7.053  1.00 0.00 ? 8  ALO A CB   2 
HETATM 437  C  CG2  . ALO A 1 8  ? -0.866 -5.716 -7.286  1.00 0.00 ? 8  ALO A CG2  2 
HETATM 438  O  OG1  . ALO A 1 8  ? 0.598  -4.709 -5.724  1.00 0.00 ? 8  ALO A OG1  2 
HETATM 439  C  C    . ALO A 1 8  ? -1.772 -2.820 -6.426  1.00 0.00 ? 8  ALO A C    2 
HETATM 440  O  O    . ALO A 1 8  ? -2.870 -2.666 -6.968  1.00 0.00 ? 8  ALO A O    2 
HETATM 441  H  H    . ALO A 1 8  ? 1.572  -2.493 -6.882  1.00 0.00 ? 8  ALO A H    2 
HETATM 442  H  HA   . ALO A 1 8  ? -0.830 -3.065 -8.333  1.00 0.00 ? 8  ALO A HA   2 
HETATM 443  H  HB   . ALO A 1 8  ? 0.953  -4.689 -7.754  1.00 0.00 ? 8  ALO A HB   2 
HETATM 444  H  HG21 . ALO A 1 8  ? -1.290 -5.691 -8.307  1.00 0.00 ? 8  ALO A HG21 2 
HETATM 445  H  HG22 . ALO A 1 8  ? -0.362 -6.694 -7.176  1.00 0.00 ? 8  ALO A HG22 2 
HETATM 446  H  HG23 . ALO A 1 8  ? -1.719 -5.704 -6.582  1.00 0.00 ? 8  ALO A HG23 2 
HETATM 447  H  HG1  . ALO A 1 8  ? 0.108  -5.457 -5.366  1.00 0.00 ? 8  ALO A HG1  2 
ATOM   448  N  N    . PHE A 1 9  ? -1.607 -2.730 -5.102  1.00 0.00 ? 9  PHE A N    2 
ATOM   449  C  CA   . PHE A 1 9  ? -2.718 -2.456 -4.147  1.00 0.00 ? 9  PHE A CA   2 
ATOM   450  C  C    . PHE A 1 9  ? -3.249 -0.984 -4.106  1.00 0.00 ? 9  PHE A C    2 
ATOM   451  O  O    . PHE A 1 9  ? -4.428 -0.767 -3.812  1.00 0.00 ? 9  PHE A O    2 
ATOM   452  C  CB   . PHE A 1 9  ? -2.236 -2.890 -2.743  1.00 0.00 ? 9  PHE A CB   2 
ATOM   453  C  CG   . PHE A 1 9  ? -1.962 -4.386 -2.525  1.00 0.00 ? 9  PHE A CG   2 
ATOM   454  C  CD1  . PHE A 1 9  ? -3.023 -5.270 -2.303  1.00 0.00 ? 9  PHE A CD1  2 
ATOM   455  C  CD2  . PHE A 1 9  ? -0.649 -4.862 -2.472  1.00 0.00 ? 9  PHE A CD2  2 
ATOM   456  C  CE1  . PHE A 1 9  ? -2.770 -6.613 -2.029  1.00 0.00 ? 9  PHE A CE1  2 
ATOM   457  C  CE2  . PHE A 1 9  ? -0.397 -6.204 -2.197  1.00 0.00 ? 9  PHE A CE2  2 
ATOM   458  C  CZ   . PHE A 1 9  ? -1.458 -7.077 -1.974  1.00 0.00 ? 9  PHE A CZ   2 
ATOM   459  H  H    . PHE A 1 9  ? -0.626 -2.815 -4.805  1.00 0.00 ? 9  PHE A H    2 
ATOM   460  H  HA   . PHE A 1 9  ? -3.586 -3.087 -4.418  1.00 0.00 ? 9  PHE A HA   2 
ATOM   461  H  HB2  . PHE A 1 9  ? -1.355 -2.290 -2.445  1.00 0.00 ? 9  PHE A HB2  2 
ATOM   462  H  HB3  . PHE A 1 9  ? -3.006 -2.585 -2.016  1.00 0.00 ? 9  PHE A HB3  2 
ATOM   463  H  HD1  . PHE A 1 9  ? -4.044 -4.917 -2.325  1.00 0.00 ? 9  PHE A HD1  2 
ATOM   464  H  HD2  . PHE A 1 9  ? 0.183  -4.187 -2.605  1.00 0.00 ? 9  PHE A HD2  2 
ATOM   465  H  HE1  . PHE A 1 9  ? -3.592 -7.290 -1.845  1.00 0.00 ? 9  PHE A HE1  2 
ATOM   466  H  HE2  . PHE A 1 9  ? 0.621  -6.561 -2.133  1.00 0.00 ? 9  PHE A HE2  2 
ATOM   467  H  HZ   . PHE A 1 9  ? -1.263 -8.113 -1.740  1.00 0.00 ? 9  PHE A HZ   2 
HETATM 468  N  N    . ORD A 1 10 ? -2.397 0.008  -4.402  1.00 0.00 ? 10 ORD A N    2 
HETATM 469  C  CA   . ORD A 1 10 ? -2.793 1.431  -4.546  1.00 0.00 ? 10 ORD A CA   2 
HETATM 470  C  CB   . ORD A 1 10 ? -2.997 1.792  -6.047  1.00 0.00 ? 10 ORD A CB   2 
HETATM 471  C  CG   . ORD A 1 10 ? -4.104 1.019  -6.804  1.00 0.00 ? 10 ORD A CG   2 
HETATM 472  C  CD   . ORD A 1 10 ? -4.155 1.367  -8.299  1.00 0.00 ? 10 ORD A CD   2 
HETATM 473  N  NE   . ORD A 1 10 ? -5.135 0.486  -8.968  1.00 0.00 ? 10 ORD A NE   2 
HETATM 474  O  O    . ORD A 1 10 ? -0.478 2.068  -4.353  1.00 0.00 ? 10 ORD A O    2 
HETATM 475  C  C    . ORD A 1 10 ? -1.636 2.313  -4.005  1.00 0.00 ? 10 ORD A C    2 
HETATM 476  H  H    . ORD A 1 10 ? -1.500 -0.336 -4.770  1.00 0.00 ? 10 ORD A H    2 
HETATM 477  H  HA   . ORD A 1 10 ? -3.722 1.641  -3.979  1.00 0.00 ? 10 ORD A HA   2 
HETATM 478  H  HB2  . ORD A 1 10 ? -3.179 2.882  -6.118  1.00 0.00 ? 10 ORD A HB2  2 
HETATM 479  H  HB3  . ORD A 1 10 ? -2.037 1.651  -6.579  1.00 0.00 ? 10 ORD A HB3  2 
HETATM 480  H  HG2  . ORD A 1 10 ? -3.915 -0.067 -6.688  1.00 0.00 ? 10 ORD A HG2  2 
HETATM 481  H  HG3  . ORD A 1 10 ? -5.079 1.206  -6.316  1.00 0.00 ? 10 ORD A HG3  2 
HETATM 482  H  HD2  . ORD A 1 10 ? -4.422 2.435  -8.441  1.00 0.00 ? 10 ORD A HD2  2 
HETATM 483  H  HD3  . ORD A 1 10 ? -3.152 1.238  -8.758  1.00 0.00 ? 10 ORD A HD3  2 
HETATM 484  H  HE1  . ORD A 1 10 ? -4.893 -0.505 -8.841  1.00 0.00 ? 10 ORD A HE1  2 
HETATM 485  H  HE2  . ORD A 1 10 ? -6.080 0.601  -8.582  1.00 0.00 ? 10 ORD A HE2  2 
HETATM 486  H  HE3  . ORD A 1 10 ? -5.199 0.650  -9.980  1.00 0.00 ? 10 ORD A HE3  2 
HETATM 487  N  N    . D4P A 1 11 ? -1.940 3.375  -3.243  1.00 0.00 ? 11 D4P A N    2 
HETATM 488  C  CA   . D4P A 1 11 ? -0.929 4.400  -2.846  1.00 0.00 ? 11 D4P A CA   2 
HETATM 489  C  C    . D4P A 1 11 ? -1.066 4.750  -1.337  1.00 0.00 ? 11 D4P A C    2 
HETATM 490  O  O    . D4P A 1 11 ? -2.112 5.219  -0.878  1.00 0.00 ? 11 D4P A O    2 
HETATM 491  C  C1   . D4P A 1 11 ? -0.851 5.717  -3.674  1.00 0.00 ? 11 D4P A C1   2 
HETATM 492  C  C2   . D4P A 1 11 ? 0.389  6.355  -3.823  1.00 0.00 ? 11 D4P A C2   2 
HETATM 493  C  C3   . D4P A 1 11 ? 0.493  7.544  -4.538  1.00 0.00 ? 11 D4P A C3   2 
HETATM 494  C  C4   . D4P A 1 11 ? -0.637 8.134  -5.097  1.00 0.00 ? 11 D4P A C4   2 
HETATM 495  O  O4   . D4P A 1 11 ? -0.425 9.337  -5.770  1.00 0.00 ? 11 D4P A O4   2 
HETATM 496  C  C5   . D4P A 1 11 ? -1.877 7.489  -4.976  1.00 0.00 ? 11 D4P A C5   2 
HETATM 497  C  C6   . D4P A 1 11 ? -1.983 6.300  -4.261  1.00 0.00 ? 11 D4P A C6   2 
HETATM 498  H  H    . D4P A 1 11 ? -2.888 3.381  -2.860  1.00 0.00 ? 11 D4P A H    2 
HETATM 499  H  HA   . D4P A 1 11 ? 0.055  3.925  -2.982  1.00 0.00 ? 11 D4P A HA   2 
HETATM 500  H  H1   . D4P A 1 11 ? 1.283  5.932  -3.389  1.00 0.00 ? 11 D4P A H1   2 
HETATM 501  H  H3   . D4P A 1 11 ? 1.458  8.018  -4.647  1.00 0.00 ? 11 D4P A H3   2 
HETATM 502  H  H5   . D4P A 1 11 ? -2.762 7.906  -5.432  1.00 0.00 ? 11 D4P A H5   2 
HETATM 503  H  H6   . D4P A 1 11 ? -2.953 5.832  -4.161  1.00 0.00 ? 11 D4P A H6   2 
HETATM 504  N  N    . 2TL A 1 12 ? 0.025  4.548  -0.582  1.00 0.00 ? 12 2TL A N    2 
HETATM 505  C  CA   . 2TL A 1 12 ? 0.118  4.961  0.848   1.00 0.00 ? 12 2TL A CA   2 
HETATM 506  C  CB   . 2TL A 1 12 ? 1.201  6.068  1.039   1.00 0.00 ? 12 2TL A CB   2 
HETATM 507  O  OG1  . 2TL A 1 12 ? 1.363  6.382  2.417   1.00 0.00 ? 12 2TL A OG1  2 
HETATM 508  C  CG2  . 2TL A 1 12 ? 0.876  7.401  0.348   1.00 0.00 ? 12 2TL A CG2  2 
HETATM 509  C  C    . 2TL A 1 12 ? 0.420  3.699  1.704   1.00 0.00 ? 12 2TL A C    2 
HETATM 510  O  O    . 2TL A 1 12 ? 1.472  3.071  1.561   1.00 0.00 ? 12 2TL A O    2 
HETATM 511  H  H    . 2TL A 1 12 ? 0.795  4.075  -1.079  1.00 0.00 ? 12 2TL A H    2 
HETATM 512  H  HA   . 2TL A 1 12 ? -0.841 5.401  1.191   1.00 0.00 ? 12 2TL A HA   2 
HETATM 513  H  HB   . 2TL A 1 12 ? 2.170  5.697  0.656   1.00 0.00 ? 12 2TL A HB   2 
HETATM 514  H  HG1  . 2TL A 1 12 ? 0.670  7.018  2.619   1.00 0.00 ? 12 2TL A HG1  2 
HETATM 515  H  HG21 . 2TL A 1 12 ? -0.095 7.817  0.673   1.00 0.00 ? 12 2TL A HG21 2 
HETATM 516  H  HG22 . 2TL A 1 12 ? 1.650  8.165  0.551   1.00 0.00 ? 12 2TL A HG22 2 
HETATM 517  H  HG23 . 2TL A 1 12 ? 0.822  7.288  -0.752  1.00 0.00 ? 12 2TL A HG23 2 
HETATM 518  N  N    . D4P A 1 13 ? -0.502 3.336  2.608   1.00 0.00 ? 13 D4P A N    2 
HETATM 519  C  CA   . D4P A 1 13 ? -0.337 2.163  3.516   1.00 0.00 ? 13 D4P A CA   2 
HETATM 520  C  C    . D4P A 1 13 ? -1.740 1.664  3.970   1.00 0.00 ? 13 D4P A C    2 
HETATM 521  O  O    . D4P A 1 13 ? -2.550 2.465  4.452   1.00 0.00 ? 13 D4P A O    2 
HETATM 522  C  C1   . D4P A 1 13 ? 0.646  2.390  4.701   1.00 0.00 ? 13 D4P A C1   2 
HETATM 523  C  C2   . D4P A 1 13 ? 0.343  3.259  5.763   1.00 0.00 ? 13 D4P A C2   2 
HETATM 524  C  C3   . D4P A 1 13 ? 1.264  3.474  6.785   1.00 0.00 ? 13 D4P A C3   2 
HETATM 525  C  C4   . D4P A 1 13 ? 2.500  2.836  6.752   1.00 0.00 ? 13 D4P A C4   2 
HETATM 526  O  O4   . D4P A 1 13 ? 3.407  3.042  7.756   1.00 0.00 ? 13 D4P A O4   2 
HETATM 527  C  C5   . D4P A 1 13 ? 2.819  1.981  5.703   1.00 0.00 ? 13 D4P A C5   2 
HETATM 528  C  C6   . D4P A 1 13 ? 1.900  1.763  4.680   1.00 0.00 ? 13 D4P A C6   2 
HETATM 529  H  H    . D4P A 1 13 ? -1.396 3.831  2.522   1.00 0.00 ? 13 D4P A H    2 
HETATM 530  H  HA   . D4P A 1 13 ? 0.070  1.354  2.887   1.00 0.00 ? 13 D4P A HA   2 
HETATM 531  H  H4   . D4P A 1 13 ? 2.987  3.542  8.459   1.00 0.00 ? 13 D4P A H4   2 
HETATM 532  H  H5   . D4P A 1 13 ? 3.778  1.484  5.685   1.00 0.00 ? 13 D4P A H5   2 
HETATM 533  H  H6   . D4P A 1 13 ? 2.177  1.110  3.867   1.00 0.00 ? 13 D4P A H6   2 
ATOM   534  N  N    . GLY A 1 14 ? -2.063 0.370  3.771   1.00 0.00 ? 14 GLY A N    2 
ATOM   535  C  CA   . GLY A 1 14 ? -3.493 -0.060 3.788   1.00 0.00 ? 14 GLY A CA   2 
ATOM   536  C  C    . GLY A 1 14 ? -3.884 -1.500 4.143   1.00 0.00 ? 14 GLY A C    2 
ATOM   537  O  O    . GLY A 1 14 ? -4.766 -2.077 3.509   1.00 0.00 ? 14 GLY A O    2 
ATOM   538  H  H    . GLY A 1 14 ? -1.289 -0.214 3.425   1.00 0.00 ? 14 GLY A H    2 
ATOM   539  H  HA2  . GLY A 1 14 ? -4.075 0.570  4.481   1.00 0.00 ? 14 GLY A HA2  2 
ATOM   540  H  HA3  . GLY A 1 14 ? -3.922 0.157  2.799   1.00 0.00 ? 14 GLY A HA3  2 
ATOM   541  N  N    . LEU A 1 15 ? -3.323 -2.012 5.239   1.00 0.00 ? 15 LEU A N    2 
ATOM   542  C  CA   . LEU A 1 15 ? -3.904 -3.144 6.024   1.00 0.00 ? 15 LEU A CA   2 
ATOM   543  C  C    . LEU A 1 15 ? -4.029 -4.491 5.239   1.00 0.00 ? 15 LEU A C    2 
ATOM   544  O  O    . LEU A 1 15 ? -5.088 -4.856 4.722   1.00 0.00 ? 15 LEU A O    2 
ATOM   545  C  CB   . LEU A 1 15 ? -5.203 -2.750 6.795   1.00 0.00 ? 15 LEU A CB   2 
ATOM   546  C  CG   . LEU A 1 15 ? -5.149 -1.663 7.907   1.00 0.00 ? 15 LEU A CG   2 
ATOM   547  C  CD1  . LEU A 1 15 ? -4.030 -1.897 8.938   1.00 0.00 ? 15 LEU A CD1  2 
ATOM   548  C  CD2  . LEU A 1 15 ? -5.082 -0.226 7.361   1.00 0.00 ? 15 LEU A CD2  2 
ATOM   549  H  H    . LEU A 1 15 ? -2.719 -1.303 5.661   1.00 0.00 ? 15 LEU A H    2 
ATOM   550  H  HA   . LEU A 1 15 ? -3.163 -3.341 6.817   1.00 0.00 ? 15 LEU A HA   2 
ATOM   551  H  HB2  . LEU A 1 15 ? -5.990 -2.486 6.062   1.00 0.00 ? 15 LEU A HB2  2 
ATOM   552  H  HB3  . LEU A 1 15 ? -5.597 -3.667 7.275   1.00 0.00 ? 15 LEU A HB3  2 
ATOM   553  H  HG   . LEU A 1 15 ? -6.111 -1.734 8.454   1.00 0.00 ? 15 LEU A HG   2 
ATOM   554  H  HD11 . LEU A 1 15 ? -4.071 -2.918 9.361   1.00 0.00 ? 15 LEU A HD11 2 
ATOM   555  H  HD12 . LEU A 1 15 ? -3.022 -1.760 8.504   1.00 0.00 ? 15 LEU A HD12 2 
ATOM   556  H  HD13 . LEU A 1 15 ? -4.108 -1.194 9.787   1.00 0.00 ? 15 LEU A HD13 2 
ATOM   557  H  HD21 . LEU A 1 15 ? -5.891 -0.026 6.634   1.00 0.00 ? 15 LEU A HD21 2 
ATOM   558  H  HD22 . LEU A 1 15 ? -5.187 0.520  8.169   1.00 0.00 ? 15 LEU A HD22 2 
ATOM   559  H  HD23 . LEU A 1 15 ? -4.129 -0.005 6.854   1.00 0.00 ? 15 LEU A HD23 2 
HETATM 560  N  N    . DAL A 1 16 ? -2.902 -5.202 5.128   1.00 0.00 ? 16 DAL A N    2 
HETATM 561  C  CA   . DAL A 1 16 ? -2.727 -6.305 4.146   1.00 0.00 ? 16 DAL A CA   2 
HETATM 562  C  CB   . DAL A 1 16 ? -1.714 -7.243 4.836   1.00 0.00 ? 16 DAL A CB   2 
HETATM 563  C  C    . DAL A 1 16 ? -2.250 -5.884 2.709   1.00 0.00 ? 16 DAL A C    2 
HETATM 564  O  O    . DAL A 1 16 ? -1.910 -6.743 1.892   1.00 0.00 ? 16 DAL A O    2 
HETATM 565  H  H    . DAL A 1 16 ? -2.086 -4.776 5.601   1.00 0.00 ? 16 DAL A H    2 
HETATM 566  H  HA   . DAL A 1 16 ? -3.681 -6.855 4.010   1.00 0.00 ? 16 DAL A HA   2 
HETATM 567  H  HB1  . DAL A 1 16 ? -2.082 -7.608 5.815   1.00 0.00 ? 16 DAL A HB1  2 
HETATM 568  H  HB2  . DAL A 1 16 ? -1.515 -8.142 4.224   1.00 0.00 ? 16 DAL A HB2  2 
HETATM 569  H  HB3  . DAL A 1 16 ? -0.736 -6.754 5.018   1.00 0.00 ? 16 DAL A HB3  2 
HETATM 570  N  N    . CHP A 1 17 ? -2.193 -4.574 2.399   1.00 0.00 ? 17 CHP A N    2 
HETATM 571  C  CA   . CHP A 1 17 ? -1.548 -4.032 1.165   1.00 0.00 ? 17 CHP A CA   2 
HETATM 572  C  C    . CHP A 1 17 ? 0.016  -4.076 1.289   1.00 0.00 ? 17 CHP A C    2 
HETATM 573  O  O    . CHP A 1 17 ? 0.763  -4.022 0.310   1.00 0.00 ? 17 CHP A O    2 
HETATM 574  C  C1   . CHP A 1 17 ? -2.177 -2.652 0.751   1.00 0.00 ? 17 CHP A C1   2 
HETATM 575  C  C2   . CHP A 1 17 ? -1.427 -1.520 0.384   1.00 0.00 ? 17 CHP A C2   2 
HETATM 576  C  C3   . CHP A 1 17 ? -2.055 -0.330 0.021   1.00 0.00 ? 17 CHP A C3   2 
HETATM 577  CL CL3  . CHP A 1 17 ? -1.096 1.096  -0.366  1.00 0.00 ? 17 CHP A CL3  2 
HETATM 578  C  C4   . CHP A 1 17 ? -3.445 -0.254 0.007   1.00 0.00 ? 17 CHP A C4   2 
HETATM 579  O  O4   . CHP A 1 17 ? -4.081 0.915  -0.324  1.00 0.00 ? 17 CHP A O4   2 
HETATM 580  C  C5   . CHP A 1 17 ? -4.205 -1.359 0.372   1.00 0.00 ? 17 CHP A C5   2 
HETATM 581  C  C6   . CHP A 1 17 ? -3.578 -2.550 0.715   1.00 0.00 ? 17 CHP A C6   2 
HETATM 582  H  H    . CHP A 1 17 ? -2.417 -3.947 3.184   1.00 0.00 ? 17 CHP A H    2 
HETATM 583  H  HA   . CHP A 1 17 ? -1.781 -4.721 0.332   1.00 0.00 ? 17 CHP A HA   2 
HETATM 584  H  HC2  . CHP A 1 17 ? -0.351 -1.558 0.387   1.00 0.00 ? 17 CHP A HC2  2 
HETATM 585  H  HO4  . CHP A 1 17 ? -5.027 0.762  -0.340  1.00 0.00 ? 17 CHP A HO4  2 
HETATM 586  H  H5   . CHP A 1 17 ? -5.274 -1.292 0.474   1.00 0.00 ? 17 CHP A H5   2 
HETATM 587  H  H6   . CHP A 1 17 ? -4.187 -3.381 1.046   1.00 0.00 ? 17 CHP A H6   2 
HETATM 588  C  C1   . MAN B 2 .  ? -1.422 10.392 -5.866  1.00 0.00 ? 1  MAN B C1   2 
HETATM 589  C  C2   . MAN B 2 .  ? -1.655 10.750 -7.358  1.00 0.00 ? 1  MAN B C2   2 
HETATM 590  C  C3   . MAN B 2 .  ? -2.569 11.995 -7.487  1.00 0.00 ? 1  MAN B C3   2 
HETATM 591  C  C4   . MAN B 2 .  ? -2.098 13.182 -6.605  1.00 0.00 ? 1  MAN B C4   2 
HETATM 592  C  C5   . MAN B 2 .  ? -1.736 12.771 -5.146  1.00 0.00 ? 1  MAN B C5   2 
HETATM 593  C  C6   . MAN B 2 .  ? -2.936 12.626 -4.183  1.00 0.00 ? 1  MAN B C6   2 
HETATM 594  O  O2   . MAN B 2 .  ? -2.279 9.636  -8.055  1.00 0.00 ? 1  MAN B O2   2 
HETATM 595  O  O3   . MAN B 2 .  ? -3.905 11.635 -7.147  1.00 0.00 ? 1  MAN B O3   2 
HETATM 596  O  O4   . MAN B 2 .  ? -0.932 13.742 -7.202  1.00 0.00 ? 1  MAN B O4   2 
HETATM 597  O  O5   . MAN B 2 .  ? -0.918 11.557 -5.145  1.00 0.00 ? 1  MAN B O5   2 
HETATM 598  O  O6   . MAN B 2 .  ? -3.564 13.886 -3.951  1.00 0.00 ? 1  MAN B O6   2 
HETATM 599  H  H2   . MAN B 2 .  ? -0.677 11.006 -7.809  1.00 0.00 ? 1  MAN B H2   2 
HETATM 600  H  H4   . MAN B 2 .  ? -2.885 13.962 -6.592  1.00 0.00 ? 1  MAN B H4   2 
HETATM 601  H  H5   . MAN B 2 .  ? -1.105 13.577 -4.724  1.00 0.00 ? 1  MAN B H5   2 
HETATM 602  H  H61  . MAN B 2 .  ? -2.597 12.194 -3.222  1.00 0.00 ? 1  MAN B H61  2 
HETATM 603  H  H62  . MAN B 2 .  ? -3.681 11.914 -4.584  1.00 0.00 ? 1  MAN B H62  2 
HETATM 604  H  HO3  . MAN B 2 .  ? -4.050 10.782 -7.570  1.00 0.00 ? 1  MAN B HO3  2 
HETATM 605  H  HO4  . MAN B 2 .  ? -0.204 13.168 -6.942  1.00 0.00 ? 1  MAN B HO4  2 
HETATM 606  H  HO6  . MAN B 2 .  ? -2.921 14.452 -3.514  1.00 0.00 ? 1  MAN B HO6  2 
HETATM 607  C  C1   . MAN B 2 .  ? -1.408 8.722  -8.779  1.00 0.00 ? 2  MAN B C1   2 
HETATM 608  C  C2   . MAN B 2 .  ? -1.446 9.034  -10.304 1.00 0.00 ? 2  MAN B C2   2 
HETATM 609  C  C3   . MAN B 2 .  ? -2.813 8.632  -10.910 1.00 0.00 ? 2  MAN B C3   2 
HETATM 610  C  C4   . MAN B 2 .  ? -3.214 7.181  -10.556 1.00 0.00 ? 2  MAN B C4   2 
HETATM 611  C  C5   . MAN B 2 .  ? -3.144 6.953  -9.021  1.00 0.00 ? 2  MAN B C5   2 
HETATM 612  C  C6   . MAN B 2 .  ? -3.381 5.485  -8.628  1.00 0.00 ? 2  MAN B C6   2 
HETATM 613  O  O2   . MAN B 2 .  ? -0.408 8.332  -10.996 1.00 0.00 ? 2  MAN B O2   2 
HETATM 614  O  O3   . MAN B 2 .  ? -2.732 8.756  -12.321 1.00 0.00 ? 2  MAN B O3   2 
HETATM 615  O  O4   . MAN B 2 .  ? -4.529 6.962  -11.050 1.00 0.00 ? 2  MAN B O4   2 
HETATM 616  O  O5   . MAN B 2 .  ? -1.829 7.347  -8.525  1.00 0.00 ? 2  MAN B O5   2 
HETATM 617  O  O6   . MAN B 2 .  ? -3.210 5.327  -7.224  1.00 0.00 ? 2  MAN B O6   2 
HETATM 618  H  H1   . MAN B 2 .  ? -0.365 8.815  -8.419  1.00 0.00 ? 2  MAN B H1   2 
HETATM 619  H  H2   . MAN B 2 .  ? -1.296 10.122 -10.450 1.00 0.00 ? 2  MAN B H2   2 
HETATM 620  H  H3   . MAN B 2 .  ? -3.592 9.325  -10.533 1.00 0.00 ? 2  MAN B H3   2 
HETATM 621  H  H4   . MAN B 2 .  ? -2.514 6.484  -11.058 1.00 0.00 ? 2  MAN B H4   2 
HETATM 622  H  H5   . MAN B 2 .  ? -3.919 7.573  -8.527  1.00 0.00 ? 2  MAN B H5   2 
HETATM 623  H  H61  . MAN B 2 .  ? -2.677 4.822  -9.166  1.00 0.00 ? 2  MAN B H61  2 
HETATM 624  H  H62  . MAN B 2 .  ? -4.399 5.167  -8.923  1.00 0.00 ? 2  MAN B H62  2 
HETATM 625  H  HO2  . MAN B 2 .  ? 0.436  8.589  -10.607 1.00 0.00 ? 2  MAN B HO2  2 
HETATM 626  H  HO3  . MAN B 2 .  ? -1.809 8.549  -12.516 1.00 0.00 ? 2  MAN B HO3  2 
HETATM 627  H  HO4  . MAN B 2 .  ? -4.562 7.461  -11.873 1.00 0.00 ? 2  MAN B HO4  2 
HETATM 628  H  HO6  . MAN B 2 .  ? -2.524 5.961  -6.976  1.00 0.00 ? 2  MAN B HO6  2 
HETATM 629  C  C1   . FA7 C 3 .  ? -0.480 -3.911 7.866   1.00 0.00 ? 0  FA7 A C1   2 
HETATM 630  O  O    . FA7 C 3 .  ? -0.791 -4.293 6.736   1.00 0.00 ? 0  FA7 A O    2 
HETATM 631  C  C2   . FA7 C 3 .  ? -0.595 -4.823 9.073   1.00 0.00 ? 0  FA7 A C2   2 
HETATM 632  C  C3   . FA7 C 3 .  ? -1.568 -5.690 9.408   1.00 0.00 ? 0  FA7 A C3   2 
HETATM 633  C  C4   . FA7 C 3 .  ? -2.707 -5.924 8.739   1.00 0.00 ? 0  FA7 A C4   2 
HETATM 634  C  C5   . FA7 C 3 .  ? -3.641 -6.806 9.118   1.00 0.00 ? 0  FA7 A C5   2 
HETATM 635  C  C6   . FA7 C 3 .  ? -4.907 -7.062 8.322   1.00 0.00 ? 0  FA7 A C6   2 
HETATM 636  C  C7   . FA7 C 3 .  ? -6.119 -7.309 9.239   1.00 0.00 ? 0  FA7 A C7   2 
HETATM 637  C  C8   . FA7 C 3 .  ? -7.402 -7.590 8.445   1.00 0.00 ? 0  FA7 A C8   2 
HETATM 638  C  C9   . FA7 C 3 .  ? -5.839 -8.493 10.181  1.00 0.00 ? 0  FA7 A C9   2 
HETATM 639  H  H3   . FA7 C 3 .  ? -1.393 -6.251 10.329  1.00 0.00 ? 0  FA7 A H3   2 
HETATM 640  H  H4   . FA7 C 3 .  ? -2.898 -5.369 7.824   1.00 0.00 ? 0  FA7 A H4   2 
HETATM 641  H  H5   . FA7 C 3 .  ? -3.489 -7.405 10.020  1.00 0.00 ? 0  FA7 A H5   2 
HETATM 642  H  H61  . FA7 C 3 .  ? -5.127 -6.217 7.640   1.00 0.00 ? 0  FA7 A H61  2 
HETATM 643  H  H62  . FA7 C 3 .  ? -4.746 -7.936 7.662   1.00 0.00 ? 0  FA7 A H62  2 
HETATM 644  H  H7   . FA7 C 3 .  ? -6.332 -6.454 9.881   1.00 0.00 ? 0  FA7 A H7   2 
HETATM 645  H  H81  . FA7 C 3 .  ? -7.677 -6.741 7.791   1.00 0.00 ? 0  FA7 A H81  2 
HETATM 646  H  H82  . FA7 C 3 .  ? -8.260 -7.769 9.119   1.00 0.00 ? 0  FA7 A H82  2 
HETATM 647  H  H83  . FA7 C 3 .  ? -7.303 -8.484 7.801   1.00 0.00 ? 0  FA7 A H83  2 
HETATM 648  H  H91  . FA7 C 3 .  ? -6.703 -8.658 10.825  1.00 0.00 ? 0  FA7 A H91  2 
HETATM 649  H  H92  . FA7 C 3 .  ? -5.649 -9.390 9.593   1.00 0.00 ? 0  FA7 A H92  2 
HETATM 650  H  H93  . FA7 C 3 .  ? -4.966 -8.270 10.796  1.00 0.00 ? 0  FA7 A H93  2 
ATOM   651  N  N    . ASN A 1 1  ? 0.096  -2.740 8.120   1.00 0.00 ? 1  ASN A N    3 
ATOM   652  C  CA   . ASN A 1 1  ? 0.200  -1.738 7.022   1.00 0.00 ? 1  ASN A CA   3 
ATOM   653  C  C    . ASN A 1 1  ? 1.396  -2.018 6.060   1.00 0.00 ? 1  ASN A C    3 
ATOM   654  O  O    . ASN A 1 1  ? 2.553  -1.698 6.350   1.00 0.00 ? 1  ASN A O    3 
ATOM   655  C  CB   . ASN A 1 1  ? 0.289  -0.303 7.590   1.00 0.00 ? 1  ASN A CB   3 
ATOM   656  C  CG   . ASN A 1 1  ? -1.014 0.285  8.115   1.00 0.00 ? 1  ASN A CG   3 
ATOM   657  O  OD1  . ASN A 1 1  ? -1.941 0.536  7.355   1.00 0.00 ? 1  ASN A OD1  3 
ATOM   658  N  ND2  . ASN A 1 1  ? -1.129 0.541  9.393   1.00 0.00 ? 1  ASN A ND2  3 
ATOM   659  H  H2   . ASN A 1 1  ? 0.456  -4.779 9.818   1.00 0.00 ? 1  ASN A H2   3 
ATOM   660  H  HA   . ASN A 1 1  ? -0.736 -1.781 6.428   1.00 0.00 ? 1  ASN A HA   3 
ATOM   661  H  HB2  . ASN A 1 1  ? 1.116  -0.217 8.314   1.00 0.00 ? 1  ASN A HB2  3 
ATOM   662  H  HB3  . ASN A 1 1  ? 0.581  0.375  6.773   1.00 0.00 ? 1  ASN A HB3  3 
ATOM   663  H  HD21 . ASN A 1 1  ? -0.309 0.380  9.984   1.00 0.00 ? 1  ASN A HD21 3 
ATOM   664  H  HD22 . ASN A 1 1  ? -2.018 0.978  9.647   1.00 0.00 ? 1  ASN A HD22 3 
HETATM 665  N  N    . AHB A 1 2  ? 1.071  -2.576 4.887   1.00 0.00 ? 2  AHB A N    3 
HETATM 666  C  CA   . AHB A 1 2  ? 2.031  -2.683 3.747   1.00 0.00 ? 2  AHB A CA   3 
HETATM 667  C  CB   . AHB A 1 2  ? 1.911  -4.045 2.986   1.00 0.00 ? 2  AHB A CB   3 
HETATM 668  O  OB   . AHB A 1 2  ? 0.519  -4.237 2.614   1.00 0.00 ? 2  AHB A OB   3 
HETATM 669  C  CG   . AHB A 1 2  ? 2.473  -5.257 3.777   1.00 0.00 ? 2  AHB A CG   3 
HETATM 670  O  OD1  . AHB A 1 2  ? 3.404  -5.150 4.570   1.00 0.00 ? 2  AHB A OD1  3 
HETATM 671  N  ND2  . AHB A 1 2  ? 1.990  -6.464 3.563   1.00 0.00 ? 2  AHB A ND2  3 
HETATM 672  C  C    . AHB A 1 2  ? 1.814  -1.501 2.761   1.00 0.00 ? 2  AHB A C    3 
HETATM 673  O  O    . AHB A 1 2  ? 0.718  -0.940 2.656   1.00 0.00 ? 2  AHB A O    3 
HETATM 674  H  HA   . AHB A 1 2  ? 3.066  -2.611 4.137   1.00 0.00 ? 2  AHB A HA   3 
HETATM 675  H  HB   . AHB A 1 2  ? 2.551  -3.999 2.083   1.00 0.00 ? 2  AHB A HB   3 
HETATM 676  N  N    . GHP A 1 3  ? 2.866  -1.155 2.010   1.00 0.00 ? 3  GHP A N    3 
HETATM 677  C  CA   . GHP A 1 3  ? 2.791  -0.125 0.932   1.00 0.00 ? 3  GHP A CA   3 
HETATM 678  C  C    . GHP A 1 3  ? 4.076  0.749  1.026   1.00 0.00 ? 3  GHP A C    3 
HETATM 679  O  O    . GHP A 1 3  ? 5.169  0.359  0.608   1.00 0.00 ? 3  GHP A O    3 
HETATM 680  C  C1   . GHP A 1 3  ? 2.520  -0.637 -0.516  1.00 0.00 ? 3  GHP A C1   3 
HETATM 681  C  C2   . GHP A 1 3  ? 1.742  0.146  -1.382  1.00 0.00 ? 3  GHP A C2   3 
HETATM 682  C  C3   . GHP A 1 3  ? 1.353  -0.342 -2.628  1.00 0.00 ? 3  GHP A C3   3 
HETATM 683  C  C4   . GHP A 1 3  ? 1.761  -1.608 -3.033  1.00 0.00 ? 3  GHP A C4   3 
HETATM 684  O  O4   . GHP A 1 3  ? 1.324  -2.121 -4.223  1.00 0.00 ? 3  GHP A O4   3 
HETATM 685  C  C5   . GHP A 1 3  ? 2.575  -2.378 -2.210  1.00 0.00 ? 3  GHP A C5   3 
HETATM 686  C  C6   . GHP A 1 3  ? 2.960  -1.894 -0.963  1.00 0.00 ? 3  GHP A C6   3 
HETATM 687  H  H    . GHP A 1 3  ? 3.713  -1.707 2.172   1.00 0.00 ? 3  GHP A H    3 
HETATM 688  H  HA   . GHP A 1 3  ? 1.927  0.530  1.177   1.00 0.00 ? 3  GHP A HA   3 
HETATM 689  H  HC2  . GHP A 1 3  ? 1.410  1.130  -1.083  1.00 0.00 ? 3  GHP A HC2  3 
HETATM 690  H  HO4  . GHP A 1 3  ? 1.704  -2.996 -4.342  1.00 0.00 ? 3  GHP A HO4  3 
HETATM 691  H  H5   . GHP A 1 3  ? 2.889  -3.365 -2.517  1.00 0.00 ? 3  GHP A H5   3 
HETATM 692  H  H6   . GHP A 1 3  ? 3.563  -2.521 -0.325  1.00 0.00 ? 3  GHP A H6   3 
HETATM 693  N  N    . ORD A 1 4  ? 3.916  1.942  1.612   1.00 0.00 ? 4  ORD A N    3 
HETATM 694  C  CA   . ORD A 1 4  ? 4.964  2.998  1.671   1.00 0.00 ? 4  ORD A CA   3 
HETATM 695  C  CB   . ORD A 1 4  ? 4.382  4.041  2.670   1.00 0.00 ? 4  ORD A CB   3 
HETATM 696  C  CG   . ORD A 1 4  ? 5.354  5.143  3.149   1.00 0.00 ? 4  ORD A CG   3 
HETATM 697  C  CD   . ORD A 1 4  ? 4.674  6.107  4.138   1.00 0.00 ? 4  ORD A CD   3 
HETATM 698  N  NE   . ORD A 1 4  ? 5.641  7.134  4.587   1.00 0.00 ? 4  ORD A NE   3 
HETATM 699  O  O    . ORD A 1 4  ? 6.504  3.832  -0.028  1.00 0.00 ? 4  ORD A O    3 
HETATM 700  C  C    . ORD A 1 4  ? 5.330  3.635  0.286   1.00 0.00 ? 4  ORD A C    3 
HETATM 701  H  H    . ORD A 1 4  ? 2.925  2.196  1.765   1.00 0.00 ? 4  ORD A H    3 
HETATM 702  H  HA   . ORD A 1 4  ? 5.889  2.560  2.095   1.00 0.00 ? 4  ORD A HA   3 
HETATM 703  H  HB2  . ORD A 1 4  ? 3.478  4.503  2.219   1.00 0.00 ? 4  ORD A HB2  3 
HETATM 704  H  HB3  . ORD A 1 4  ? 3.994  3.521  3.564   1.00 0.00 ? 4  ORD A HB3  3 
HETATM 705  H  HG2  . ORD A 1 4  ? 6.237  4.666  3.618   1.00 0.00 ? 4  ORD A HG2  3 
HETATM 706  H  HG3  . ORD A 1 4  ? 5.739  5.700  2.271   1.00 0.00 ? 4  ORD A HG3  3 
HETATM 707  H  HD2  . ORD A 1 4  ? 4.276  5.546  5.009   1.00 0.00 ? 4  ORD A HD2  3 
HETATM 708  H  HD3  . ORD A 1 4  ? 3.793  6.588  3.664   1.00 0.00 ? 4  ORD A HD3  3 
HETATM 709  H  HE1  . ORD A 1 4  ? 6.012  7.680  3.800   1.00 0.00 ? 4  ORD A HE1  3 
HETATM 710  H  HE2  . ORD A 1 4  ? 6.453  6.714  5.055   1.00 0.00 ? 4  ORD A HE2  3 
HETATM 711  H  HE3  . ORD A 1 4  ? 5.230  7.804  5.249   1.00 0.00 ? 4  ORD A HE3  3 
HETATM 712  N  N    . 2TL A 1 5  ? 4.299  3.977  -0.498  1.00 0.00 ? 5  2TL A N    3 
HETATM 713  C  CA   . 2TL A 1 5  ? 4.427  4.464  -1.896  1.00 0.00 ? 5  2TL A CA   3 
HETATM 714  C  CB   . 2TL A 1 5  ? 4.220  6.010  -1.941  1.00 0.00 ? 5  2TL A CB   3 
HETATM 715  O  OG1  . 2TL A 1 5  ? 4.116  6.466  -3.285  1.00 0.00 ? 5  2TL A OG1  3 
HETATM 716  C  CG2  . 2TL A 1 5  ? 5.360  6.839  -1.329  1.00 0.00 ? 5  2TL A CG2  3 
HETATM 717  C  C    . 2TL A 1 5  ? 3.356  3.718  -2.757  1.00 0.00 ? 5  2TL A C    3 
HETATM 718  O  O    . 2TL A 1 5  ? 2.253  3.408  -2.287  1.00 0.00 ? 5  2TL A O    3 
HETATM 719  H  H    . 2TL A 1 5  ? 3.416  3.581  -0.155  1.00 0.00 ? 5  2TL A H    3 
HETATM 720  H  HA   . 2TL A 1 5  ? 5.433  4.227  -2.300  1.00 0.00 ? 5  2TL A HA   3 
HETATM 721  H  HB   . 2TL A 1 5  ? 3.280  6.249  -1.407  1.00 0.00 ? 5  2TL A HB   3 
HETATM 722  H  HG1  . 2TL A 1 5  ? 4.400  7.384  -3.272  1.00 0.00 ? 5  2TL A HG1  3 
HETATM 723  H  HG21 . 2TL A 1 5  ? 5.525  6.581  -0.267  1.00 0.00 ? 5  2TL A HG21 3 
HETATM 724  H  HG22 . 2TL A 1 5  ? 6.319  6.666  -1.853  1.00 0.00 ? 5  2TL A HG22 3 
HETATM 725  H  HG23 . 2TL A 1 5  ? 5.151  7.925  -1.363  1.00 0.00 ? 5  2TL A HG23 3 
HETATM 726  N  N    . D4P A 1 6  ? 3.671  3.486  -4.039  1.00 0.00 ? 6  D4P A N    3 
HETATM 727  C  CA   . D4P A 1 6  ? 2.673  3.047  -5.062  1.00 0.00 ? 6  D4P A CA   3 
HETATM 728  C  C    . D4P A 1 6  ? 2.815  1.556  -5.512  1.00 0.00 ? 6  D4P A C    3 
HETATM 729  O  O    . D4P A 1 6  ? 3.908  0.979  -5.497  1.00 0.00 ? 6  D4P A O    3 
HETATM 730  C  C1   . D4P A 1 6  ? 2.688  3.963  -6.325  1.00 0.00 ? 6  D4P A C1   3 
HETATM 731  C  C2   . D4P A 1 6  ? 3.843  4.126  -7.113  1.00 0.00 ? 6  D4P A C2   3 
HETATM 732  C  C3   . D4P A 1 6  ? 3.817  4.931  -8.249  1.00 0.00 ? 6  D4P A C3   3 
HETATM 733  C  C4   . D4P A 1 6  ? 2.645  5.586  -8.607  1.00 0.00 ? 6  D4P A C4   3 
HETATM 734  O  O4   . D4P A 1 6  ? 2.637  6.397  -9.708  1.00 0.00 ? 6  D4P A O4   3 
HETATM 735  C  C5   . D4P A 1 6  ? 1.491  5.422  -7.851  1.00 0.00 ? 6  D4P A C5   3 
HETATM 736  C  C6   . D4P A 1 6  ? 1.510  4.608  -6.725  1.00 0.00 ? 6  D4P A C6   3 
HETATM 737  H  H    . D4P A 1 6  ? 4.578  3.877  -4.316  1.00 0.00 ? 6  D4P A H    3 
HETATM 738  H  HA   . D4P A 1 6  ? 1.673  3.132  -4.598  1.00 0.00 ? 6  D4P A HA   3 
HETATM 739  H  H4   . D4P A 1 6  ? 1.884  7.006  -9.649  1.00 0.00 ? 6  D4P A H4   3 
HETATM 740  H  H5   . D4P A 1 6  ? 0.575  5.920  -8.130  1.00 0.00 ? 6  D4P A H5   3 
HETATM 741  H  H6   . D4P A 1 6  ? 0.596  4.494  -6.161  1.00 0.00 ? 6  D4P A H6   3 
HETATM 742  N  N    . GHP A 1 7  ? 1.725  0.980  -6.060  1.00 0.00 ? 7  GHP A N    3 
HETATM 743  C  CA   . GHP A 1 7  ? 1.851  -0.075 -7.112  1.00 0.00 ? 7  GHP A CA   3 
HETATM 744  C  C    . GHP A 1 7  ? 0.526  -0.864 -7.345  1.00 0.00 ? 7  GHP A C    3 
HETATM 745  O  O    . GHP A 1 7  ? -0.522 -0.297 -7.668  1.00 0.00 ? 7  GHP A O    3 
HETATM 746  C  C1   . GHP A 1 7  ? 2.400  0.461  -8.472  1.00 0.00 ? 7  GHP A C1   3 
HETATM 747  C  C2   . GHP A 1 7  ? 1.769  1.515  -9.155  1.00 0.00 ? 7  GHP A C2   3 
HETATM 748  C  C3   . GHP A 1 7  ? 2.327  2.042  -10.315 1.00 0.00 ? 7  GHP A C3   3 
HETATM 749  C  C4   . GHP A 1 7  ? 3.519  1.522  -10.809 1.00 0.00 ? 7  GHP A C4   3 
HETATM 750  O  O4   . GHP A 1 7  ? 4.069  2.054  -11.943 1.00 0.00 ? 7  GHP A O4   3 
HETATM 751  C  C5   . GHP A 1 7  ? 4.153  0.473  -10.149 1.00 0.00 ? 7  GHP A C5   3 
HETATM 752  C  C6   . GHP A 1 7  ? 3.598  -0.055 -8.986  1.00 0.00 ? 7  GHP A C6   3 
HETATM 753  H  H    . GHP A 1 7  ? 0.868  1.539  -5.943  1.00 0.00 ? 7  GHP A H    3 
HETATM 754  H  HA   . GHP A 1 7  ? 2.575  -0.811 -6.702  1.00 0.00 ? 7  GHP A HA   3 
HETATM 755  H  HC2  . GHP A 1 7  ? 0.857  1.948  -8.767  1.00 0.00 ? 7  GHP A HC2  3 
HETATM 756  H  HO4  . GHP A 1 7  ? 4.900  1.610  -12.124 1.00 0.00 ? 7  GHP A HO4  3 
HETATM 757  H  H5   . GHP A 1 7  ? 5.083  0.072  -10.526 1.00 0.00 ? 7  GHP A H5   3 
HETATM 758  H  H6   . GHP A 1 7  ? 4.119  -0.852 -8.475  1.00 0.00 ? 7  GHP A H6   3 
HETATM 759  N  N    . ALO A 1 8  ? 0.595  -2.196 -7.173  1.00 0.00 ? 8  ALO A N    3 
HETATM 760  C  CA   . ALO A 1 8  ? -0.574 -3.126 -7.225  1.00 0.00 ? 8  ALO A CA   3 
HETATM 761  C  CB   . ALO A 1 8  ? -0.012 -4.552 -6.897  1.00 0.00 ? 8  ALO A CB   3 
HETATM 762  C  CG2  . ALO A 1 8  ? -1.015 -5.704 -7.048  1.00 0.00 ? 8  ALO A CG2  3 
HETATM 763  O  OG1  . ALO A 1 8  ? 0.481  -4.632 -5.560  1.00 0.00 ? 8  ALO A OG1  3 
HETATM 764  C  C    . ALO A 1 8  ? -1.824 -2.727 -6.369  1.00 0.00 ? 8  ALO A C    3 
HETATM 765  O  O    . ALO A 1 8  ? -2.934 -2.610 -6.899  1.00 0.00 ? 8  ALO A O    3 
HETATM 766  H  H    . ALO A 1 8  ? 1.506  -2.531 -6.850  1.00 0.00 ? 8  ALO A H    3 
HETATM 767  H  HA   . ALO A 1 8  ? -0.921 -3.139 -8.274  1.00 0.00 ? 8  ALO A HA   3 
HETATM 768  H  HB   . ALO A 1 8  ? 0.831  -4.767 -7.585  1.00 0.00 ? 8  ALO A HB   3 
HETATM 769  H  HG21 . ALO A 1 8  ? -1.418 -5.758 -8.077  1.00 0.00 ? 8  ALO A HG21 3 
HETATM 770  H  HG22 . ALO A 1 8  ? -0.543 -6.683 -6.841  1.00 0.00 ? 8  ALO A HG22 3 
HETATM 771  H  HG23 . ALO A 1 8  ? -1.882 -5.608 -6.367  1.00 0.00 ? 8  ALO A HG23 3 
HETATM 772  H  HG1  . ALO A 1 8  ? -0.164 -5.167 -5.086  1.00 0.00 ? 8  ALO A HG1  3 
ATOM   773  N  N    . PHE A 1 9  ? -1.622 -2.511 -5.063  1.00 0.00 ? 9  PHE A N    3 
ATOM   774  C  CA   . PHE A 1 9  ? -2.708 -2.153 -4.107  1.00 0.00 ? 9  PHE A CA   3 
ATOM   775  C  C    . PHE A 1 9  ? -3.186 -0.663 -4.133  1.00 0.00 ? 9  PHE A C    3 
ATOM   776  O  O    . PHE A 1 9  ? -4.340 -0.393 -3.790  1.00 0.00 ? 9  PHE A O    3 
ATOM   777  C  CB   . PHE A 1 9  ? -2.245 -2.571 -2.690  1.00 0.00 ? 9  PHE A CB   3 
ATOM   778  C  CG   . PHE A 1 9  ? -2.043 -4.078 -2.451  1.00 0.00 ? 9  PHE A CG   3 
ATOM   779  C  CD1  . PHE A 1 9  ? -3.145 -4.904 -2.210  1.00 0.00 ? 9  PHE A CD1  3 
ATOM   780  C  CD2  . PHE A 1 9  ? -0.756 -4.625 -2.427  1.00 0.00 ? 9  PHE A CD2  3 
ATOM   781  C  CE1  . PHE A 1 9  ? -2.961 -6.259 -1.943  1.00 0.00 ? 9  PHE A CE1  3 
ATOM   782  C  CE2  . PHE A 1 9  ? -0.574 -5.980 -2.159  1.00 0.00 ? 9  PHE A CE2  3 
ATOM   783  C  CZ   . PHE A 1 9  ? -1.676 -6.795 -1.918  1.00 0.00 ? 9  PHE A CZ   3 
ATOM   784  H  H    . PHE A 1 9  ? -0.633 -2.562 -4.784  1.00 0.00 ? 9  PHE A H    3 
ATOM   785  H  HA   . PHE A 1 9  ? -3.608 -2.754 -4.347  1.00 0.00 ? 9  PHE A HA   3 
ATOM   786  H  HB2  . PHE A 1 9  ? -1.333 -2.012 -2.403  1.00 0.00 ? 9  PHE A HB2  3 
ATOM   787  H  HB3  . PHE A 1 9  ? -2.994 -2.212 -1.964  1.00 0.00 ? 9  PHE A HB3  3 
ATOM   788  H  HD1  . PHE A 1 9  ? -4.145 -4.495 -2.208  1.00 0.00 ? 9  PHE A HD1  3 
ATOM   789  H  HD2  . PHE A 1 9  ? 0.108  -3.997 -2.580  1.00 0.00 ? 9  PHE A HD2  3 
ATOM   790  H  HE1  . PHE A 1 9  ? -3.816 -6.890 -1.742  1.00 0.00 ? 9  PHE A HE1  3 
ATOM   791  H  HE2  . PHE A 1 9  ? 0.425  -6.392 -2.112  1.00 0.00 ? 9  PHE A HE2  3 
ATOM   792  H  HZ   . PHE A 1 9  ? -1.532 -7.841 -1.685  1.00 0.00 ? 9  PHE A HZ   3 
HETATM 793  N  N    . ORD A 1 10 ? -2.338 0.285  -4.569  1.00 0.00 ? 10 ORD A N    3 
HETATM 794  C  CA   . ORD A 1 10 ? -2.763 1.668  -4.909  1.00 0.00 ? 10 ORD A CA   3 
HETATM 795  C  CB   . ORD A 1 10 ? -2.954 1.815  -6.447  1.00 0.00 ? 10 ORD A CB   3 
HETATM 796  C  CG   . ORD A 1 10 ? -4.043 0.930  -7.103  1.00 0.00 ? 10 ORD A CG   3 
HETATM 797  C  CD   . ORD A 1 10 ? -3.985 0.938  -8.639  1.00 0.00 ? 10 ORD A CD   3 
HETATM 798  N  NE   . ORD A 1 10 ? -4.925 -0.075 -9.169  1.00 0.00 ? 10 ORD A NE   3 
HETATM 799  O  O    . ORD A 1 10 ? -0.540 2.582  -5.019  1.00 0.00 ? 10 ORD A O    3 
HETATM 800  C  C    . ORD A 1 10 ? -1.636 2.631  -4.457  1.00 0.00 ? 10 ORD A C    3 
HETATM 801  H  H    . ORD A 1 10 ? -1.479 -0.119 -4.961  1.00 0.00 ? 10 ORD A H    3 
HETATM 802  H  HA   . ORD A 1 10 ? -3.713 1.933  -4.400  1.00 0.00 ? 10 ORD A HA   3 
HETATM 803  H  HB2  . ORD A 1 10 ? -3.128 2.886  -6.668  1.00 0.00 ? 10 ORD A HB2  3 
HETATM 804  H  HB3  . ORD A 1 10 ? -1.984 1.609  -6.933  1.00 0.00 ? 10 ORD A HB3  3 
HETATM 805  H  HG2  . ORD A 1 10 ? -3.911 -0.111 -6.751  1.00 0.00 ? 10 ORD A HG2  3 
HETATM 806  H  HG3  . ORD A 1 10 ? -5.044 1.237  -6.738  1.00 0.00 ? 10 ORD A HG3  3 
HETATM 807  H  HD2  . ORD A 1 10 ? -4.229 1.947  -9.032  1.00 0.00 ? 10 ORD A HD2  3 
HETATM 808  H  HD3  . ORD A 1 10 ? -2.954 0.714  -8.984  1.00 0.00 ? 10 ORD A HD3  3 
HETATM 809  H  HE1  . ORD A 1 10 ? -4.686 -1.014 -8.825  1.00 0.00 ? 10 ORD A HE1  3 
HETATM 810  H  HE2  . ORD A 1 10 ? -5.891 0.104  -8.871  1.00 0.00 ? 10 ORD A HE2  3 
HETATM 811  H  HE3  . ORD A 1 10 ? -4.928 -0.124 -10.195 1.00 0.00 ? 10 ORD A HE3  3 
HETATM 812  N  N    . D4P A 1 11 ? -1.894 3.512  -3.479  1.00 0.00 ? 11 D4P A N    3 
HETATM 813  C  CA   . D4P A 1 11 ? -0.866 4.471  -2.979  1.00 0.00 ? 11 D4P A CA   3 
HETATM 814  C  C    . D4P A 1 11 ? -1.055 4.757  -1.462  1.00 0.00 ? 11 D4P A C    3 
HETATM 815  O  O    . D4P A 1 11 ? -2.114 5.217  -1.026  1.00 0.00 ? 11 D4P A O    3 
HETATM 816  C  C1   . D4P A 1 11 ? -0.674 5.815  -3.741  1.00 0.00 ? 11 D4P A C1   3 
HETATM 817  C  C2   . D4P A 1 11 ? 0.625  6.310  -3.916  1.00 0.00 ? 11 D4P A C2   3 
HETATM 818  C  C3   . D4P A 1 11 ? 0.848  7.473  -4.644  1.00 0.00 ? 11 D4P A C3   3 
HETATM 819  C  C4   . D4P A 1 11 ? -0.219 8.181  -5.191  1.00 0.00 ? 11 D4P A C4   3 
HETATM 820  O  O4   . D4P A 1 11 ? 0.139  9.294  -5.950  1.00 0.00 ? 11 D4P A O4   3 
HETATM 821  C  C5   . D4P A 1 11 ? -1.526 7.715  -4.988  1.00 0.00 ? 11 D4P A C5   3 
HETATM 822  C  C6   . D4P A 1 11 ? -1.750 6.542  -4.269  1.00 0.00 ? 11 D4P A C6   3 
HETATM 823  H  H    . D4P A 1 11 ? -2.795 3.393  -3.011  1.00 0.00 ? 11 D4P A H    3 
HETATM 824  H  HA   . D4P A 1 11 ? 0.088  3.927  -3.084  1.00 0.00 ? 11 D4P A HA   3 
HETATM 825  H  H1   . D4P A 1 11 ? 1.477  5.778  -3.522  1.00 0.00 ? 11 D4P A H1   3 
HETATM 826  H  H3   . D4P A 1 11 ? 1.859  7.818  -4.799  1.00 0.00 ? 11 D4P A H3   3 
HETATM 827  H  H5   . D4P A 1 11 ? -2.374 8.249  -5.389  1.00 0.00 ? 11 D4P A H5   3 
HETATM 828  H  H6   . D4P A 1 11 ? -2.763 6.191  -4.133  1.00 0.00 ? 11 D4P A H6   3 
HETATM 829  N  N    . 2TL A 1 12 ? 0.002  4.510  -0.671  1.00 0.00 ? 12 2TL A N    3 
HETATM 830  C  CA   . 2TL A 1 12 ? 0.055  4.903  0.768   1.00 0.00 ? 12 2TL A CA   3 
HETATM 831  C  CB   . 2TL A 1 12 ? 1.147  5.993  1.002   1.00 0.00 ? 12 2TL A CB   3 
HETATM 832  O  OG1  . 2TL A 1 12 ? 1.269  6.299  2.387   1.00 0.00 ? 12 2TL A OG1  3 
HETATM 833  C  CG2  . 2TL A 1 12 ? 0.869  7.335  0.307   1.00 0.00 ? 12 2TL A CG2  3 
HETATM 834  C  C    . 2TL A 1 12 ? 0.314  3.632  1.628   1.00 0.00 ? 12 2TL A C    3 
HETATM 835  O  O    . 2TL A 1 12 ? 1.354  2.981  1.496   1.00 0.00 ? 12 2TL A O    3 
HETATM 836  H  H    . 2TL A 1 12 ? 0.787  4.046  -1.153  1.00 0.00 ? 12 2TL A H    3 
HETATM 837  H  HA   . 2TL A 1 12 ? -0.908 5.353  1.084   1.00 0.00 ? 12 2TL A HA   3 
HETATM 838  H  HB   . 2TL A 1 12 ? 2.122  5.612  0.645   1.00 0.00 ? 12 2TL A HB   3 
HETATM 839  H  HG1  . 2TL A 1 12 ? 0.543  6.896  2.585   1.00 0.00 ? 12 2TL A HG1  3 
HETATM 840  H  HG21 . 2TL A 1 12 ? -0.103 7.771  0.606   1.00 0.00 ? 12 2TL A HG21 3 
HETATM 841  H  HG22 . 2TL A 1 12 ? 1.653  8.081  0.533   1.00 0.00 ? 12 2TL A HG22 3 
HETATM 842  H  HG23 . 2TL A 1 12 ? 0.845  7.226  -0.794  1.00 0.00 ? 12 2TL A HG23 3 
HETATM 843  N  N    . D4P A 1 13 ? -0.625 3.293  2.523   1.00 0.00 ? 13 D4P A N    3 
HETATM 844  C  CA   . D4P A 1 13 ? -0.485 2.137  3.461   1.00 0.00 ? 13 D4P A CA   3 
HETATM 845  C  C    . D4P A 1 13 ? -1.899 1.663  3.916   1.00 0.00 ? 13 D4P A C    3 
HETATM 846  O  O    . D4P A 1 13 ? -2.739 2.499  4.272   1.00 0.00 ? 13 D4P A O    3 
HETATM 847  C  C1   . D4P A 1 13 ? 0.479  2.392  4.655   1.00 0.00 ? 13 D4P A C1   3 
HETATM 848  C  C2   . D4P A 1 13 ? 0.149  3.269  5.703   1.00 0.00 ? 13 D4P A C2   3 
HETATM 849  C  C3   . D4P A 1 13 ? 1.055  3.517  6.731   1.00 0.00 ? 13 D4P A C3   3 
HETATM 850  C  C4   . D4P A 1 13 ? 2.306  2.906  6.716   1.00 0.00 ? 13 D4P A C4   3 
HETATM 851  O  O4   . D4P A 1 13 ? 3.200  3.148  7.723   1.00 0.00 ? 13 D4P A O4   3 
HETATM 852  C  C5   . D4P A 1 13 ? 2.651  2.042  5.683   1.00 0.00 ? 13 D4P A C5   3 
HETATM 853  C  C6   . D4P A 1 13 ? 1.746  1.791  4.655   1.00 0.00 ? 13 D4P A C6   3 
HETATM 854  H  H    . D4P A 1 13 ? -1.498 3.827  2.452   1.00 0.00 ? 13 D4P A H    3 
HETATM 855  H  HA   . D4P A 1 13 ? -0.084 1.300  2.866   1.00 0.00 ? 13 D4P A HA   3 
HETATM 856  H  H4   . D4P A 1 13 ? 2.761  3.634  8.425   1.00 0.00 ? 13 D4P A H4   3 
HETATM 857  H  H5   . D4P A 1 13 ? 3.618  1.561  5.684   1.00 0.00 ? 13 D4P A H5   3 
HETATM 858  H  H6   . D4P A 1 13 ? 2.041  1.128  3.857   1.00 0.00 ? 13 D4P A H6   3 
ATOM   859  N  N    . GLY A 1 14 ? -2.187 0.346  3.883   1.00 0.00 ? 14 GLY A N    3 
ATOM   860  C  CA   . GLY A 1 14 ? -3.594 -0.116 4.057   1.00 0.00 ? 14 GLY A CA   3 
ATOM   861  C  C    . GLY A 1 14 ? -3.914 -1.581 4.375   1.00 0.00 ? 14 GLY A C    3 
ATOM   862  O  O    . GLY A 1 14 ? -4.775 -2.180 3.733   1.00 0.00 ? 14 GLY A O    3 
ATOM   863  H  H    . GLY A 1 14 ? -1.402 -0.263 3.614   1.00 0.00 ? 14 GLY A H    3 
ATOM   864  H  HA2  . GLY A 1 14 ? -4.080 0.473  4.852   1.00 0.00 ? 14 GLY A HA2  3 
ATOM   865  H  HA3  . GLY A 1 14 ? -4.151 0.143  3.143   1.00 0.00 ? 14 GLY A HA3  3 
ATOM   866  N  N    . LEU A 1 15 ? -3.319 -2.097 5.452   1.00 0.00 ? 15 LEU A N    3 
ATOM   867  C  CA   . LEU A 1 15 ? -3.826 -3.292 6.196   1.00 0.00 ? 15 LEU A CA   3 
ATOM   868  C  C    . LEU A 1 15 ? -3.921 -4.613 5.360   1.00 0.00 ? 15 LEU A C    3 
ATOM   869  O  O    . LEU A 1 15 ? -4.981 -4.995 4.855   1.00 0.00 ? 15 LEU A O    3 
ATOM   870  C  CB   . LEU A 1 15 ? -5.123 -2.993 7.015   1.00 0.00 ? 15 LEU A CB   3 
ATOM   871  C  CG   . LEU A 1 15 ? -5.089 -1.965 8.182   1.00 0.00 ? 15 LEU A CG   3 
ATOM   872  C  CD1  . LEU A 1 15 ? -3.914 -2.179 9.154   1.00 0.00 ? 15 LEU A CD1  3 
ATOM   873  C  CD2  . LEU A 1 15 ? -5.140 -0.503 7.708   1.00 0.00 ? 15 LEU A CD2  3 
ATOM   874  H  H    . LEU A 1 15 ? -2.750 -1.373 5.898   1.00 0.00 ? 15 LEU A H    3 
ATOM   875  H  HA   . LEU A 1 15 ? -3.054 -3.495 6.958   1.00 0.00 ? 15 LEU A HA   3 
ATOM   876  H  HB2  . LEU A 1 15 ? -5.937 -2.729 6.314   1.00 0.00 ? 15 LEU A HB2  3 
ATOM   877  H  HB3  . LEU A 1 15 ? -5.462 -3.949 7.455   1.00 0.00 ? 15 LEU A HB3  3 
ATOM   878  H  HG   . LEU A 1 15 ? -6.019 -2.128 8.764   1.00 0.00 ? 15 LEU A HG   3 
ATOM   879  H  HD11 . LEU A 1 15 ? -3.866 -3.223 9.514   1.00 0.00 ? 15 LEU A HD11 3 
ATOM   880  H  HD12 . LEU A 1 15 ? -2.940 -1.946 8.688   1.00 0.00 ? 15 LEU A HD12 3 
ATOM   881  H  HD13 . LEU A 1 15 ? -4.004 -1.535 10.049  1.00 0.00 ? 15 LEU A HD13 3 
ATOM   882  H  HD21 . LEU A 1 15 ? -5.997 -0.320 7.033   1.00 0.00 ? 15 LEU A HD21 3 
ATOM   883  H  HD22 . LEU A 1 15 ? -5.251 0.197  8.557   1.00 0.00 ? 15 LEU A HD22 3 
ATOM   884  H  HD23 . LEU A 1 15 ? -4.234 -0.198 7.166   1.00 0.00 ? 15 LEU A HD23 3 
HETATM 885  N  N    . DAL A 1 16 ? -2.776 -5.285 5.197   1.00 0.00 ? 16 DAL A N    3 
HETATM 886  C  CA   . DAL A 1 16 ? -2.601 -6.367 4.191   1.00 0.00 ? 16 DAL A CA   3 
HETATM 887  C  CB   . DAL A 1 16 ? -1.561 -7.303 4.839   1.00 0.00 ? 16 DAL A CB   3 
HETATM 888  C  C    . DAL A 1 16 ? -2.164 -5.907 2.754   1.00 0.00 ? 16 DAL A C    3 
HETATM 889  O  O    . DAL A 1 16 ? -1.840 -6.743 1.906   1.00 0.00 ? 16 DAL A O    3 
HETATM 890  H  H    . DAL A 1 16 ? -1.961 -4.855 5.667   1.00 0.00 ? 16 DAL A H    3 
HETATM 891  H  HA   . DAL A 1 16 ? -3.546 -6.931 4.061   1.00 0.00 ? 16 DAL A HA   3 
HETATM 892  H  HB1  . DAL A 1 16 ? -1.896 -7.685 5.824   1.00 0.00 ? 16 DAL A HB1  3 
HETATM 893  H  HB2  . DAL A 1 16 ? -1.371 -8.192 4.209   1.00 0.00 ? 16 DAL A HB2  3 
HETATM 894  H  HB3  . DAL A 1 16 ? -0.584 -6.807 4.999   1.00 0.00 ? 16 DAL A HB3  3 
HETATM 895  N  N    . CHP A 1 17 ? -2.122 -4.590 2.477   1.00 0.00 ? 17 CHP A N    3 
HETATM 896  C  CA   . CHP A 1 17 ? -1.516 -4.010 1.242   1.00 0.00 ? 17 CHP A CA   3 
HETATM 897  C  C    . CHP A 1 17 ? 0.052  -4.043 1.315   1.00 0.00 ? 17 CHP A C    3 
HETATM 898  O  O    . CHP A 1 17 ? 0.769  -3.907 0.322   1.00 0.00 ? 17 CHP A O    3 
HETATM 899  C  C1   . CHP A 1 17 ? -2.173 -2.628 0.886   1.00 0.00 ? 17 CHP A C1   3 
HETATM 900  C  C2   . CHP A 1 17 ? -1.451 -1.477 0.525   1.00 0.00 ? 17 CHP A C2   3 
HETATM 901  C  C3   . CHP A 1 17 ? -2.104 -0.280 0.235   1.00 0.00 ? 17 CHP A C3   3 
HETATM 902  CL CL3  . CHP A 1 17 ? -1.189 1.150  -0.221  1.00 0.00 ? 17 CHP A CL3  3 
HETATM 903  C  C4   . CHP A 1 17 ? -3.492 -0.211 0.313   1.00 0.00 ? 17 CHP A C4   3 
HETATM 904  O  O4   . CHP A 1 17 ? -4.146 0.975  0.102   1.00 0.00 ? 17 CHP A O4   3 
HETATM 905  C  C5   . CHP A 1 17 ? -4.225 -1.337 0.659   1.00 0.00 ? 17 CHP A C5   3 
HETATM 906  C  C6   . CHP A 1 17 ? -3.577 -2.539 0.908   1.00 0.00 ? 17 CHP A C6   3 
HETATM 907  H  H    . CHP A 1 17 ? -2.352 -3.986 3.278   1.00 0.00 ? 17 CHP A H    3 
HETATM 908  H  HA   . CHP A 1 17 ? -1.770 -4.673 0.397   1.00 0.00 ? 17 CHP A HA   3 
HETATM 909  H  HC2  . CHP A 1 17 ? -0.376 -1.506 0.478   1.00 0.00 ? 17 CHP A HC2  3 
HETATM 910  H  HO4  . CHP A 1 17 ? -3.496 1.662  -0.071  1.00 0.00 ? 17 CHP A HO4  3 
HETATM 911  H  H5   . CHP A 1 17 ? -5.288 -1.269 0.821   1.00 0.00 ? 17 CHP A H5   3 
HETATM 912  H  H6   . CHP A 1 17 ? -4.166 -3.390 1.225   1.00 0.00 ? 17 CHP A H6   3 
HETATM 913  C  C1   . MAN B 2 .  ? -0.776 10.315 -6.422  1.00 0.00 ? 1  MAN B C1   3 
HETATM 914  C  C2   . MAN B 2 .  ? -0.102 11.076 -7.601  1.00 0.00 ? 1  MAN B C2   3 
HETATM 915  C  C3   . MAN B 2 .  ? -0.892 12.359 -7.966  1.00 0.00 ? 1  MAN B C3   3 
HETATM 916  C  C4   . MAN B 2 .  ? -1.233 13.235 -6.733  1.00 0.00 ? 1  MAN B C4   3 
HETATM 917  C  C5   . MAN B 2 .  ? -1.837 12.420 -5.547  1.00 0.00 ? 1  MAN B C5   3 
HETATM 918  C  C6   . MAN B 2 .  ? -3.340 12.085 -5.675  1.00 0.00 ? 1  MAN B C6   3 
HETATM 919  O  O2   . MAN B 2 .  ? -0.049 10.241 -8.794  1.00 0.00 ? 1  MAN B O2   3 
HETATM 920  O  O3   . MAN B 2 .  ? -2.086 11.998 -8.655  1.00 0.00 ? 1  MAN B O3   3 
HETATM 921  O  O4   . MAN B 2 .  ? -0.027 13.864 -6.301  1.00 0.00 ? 1  MAN B O4   3 
HETATM 922  O  O5   . MAN B 2 .  ? -1.065 11.207 -5.301  1.00 0.00 ? 1  MAN B O5   3 
HETATM 923  O  O6   . MAN B 2 .  ? -4.136 13.270 -5.670  1.00 0.00 ? 1  MAN B O6   3 
HETATM 924  H  H2   . MAN B 2 .  ? 0.913  11.386 -7.286  1.00 0.00 ? 1  MAN B H2   3 
HETATM 925  H  H4   . MAN B 2 .  ? -1.944 14.025 -7.043  1.00 0.00 ? 1  MAN B H4   3 
HETATM 926  H  H5   . MAN B 2 .  ? -1.742 13.041 -4.637  1.00 0.00 ? 1  MAN B H5   3 
HETATM 927  H  H61  . MAN B 2 .  ? -3.650 11.422 -4.845  1.00 0.00 ? 1  MAN B H61  3 
HETATM 928  H  H62  . MAN B 2 .  ? -3.536 11.516 -6.601  1.00 0.00 ? 1  MAN B H62  3 
HETATM 929  H  HO3  . MAN B 2 .  ? -1.824 11.274 -9.234  1.00 0.00 ? 1  MAN B HO3  3 
HETATM 930  H  HO4  . MAN B 2 .  ? -0.231 14.336 -5.491  1.00 0.00 ? 1  MAN B HO4  3 
HETATM 931  H  HO6  . MAN B 2 .  ? -4.077 13.655 -4.792  1.00 0.00 ? 1  MAN B HO6  3 
HETATM 932  C  C1   . MAN B 2 .  ? 1.089  9.351  -8.967  1.00 0.00 ? 2  MAN B C1   3 
HETATM 933  C  C2   . MAN B 2 .  ? 2.163  9.997  -9.883  1.00 0.00 ? 2  MAN B C2   3 
HETATM 934  C  C3   . MAN B 2 .  ? 1.721  10.020 -11.368 1.00 0.00 ? 2  MAN B C3   3 
HETATM 935  C  C4   . MAN B 2 .  ? 1.193  8.650  -11.858 1.00 0.00 ? 2  MAN B C4   3 
HETATM 936  C  C5   . MAN B 2 .  ? 0.095  8.120  -10.898 1.00 0.00 ? 2  MAN B C5   3 
HETATM 937  C  C6   . MAN B 2 .  ? -0.389 6.705  -11.246 1.00 0.00 ? 2  MAN B C6   3 
HETATM 938  O  O2   . MAN B 2 .  ? 3.378  9.261  -9.779  1.00 0.00 ? 2  MAN B O2   3 
HETATM 939  O  O3   . MAN B 2 .  ? 2.818  10.412 -12.189 1.00 0.00 ? 2  MAN B O3   3 
HETATM 940  O  O4   . MAN B 2 .  ? 0.677  8.816  -13.174 1.00 0.00 ? 2  MAN B O4   3 
HETATM 941  O  O5   . MAN B 2 .  ? 0.617  8.089  -9.533  1.00 0.00 ? 2  MAN B O5   3 
HETATM 942  O  O6   . MAN B 2 .  ? -1.362 6.299  -10.290 1.00 0.00 ? 2  MAN B O6   3 
HETATM 943  H  H1   . MAN B 2 .  ? 1.560  9.121  -7.992  1.00 0.00 ? 2  MAN B H1   3 
HETATM 944  H  H2   . MAN B 2 .  ? 2.353  11.031 -9.536  1.00 0.00 ? 2  MAN B H2   3 
HETATM 945  H  H3   . MAN B 2 .  ? 0.906  10.763 -11.478 1.00 0.00 ? 2  MAN B H3   3 
HETATM 946  H  H4   . MAN B 2 .  ? 2.031  7.925  -11.889 1.00 0.00 ? 2  MAN B H4   3 
HETATM 947  H  H5   . MAN B 2 .  ? -0.778 8.802  -10.941 1.00 0.00 ? 2  MAN B H5   3 
HETATM 948  H  H61  . MAN B 2 .  ? 0.455  5.989  -11.251 1.00 0.00 ? 2  MAN B H61  3 
HETATM 949  H  H62  . MAN B 2 .  ? -0.824 6.679  -12.264 1.00 0.00 ? 2  MAN B H62  3 
HETATM 950  H  HO2  . MAN B 2 .  ? 3.690  9.174  -10.686 1.00 0.00 ? 2  MAN B HO2  3 
HETATM 951  H  HO3  . MAN B 2 .  ? 3.056  11.306 -11.925 1.00 0.00 ? 2  MAN B HO3  3 
HETATM 952  H  HO4  . MAN B 2 .  ? 1.349  9.322  -13.642 1.00 0.00 ? 2  MAN B HO4  3 
HETATM 953  H  HO6  . MAN B 2 .  ? -1.111 6.742  -9.472  1.00 0.00 ? 2  MAN B HO6  3 
HETATM 954  C  C1   . FA7 C 3 .  ? -0.324 -3.992 7.908   1.00 0.00 ? 0  FA7 A C1   3 
HETATM 955  O  O    . FA7 C 3 .  ? -0.648 -4.393 6.787   1.00 0.00 ? 0  FA7 A O    3 
HETATM 956  C  C2   . FA7 C 3 .  ? -0.373 -4.902 9.120   1.00 0.00 ? 0  FA7 A C2   3 
HETATM 957  C  C3   . FA7 C 3 .  ? -1.273 -5.845 9.451   1.00 0.00 ? 0  FA7 A C3   3 
HETATM 958  C  C4   . FA7 C 3 .  ? -2.388 -6.167 8.776   1.00 0.00 ? 0  FA7 A C4   3 
HETATM 959  C  C5   . FA7 C 3 .  ? -3.244 -7.133 9.137   1.00 0.00 ? 0  FA7 A C5   3 
HETATM 960  C  C6   . FA7 C 3 .  ? -4.505 -7.461 8.359   1.00 0.00 ? 0  FA7 A C6   3 
HETATM 961  C  C7   . FA7 C 3 .  ? -5.778 -6.838 8.966   1.00 0.00 ? 0  FA7 A C7   3 
HETATM 962  C  C8   . FA7 C 3 .  ? -6.256 -7.514 10.263  1.00 0.00 ? 0  FA7 A C8   3 
HETATM 963  C  C9   . FA7 C 3 .  ? -6.911 -6.917 7.928   1.00 0.00 ? 0  FA7 A C9   3 
HETATM 964  H  H3   . FA7 C 3 .  ? -1.054 -6.395 10.369  1.00 0.00 ? 0  FA7 A H3   3 
HETATM 965  H  H4   . FA7 C 3 .  ? -2.630 -5.615 7.871   1.00 0.00 ? 0  FA7 A H4   3 
HETATM 966  H  H5   . FA7 C 3 .  ? -3.062 -7.715 10.041  1.00 0.00 ? 0  FA7 A H5   3 
HETATM 967  H  H61  . FA7 C 3 .  ? -4.406 -7.126 7.307   1.00 0.00 ? 0  FA7 A H61  3 
HETATM 968  H  H62  . FA7 C 3 .  ? -4.618 -8.559 8.284   1.00 0.00 ? 0  FA7 A H62  3 
HETATM 969  H  H7   . FA7 C 3 .  ? -5.572 -5.792 9.195   1.00 0.00 ? 0  FA7 A H7   3 
HETATM 970  H  H81  . FA7 C 3 .  ? -6.476 -8.587 10.109  1.00 0.00 ? 0  FA7 A H81  3 
HETATM 971  H  H82  . FA7 C 3 .  ? -7.180 -7.042 10.646  1.00 0.00 ? 0  FA7 A H82  3 
HETATM 972  H  H83  . FA7 C 3 .  ? -5.499 -7.443 11.067  1.00 0.00 ? 0  FA7 A H83  3 
HETATM 973  H  H91  . FA7 C 3 .  ? -7.818 -6.479 8.345   1.00 0.00 ? 0  FA7 A H91  3 
HETATM 974  H  H92  . FA7 C 3 .  ? -6.622 -6.367 7.032   1.00 0.00 ? 0  FA7 A H92  3 
HETATM 975  H  H93  . FA7 C 3 .  ? -7.096 -7.959 7.671   1.00 0.00 ? 0  FA7 A H93  3 
ATOM   976  N  N    . ASN A 1 1  ? 0.032  -2.688 8.094   1.00 0.00 ? 1  ASN A N    4 
ATOM   977  C  CA   . ASN A 1 1  ? 0.138  -1.634 7.043   1.00 0.00 ? 1  ASN A CA   4 
ATOM   978  C  C    . ASN A 1 1  ? 1.319  -1.897 6.056   1.00 0.00 ? 1  ASN A C    4 
ATOM   979  O  O    . ASN A 1 1  ? 2.477  -1.555 6.316   1.00 0.00 ? 1  ASN A O    4 
ATOM   980  C  CB   . ASN A 1 1  ? 0.271  -0.229 7.679   1.00 0.00 ? 1  ASN A CB   4 
ATOM   981  C  CG   . ASN A 1 1  ? -0.987 0.355  8.307   1.00 0.00 ? 1  ASN A CG   4 
ATOM   982  O  OD1  . ASN A 1 1  ? -1.921 0.733  7.613   1.00 0.00 ? 1  ASN A OD1  4 
ATOM   983  N  ND2  . ASN A 1 1  ? -1.054 0.476  9.610   1.00 0.00 ? 1  ASN A ND2  4 
ATOM   984  H  H2   . ASN A 1 1  ? 0.463  -4.900 9.596   1.00 0.00 ? 1  ASN A H2   4 
ATOM   985  H  HA   . ASN A 1 1  ? -0.804 -1.624 6.459   1.00 0.00 ? 1  ASN A HA   4 
ATOM   986  H  HB2  . ASN A 1 1  ? 1.135  -0.193 8.362   1.00 0.00 ? 1  ASN A HB2  4 
ATOM   987  H  HB3  . ASN A 1 1  ? 0.533  0.484  6.880   1.00 0.00 ? 1  ASN A HB3  4 
ATOM   988  H  HD21 . ASN A 1 1  ? -0.219 0.237  10.151  1.00 0.00 ? 1  ASN A HD21 4 
ATOM   989  H  HD22 . ASN A 1 1  ? -1.898 0.958  9.929   1.00 0.00 ? 1  ASN A HD22 4 
HETATM 990  N  N    . AHB A 1 2  ? 0.983  -2.478 4.898   1.00 0.00 ? 2  AHB A N    4 
HETATM 991  C  CA   . AHB A 1 2  ? 1.946  -2.662 3.771   1.00 0.00 ? 2  AHB A CA   4 
HETATM 992  C  CB   . AHB A 1 2  ? 1.801  -4.052 3.072   1.00 0.00 ? 2  AHB A CB   4 
HETATM 993  O  OB   . AHB A 1 2  ? 0.415  -4.210 2.673   1.00 0.00 ? 2  AHB A OB   4 
HETATM 994  C  CG   . AHB A 1 2  ? 2.278  -5.250 3.936   1.00 0.00 ? 2  AHB A CG   4 
HETATM 995  O  OD1  . AHB A 1 2  ? 3.043  -5.124 4.888   1.00 0.00 ? 2  AHB A OD1  4 
HETATM 996  N  ND2  . AHB A 1 2  ? 1.898  -6.469 3.616   1.00 0.00 ? 2  AHB A ND2  4 
HETATM 997  C  C    . AHB A 1 2  ? 1.761  -1.527 2.725   1.00 0.00 ? 2  AHB A C    4 
HETATM 998  O  O    . AHB A 1 2  ? 0.666  -0.979 2.560   1.00 0.00 ? 2  AHB A O    4 
HETATM 999  H  HA   . AHB A 1 2  ? 2.979  -2.601 4.164   1.00 0.00 ? 2  AHB A HA   4 
HETATM 1000 H  HB   . AHB A 1 2  ? 2.468  -4.065 2.186   1.00 0.00 ? 2  AHB A HB   4 
HETATM 1001 N  N    . GHP A 1 3  ? 2.838  -1.198 2.003   1.00 0.00 ? 3  GHP A N    4 
HETATM 1002 C  CA   . GHP A 1 3  ? 2.797  -0.209 0.884   1.00 0.00 ? 3  GHP A CA   4 
HETATM 1003 C  C    . GHP A 1 3  ? 4.090  0.656  0.966   1.00 0.00 ? 3  GHP A C    4 
HETATM 1004 O  O    . GHP A 1 3  ? 5.191  0.232  0.602   1.00 0.00 ? 3  GHP A O    4 
HETATM 1005 C  C1   . GHP A 1 3  ? 2.557  -0.772 -0.550  1.00 0.00 ? 3  GHP A C1   4 
HETATM 1006 C  C2   . GHP A 1 3  ? 1.844  0.000  -1.482  1.00 0.00 ? 3  GHP A C2   4 
HETATM 1007 C  C3   . GHP A 1 3  ? 1.494  -0.527 -2.724  1.00 0.00 ? 3  GHP A C3   4 
HETATM 1008 C  C4   . GHP A 1 3  ? 1.878  -1.821 -3.058  1.00 0.00 ? 3  GHP A C4   4 
HETATM 1009 O  O4   . GHP A 1 3  ? 1.479  -2.375 -4.242  1.00 0.00 ? 3  GHP A O4   4 
HETATM 1010 C  C5   . GHP A 1 3  ? 2.628  -2.582 -2.168  1.00 0.00 ? 3  GHP A C5   4 
HETATM 1011 C  C6   . GHP A 1 3  ? 2.971  -2.061 -0.926  1.00 0.00 ? 3  GHP A C6   4 
HETATM 1012 H  H    . GHP A 1 3  ? 3.683  -1.735 2.221   1.00 0.00 ? 3  GHP A H    4 
HETATM 1013 H  HA   . GHP A 1 3  ? 1.934  0.464  1.083   1.00 0.00 ? 3  GHP A HA   4 
HETATM 1014 H  HC2  . GHP A 1 3  ? 1.528  1.005  -1.237  1.00 0.00 ? 3  GHP A HC2  4 
HETATM 1015 H  HO4  . GHP A 1 3  ? 1.779  -3.288 -4.273  1.00 0.00 ? 3  GHP A HO4  4 
HETATM 1016 H  H5   . GHP A 1 3  ? 2.928  -3.588 -2.422  1.00 0.00 ? 3  GHP A H5   4 
HETATM 1017 H  H6   . GHP A 1 3  ? 3.520  -2.683 -0.235  1.00 0.00 ? 3  GHP A H6   4 
HETATM 1018 N  N    . ORD A 1 4  ? 3.928  1.877  1.487   1.00 0.00 ? 4  ORD A N    4 
HETATM 1019 C  CA   . ORD A 1 4  ? 4.993  2.916  1.559   1.00 0.00 ? 4  ORD A CA   4 
HETATM 1020 C  CB   . ORD A 1 4  ? 4.452  3.930  2.612   1.00 0.00 ? 4  ORD A CB   4 
HETATM 1021 C  CG   . ORD A 1 4  ? 5.458  4.992  3.117   1.00 0.00 ? 4  ORD A CG   4 
HETATM 1022 C  CD   . ORD A 1 4  ? 4.851  5.868  4.229   1.00 0.00 ? 4  ORD A CD   4 
HETATM 1023 N  NE   . ORD A 1 4  ? 5.843  6.862  4.691   1.00 0.00 ? 4  ORD A NE   4 
HETATM 1024 O  O    . ORD A 1 4  ? 6.490  3.782  -0.160  1.00 0.00 ? 4  ORD A O    4 
HETATM 1025 C  C    . ORD A 1 4  ? 5.322  3.597  0.188   1.00 0.00 ? 4  ORD A C    4 
HETATM 1026 H  H    . ORD A 1 4  ? 2.938  2.149  1.616   1.00 0.00 ? 4  ORD A H    4 
HETATM 1027 H  HA   . ORD A 1 4  ? 5.925  2.451  1.940   1.00 0.00 ? 4  ORD A HA   4 
HETATM 1028 H  HB2  . ORD A 1 4  ? 3.552  4.431  2.198   1.00 0.00 ? 4  ORD A HB2  4 
HETATM 1029 H  HB3  . ORD A 1 4  ? 4.067  3.380  3.488   1.00 0.00 ? 4  ORD A HB3  4 
HETATM 1030 H  HG2  . ORD A 1 4  ? 6.371  4.481  3.483   1.00 0.00 ? 4  ORD A HG2  4 
HETATM 1031 H  HG3  . ORD A 1 4  ? 5.784  5.619  2.262   1.00 0.00 ? 4  ORD A HG3  4 
HETATM 1032 H  HD2  . ORD A 1 4  ? 4.519  5.233  5.078   1.00 0.00 ? 4  ORD A HD2  4 
HETATM 1033 H  HD3  . ORD A 1 4  ? 3.936  6.376  3.861   1.00 0.00 ? 4  ORD A HD3  4 
HETATM 1034 H  HE1  . ORD A 1 4  ? 6.149  7.477  3.928   1.00 0.00 ? 4  ORD A HE1  4 
HETATM 1035 H  HE2  . ORD A 1 4  ? 6.691  6.414  5.060   1.00 0.00 ? 4  ORD A HE2  4 
HETATM 1036 H  HE3  . ORD A 1 4  ? 5.480  7.470  5.435   1.00 0.00 ? 4  ORD A HE3  4 
HETATM 1037 N  N    . 2TL A 1 5  ? 4.274  4.001  -0.546  1.00 0.00 ? 5  2TL A N    4 
HETATM 1038 C  CA   . 2TL A 1 5  ? 4.365  4.553  -1.924  1.00 0.00 ? 5  2TL A CA   4 
HETATM 1039 C  CB   . 2TL A 1 5  ? 4.172  6.103  -1.881  1.00 0.00 ? 5  2TL A CB   4 
HETATM 1040 O  OG1  . 2TL A 1 5  ? 4.039  6.634  -3.194  1.00 0.00 ? 5  2TL A OG1  4 
HETATM 1041 C  CG2  . 2TL A 1 5  ? 5.330  6.891  -1.252  1.00 0.00 ? 5  2TL A CG2  4 
HETATM 1042 C  C    . 2TL A 1 5  ? 3.275  3.847  -2.799  1.00 0.00 ? 5  2TL A C    4 
HETATM 1043 O  O    . 2TL A 1 5  ? 2.231  3.407  -2.301  1.00 0.00 ? 5  2TL A O    4 
HETATM 1044 H  H    . 2TL A 1 5  ? 3.393  3.615  -0.188  1.00 0.00 ? 5  2TL A H    4 
HETATM 1045 H  HA   . 2TL A 1 5  ? 5.357  4.328  -2.366  1.00 0.00 ? 5  2TL A HA   4 
HETATM 1046 H  HB   . 2TL A 1 5  ? 3.246  6.321  -1.314  1.00 0.00 ? 5  2TL A HB   4 
HETATM 1047 H  HG1  . 2TL A 1 5  ? 4.272  7.565  -3.126  1.00 0.00 ? 5  2TL A HG1  4 
HETATM 1048 H  HG21 . 2TL A 1 5  ? 5.523  6.568  -0.213  1.00 0.00 ? 5  2TL A HG21 4 
HETATM 1049 H  HG22 . 2TL A 1 5  ? 6.275  6.755  -1.812  1.00 0.00 ? 5  2TL A HG22 4 
HETATM 1050 H  HG23 . 2TL A 1 5  ? 5.121  7.977  -1.212  1.00 0.00 ? 5  2TL A HG23 4 
HETATM 1051 N  N    . D4P A 1 6  ? 3.514  3.780  -4.118  1.00 0.00 ? 6  D4P A N    4 
HETATM 1052 C  CA   . D4P A 1 6  ? 2.505  3.315  -5.123  1.00 0.00 ? 6  D4P A CA   4 
HETATM 1053 C  C    . D4P A 1 6  ? 2.844  1.918  -5.740  1.00 0.00 ? 6  D4P A C    4 
HETATM 1054 O  O    . D4P A 1 6  ? 4.014  1.545  -5.874  1.00 0.00 ? 6  D4P A O    4 
HETATM 1055 C  C1   . D4P A 1 6  ? 2.234  4.339  -6.269  1.00 0.00 ? 6  D4P A C1   4 
HETATM 1056 C  C2   . D4P A 1 6  ? 3.281  4.963  -6.965  1.00 0.00 ? 6  D4P A C2   4 
HETATM 1057 C  C3   . D4P A 1 6  ? 3.013  5.901  -7.959  1.00 0.00 ? 6  D4P A C3   4 
HETATM 1058 C  C4   . D4P A 1 6  ? 1.697  6.215  -8.279  1.00 0.00 ? 6  D4P A C4   4 
HETATM 1059 O  O4   . D4P A 1 6  ? 1.429  7.144  -9.248  1.00 0.00 ? 6  D4P A O4   4 
HETATM 1060 C  C5   . D4P A 1 6  ? 0.647  5.585  -7.624  1.00 0.00 ? 6  D4P A C5   4 
HETATM 1061 C  C6   . D4P A 1 6  ? 0.912  4.646  -6.631  1.00 0.00 ? 6  D4P A C6   4 
HETATM 1062 H  H    . D4P A 1 6  ? 4.372  4.262  -4.404  1.00 0.00 ? 6  D4P A H    4 
HETATM 1063 H  HA   . D4P A 1 6  ? 1.556  3.189  -4.576  1.00 0.00 ? 6  D4P A HA   4 
HETATM 1064 H  H4   . D4P A 1 6  ? 2.257  7.506  -9.570  1.00 0.00 ? 6  D4P A H4   4 
HETATM 1065 H  H5   . D4P A 1 6  ? -0.373 5.842  -7.875  1.00 0.00 ? 6  D4P A H5   4 
HETATM 1066 H  H6   . D4P A 1 6  ? 0.077  4.182  -6.130  1.00 0.00 ? 6  D4P A H6   4 
HETATM 1067 N  N    . GHP A 1 7  ? 1.812  1.167  -6.184  1.00 0.00 ? 7  GHP A N    4 
HETATM 1068 C  CA   . GHP A 1 7  ? 2.005  -0.089 -6.973  1.00 0.00 ? 7  GHP A CA   4 
HETATM 1069 C  C    . GHP A 1 7  ? 0.661  -0.833 -7.255  1.00 0.00 ? 7  GHP A C    4 
HETATM 1070 O  O    . GHP A 1 7  ? -0.356 -0.235 -7.623  1.00 0.00 ? 7  GHP A O    4 
HETATM 1071 C  C1   . GHP A 1 7  ? 2.788  0.039  -8.319  1.00 0.00 ? 7  GHP A C1   4 
HETATM 1072 C  C2   . GHP A 1 7  ? 2.433  0.985  -9.295  1.00 0.00 ? 7  GHP A C2   4 
HETATM 1073 C  C3   . GHP A 1 7  ? 3.157  1.078  -10.482 1.00 0.00 ? 7  GHP A C3   4 
HETATM 1074 C  C4   . GHP A 1 7  ? 4.238  0.234  -10.707 1.00 0.00 ? 7  GHP A C4   4 
HETATM 1075 O  O4   . GHP A 1 7  ? 4.946  0.334  -11.872 1.00 0.00 ? 7  GHP A O4   4 
HETATM 1076 C  C5   . GHP A 1 7  ? 4.604  -0.706 -9.747  1.00 0.00 ? 7  GHP A C5   4 
HETATM 1077 C  C6   . GHP A 1 7  ? 3.884  -0.802 -8.558  1.00 0.00 ? 7  GHP A C6   4 
HETATM 1078 H  H    . GHP A 1 7  ? 0.885  1.528  -5.919  1.00 0.00 ? 7  GHP A H    4 
HETATM 1079 H  HA   . GHP A 1 7  ? 2.578  -0.752 -6.291  1.00 0.00 ? 7  GHP A HA   4 
HETATM 1080 H  HC2  . GHP A 1 7  ? 1.602  1.655  -9.127  1.00 0.00 ? 7  GHP A HC2  4 
HETATM 1081 H  HO4  . GHP A 1 7  ? 5.677  -0.287 -11.848 1.00 0.00 ? 7  GHP A HO4  4 
HETATM 1082 H  H5   . GHP A 1 7  ? 5.447  -1.360 -9.918  1.00 0.00 ? 7  GHP A H5   4 
HETATM 1083 H  H6   . GHP A 1 7  ? 4.191  -1.532 -7.822  1.00 0.00 ? 7  GHP A H6   4 
HETATM 1084 N  N    . ALO A 1 8  ? 0.684  -2.167 -7.091  1.00 0.00 ? 8  ALO A N    4 
HETATM 1085 C  CA   . ALO A 1 8  ? -0.491 -3.069 -7.272  1.00 0.00 ? 8  ALO A CA   4 
HETATM 1086 C  CB   . ALO A 1 8  ? 0.038  -4.533 -7.091  1.00 0.00 ? 8  ALO A CB   4 
HETATM 1087 C  CG2  . ALO A 1 8  ? -0.988 -5.639 -7.373  1.00 0.00 ? 8  ALO A CG2  4 
HETATM 1088 O  OG1  . ALO A 1 8  ? 0.517  -4.765 -5.766  1.00 0.00 ? 8  ALO A OG1  4 
HETATM 1089 C  C    . ALO A 1 8  ? -1.750 -2.731 -6.404  1.00 0.00 ? 8  ALO A C    4 
HETATM 1090 O  O    . ALO A 1 8  ? -2.838 -2.503 -6.943  1.00 0.00 ? 8  ALO A O    4 
HETATM 1091 H  H    . ALO A 1 8  ? 1.555  -2.530 -6.691  1.00 0.00 ? 8  ALO A H    4 
HETATM 1092 H  HA   . ALO A 1 8  ? -0.817 -2.964 -8.323  1.00 0.00 ? 8  ALO A HA   4 
HETATM 1093 H  HB   . ALO A 1 8  ? 0.881  -4.688 -7.794  1.00 0.00 ? 8  ALO A HB   4 
HETATM 1094 H  HG21 . ALO A 1 8  ? -1.408 -5.550 -8.393  1.00 0.00 ? 8  ALO A HG21 4 
HETATM 1095 H  HG22 . ALO A 1 8  ? -0.538 -6.647 -7.303  1.00 0.00 ? 8  ALO A HG22 4 
HETATM 1096 H  HG23 . ALO A 1 8  ? -1.842 -5.611 -6.669  1.00 0.00 ? 8  ALO A HG23 4 
HETATM 1097 H  HG1  . ALO A 1 8  ? 0.136  -5.611 -5.508  1.00 0.00 ? 8  ALO A HG1  4 
ATOM   1098 N  N    . PHE A 1 9  ? -1.582 -2.692 -5.075  1.00 0.00 ? 9  PHE A N    4 
ATOM   1099 C  CA   . PHE A 1 9  ? -2.682 -2.406 -4.110  1.00 0.00 ? 9  PHE A CA   4 
ATOM   1100 C  C    . PHE A 1 9  ? -3.213 -0.933 -4.069  1.00 0.00 ? 9  PHE A C    4 
ATOM   1101 O  O    . PHE A 1 9  ? -4.391 -0.716 -3.776  1.00 0.00 ? 9  PHE A O    4 
ATOM   1102 C  CB   . PHE A 1 9  ? -2.206 -2.849 -2.707  1.00 0.00 ? 9  PHE A CB   4 
ATOM   1103 C  CG   . PHE A 1 9  ? -1.945 -4.350 -2.497  1.00 0.00 ? 9  PHE A CG   4 
ATOM   1104 C  CD1  . PHE A 1 9  ? -3.015 -5.231 -2.305  1.00 0.00 ? 9  PHE A CD1  4 
ATOM   1105 C  CD2  . PHE A 1 9  ? -0.636 -4.839 -2.438  1.00 0.00 ? 9  PHE A CD2  4 
ATOM   1106 C  CE1  . PHE A 1 9  ? -2.777 -6.581 -2.065  1.00 0.00 ? 9  PHE A CE1  4 
ATOM   1107 C  CE2  . PHE A 1 9  ? -0.399 -6.190 -2.199  1.00 0.00 ? 9  PHE A CE2  4 
ATOM   1108 C  CZ   . PHE A 1 9  ? -1.470 -7.060 -2.012  1.00 0.00 ? 9  PHE A CZ   4 
ATOM   1109 H  H    . PHE A 1 9  ? -0.612 -2.864 -4.779  1.00 0.00 ? 9  PHE A H    4 
ATOM   1110 H  HA   . PHE A 1 9  ? -3.554 -3.035 -4.380  1.00 0.00 ? 9  PHE A HA   4 
ATOM   1111 H  HB2  . PHE A 1 9  ? -1.319 -2.259 -2.402  1.00 0.00 ? 9  PHE A HB2  4 
ATOM   1112 H  HB3  . PHE A 1 9  ? -2.974 -2.542 -1.976  1.00 0.00 ? 9  PHE A HB3  4 
ATOM   1113 H  HD1  . PHE A 1 9  ? -4.032 -4.866 -2.323  1.00 0.00 ? 9  PHE A HD1  4 
ATOM   1114 H  HD2  . PHE A 1 9  ? 0.202  -4.167 -2.539  1.00 0.00 ? 9  PHE A HD2  4 
ATOM   1115 H  HE1  . PHE A 1 9  ? -3.607 -7.257 -1.902  1.00 0.00 ? 9  PHE A HE1  4 
ATOM   1116 H  HE2  . PHE A 1 9  ? 0.614  -6.558 -2.134  1.00 0.00 ? 9  PHE A HE2  4 
ATOM   1117 H  HZ   . PHE A 1 9  ? -1.286 -8.104 -1.806  1.00 0.00 ? 9  PHE A HZ   4 
HETATM 1118 N  N    . ORD A 1 10 ? -2.368 0.055  -4.400  1.00 0.00 ? 10 ORD A N    4 
HETATM 1119 C  CA   . ORD A 1 10 ? -2.794 1.454  -4.664  1.00 0.00 ? 10 ORD A CA   4 
HETATM 1120 C  CB   . ORD A 1 10 ? -2.992 1.676  -6.194  1.00 0.00 ? 10 ORD A CB   4 
HETATM 1121 C  CG   . ORD A 1 10 ? -4.108 0.855  -6.889  1.00 0.00 ? 10 ORD A CG   4 
HETATM 1122 C  CD   . ORD A 1 10 ? -3.987 0.862  -8.422  1.00 0.00 ? 10 ORD A CD   4 
HETATM 1123 N  NE   . ORD A 1 10 ? -4.910 -0.143 -8.989  1.00 0.00 ? 10 ORD A NE   4 
HETATM 1124 O  O    . ORD A 1 10 ? -0.522 2.235  -4.657  1.00 0.00 ? 10 ORD A O    4 
HETATM 1125 C  C    . ORD A 1 10 ? -1.654 2.391  -4.191  1.00 0.00 ? 10 ORD A C    4 
HETATM 1126 H  H    . ORD A 1 10 ? -1.485 -0.308 -4.780  1.00 0.00 ? 10 ORD A H    4 
HETATM 1127 H  HA   . ORD A 1 10 ? -3.735 1.693  -4.127  1.00 0.00 ? 10 ORD A HA   4 
HETATM 1128 H  HB2  . ORD A 1 10 ? -3.144 2.757  -6.376  1.00 0.00 ? 10 ORD A HB2  4 
HETATM 1129 H  HB3  . ORD A 1 10 ? -2.029 1.463  -6.691  1.00 0.00 ? 10 ORD A HB3  4 
HETATM 1130 H  HG2  . ORD A 1 10 ? -4.053 -0.192 -6.536  1.00 0.00 ? 10 ORD A HG2  4 
HETATM 1131 H  HG3  . ORD A 1 10 ? -5.101 1.221  -6.562  1.00 0.00 ? 10 ORD A HG3  4 
HETATM 1132 H  HD2  . ORD A 1 10 ? -4.202 1.874  -8.824  1.00 0.00 ? 10 ORD A HD2  4 
HETATM 1133 H  HD3  . ORD A 1 10 ? -2.944 0.629  -8.728  1.00 0.00 ? 10 ORD A HD3  4 
HETATM 1134 H  HE1  . ORD A 1 10 ? -4.883 -0.180 -10.015 1.00 0.00 ? 10 ORD A HE1  4 
HETATM 1135 H  HE2  . ORD A 1 10 ? -4.678 -1.086 -8.649  1.00 0.00 ? 10 ORD A HE2  4 
HETATM 1136 H  HE3  . ORD A 1 10 ? -5.883 0.030  -8.713  1.00 0.00 ? 10 ORD A HE3  4 
HETATM 1137 N  N    . D4P A 1 11 ? -1.940 3.383  -3.334  1.00 0.00 ? 11 D4P A N    4 
HETATM 1138 C  CA   . D4P A 1 11 ? -0.929 4.397  -2.902  1.00 0.00 ? 11 D4P A CA   4 
HETATM 1139 C  C    . D4P A 1 11 ? -1.090 4.713  -1.385  1.00 0.00 ? 11 D4P A C    4 
HETATM 1140 O  O    . D4P A 1 11 ? -2.140 5.186  -0.939  1.00 0.00 ? 11 D4P A O    4 
HETATM 1141 C  C1   . D4P A 1 11 ? -0.807 5.737  -3.692  1.00 0.00 ? 11 D4P A C1   4 
HETATM 1142 C  C2   . D4P A 1 11 ? 0.429  6.405  -3.699  1.00 0.00 ? 11 D4P A C2   4 
HETATM 1143 C  C3   . D4P A 1 11 ? 0.591  7.592  -4.403  1.00 0.00 ? 11 D4P A C3   4 
HETATM 1144 C  C4   . D4P A 1 11 ? -0.478 8.145  -5.100  1.00 0.00 ? 11 D4P A C4   4 
HETATM 1145 O  O4   . D4P A 1 11 ? -0.256 9.308  -5.823  1.00 0.00 ? 11 D4P A O4   4 
HETATM 1146 C  C5   . D4P A 1 11 ? -1.710 7.482  -5.118  1.00 0.00 ? 11 D4P A C5   4 
HETATM 1147 C  C6   . D4P A 1 11 ? -1.876 6.296  -4.407  1.00 0.00 ? 11 D4P A C6   4 
HETATM 1148 H  H    . D4P A 1 11 ? -2.849 3.308  -2.872  1.00 0.00 ? 11 D4P A H    4 
HETATM 1149 H  HA   . D4P A 1 11 ? 0.051  3.907  -3.031  1.00 0.00 ? 11 D4P A HA   4 
HETATM 1150 H  H1   . D4P A 1 11 ? 1.278  5.999  -3.168  1.00 0.00 ? 11 D4P A H1   4 
HETATM 1151 H  H3   . D4P A 1 11 ? 1.552  8.085  -4.414  1.00 0.00 ? 11 D4P A H3   4 
HETATM 1152 H  H5   . D4P A 1 11 ? -2.530 7.889  -5.693  1.00 0.00 ? 11 D4P A H5   4 
HETATM 1153 H  H6   . D4P A 1 11 ? -2.839 5.805  -4.423  1.00 0.00 ? 11 D4P A H6   4 
HETATM 1154 N  N    . 2TL A 1 12 ? -0.014 4.489  -0.613  1.00 0.00 ? 12 2TL A N    4 
HETATM 1155 C  CA   . 2TL A 1 12 ? 0.063  4.888  0.824   1.00 0.00 ? 12 2TL A CA   4 
HETATM 1156 C  CB   . 2TL A 1 12 ? 1.128  6.011  1.031   1.00 0.00 ? 12 2TL A CB   4 
HETATM 1157 O  OG1  . 2TL A 1 12 ? 1.277  6.318  2.412   1.00 0.00 ? 12 2TL A OG1  4 
HETATM 1158 C  CG2  . 2TL A 1 12 ? 0.794  7.346  0.347   1.00 0.00 ? 12 2TL A CG2  4 
HETATM 1159 C  C    . 2TL A 1 12 ? 0.388  3.626  1.673   1.00 0.00 ? 12 2TL A C    4 
HETATM 1160 O  O    . 2TL A 1 12 ? 1.410  2.969  1.460   1.00 0.00 ? 12 2TL A O    4 
HETATM 1161 H  H    . 2TL A 1 12 ? 0.753  4.000  -1.099  1.00 0.00 ? 12 2TL A H    4 
HETATM 1162 H  HA   . 2TL A 1 12 ? -0.909 5.304  1.164   1.00 0.00 ? 12 2TL A HA   4 
HETATM 1163 H  HB   . 2TL A 1 12 ? 2.104  5.653  0.655   1.00 0.00 ? 12 2TL A HB   4 
HETATM 1164 H  HG1  . 2TL A 1 12 ? 0.596  6.968  2.605   1.00 0.00 ? 12 2TL A HG1  4 
HETATM 1165 H  HG21 . 2TL A 1 12 ? -0.175 7.762  0.682   1.00 0.00 ? 12 2TL A HG21 4 
HETATM 1166 H  HG22 . 2TL A 1 12 ? 1.569  8.110  0.547   1.00 0.00 ? 12 2TL A HG22 4 
HETATM 1167 H  HG23 . 2TL A 1 12 ? 0.732  7.239  -0.751  1.00 0.00 ? 12 2TL A HG23 4 
HETATM 1168 N  N    . D4P A 1 13 ? -0.470 3.295  2.648   1.00 0.00 ? 13 D4P A N    4 
HETATM 1169 C  CA   . D4P A 1 13 ? -0.269 2.119  3.547   1.00 0.00 ? 13 D4P A CA   4 
HETATM 1170 C  C    . D4P A 1 13 ? -1.655 1.635  4.072   1.00 0.00 ? 13 D4P A C    4 
HETATM 1171 O  O    . D4P A 1 13 ? -2.421 2.441  4.612   1.00 0.00 ? 13 D4P A O    4 
HETATM 1172 C  C1   . D4P A 1 13 ? 0.769  2.328  4.689   1.00 0.00 ? 13 D4P A C1   4 
HETATM 1173 C  C2   . D4P A 1 13 ? 0.568  3.260  5.719   1.00 0.00 ? 13 D4P A C2   4 
HETATM 1174 C  C3   . D4P A 1 13 ? 1.527  3.432  6.715   1.00 0.00 ? 13 D4P A C3   4 
HETATM 1175 C  C4   . D4P A 1 13 ? 2.699  2.682  6.689   1.00 0.00 ? 13 D4P A C4   4 
HETATM 1176 O  O4   . D4P A 1 13 ? 3.629  2.838  7.681   1.00 0.00 ? 13 D4P A O4   4 
HETATM 1177 C  C5   . D4P A 1 13 ? 2.919  1.764  5.668   1.00 0.00 ? 13 D4P A C5   4 
HETATM 1178 C  C6   . D4P A 1 13 ? 1.965  1.598  4.668   1.00 0.00 ? 13 D4P A C6   4 
HETATM 1179 H  H    . D4P A 1 13 ? -1.353 3.818  2.630   1.00 0.00 ? 13 D4P A H    4 
HETATM 1180 H  HA   . D4P A 1 13 ? 0.094  1.303  2.901   1.00 0.00 ? 13 D4P A HA   4 
HETATM 1181 H  H4   . D4P A 1 13 ? 4.252  2.108  7.638   1.00 0.00 ? 13 D4P A H4   4 
HETATM 1182 H  H5   . D4P A 1 13 ? 3.823  1.172  5.644   1.00 0.00 ? 13 D4P A H5   4 
HETATM 1183 H  H6   . D4P A 1 13 ? 2.169  0.898  3.876   1.00 0.00 ? 13 D4P A H6   4 
ATOM   1184 N  N    . GLY A 1 14 ? -2.014 0.352  3.860   1.00 0.00 ? 14 GLY A N    4 
ATOM   1185 C  CA   . GLY A 1 14 ? -3.453 -0.046 3.911   1.00 0.00 ? 14 GLY A CA   4 
ATOM   1186 C  C    . GLY A 1 14 ? -3.866 -1.488 4.240   1.00 0.00 ? 14 GLY A C    4 
ATOM   1187 O  O    . GLY A 1 14 ? -4.757 -2.042 3.599   1.00 0.00 ? 14 GLY A O    4 
ATOM   1188 H  H    . GLY A 1 14 ? -1.266 -0.237 3.464   1.00 0.00 ? 14 GLY A H    4 
ATOM   1189 H  HA2  . GLY A 1 14 ? -3.997 0.579  4.637   1.00 0.00 ? 14 GLY A HA2  4 
ATOM   1190 H  HA3  . GLY A 1 14 ? -3.905 0.205  2.941   1.00 0.00 ? 14 GLY A HA3  4 
ATOM   1191 N  N    . LEU A 1 15 ? -3.314 -2.023 5.328   1.00 0.00 ? 15 LEU A N    4 
ATOM   1192 C  CA   . LEU A 1 15 ? -3.904 -3.164 6.091   1.00 0.00 ? 15 LEU A CA   4 
ATOM   1193 C  C    . LEU A 1 15 ? -4.042 -4.502 5.291   1.00 0.00 ? 15 LEU A C    4 
ATOM   1194 O  O    . LEU A 1 15 ? -5.104 -4.843 4.762   1.00 0.00 ? 15 LEU A O    4 
ATOM   1195 C  CB   . LEU A 1 15 ? -5.192 -2.771 6.882   1.00 0.00 ? 15 LEU A CB   4 
ATOM   1196 C  CG   . LEU A 1 15 ? -5.110 -1.728 8.032   1.00 0.00 ? 15 LEU A CG   4 
ATOM   1197 C  CD1  . LEU A 1 15 ? -3.965 -1.990 9.026   1.00 0.00 ? 15 LEU A CD1  4 
ATOM   1198 C  CD2  . LEU A 1 15 ? -5.066 -0.275 7.530   1.00 0.00 ? 15 LEU A CD2  4 
ATOM   1199 H  H    . LEU A 1 15 ? -2.704 -1.327 5.762   1.00 0.00 ? 15 LEU A H    4 
ATOM   1200 H  HA   . LEU A 1 15 ? -3.156 -3.375 6.872   1.00 0.00 ? 15 LEU A HA   4 
ATOM   1201 H  HB2  . LEU A 1 15 ? -5.977 -2.468 6.163   1.00 0.00 ? 15 LEU A HB2  4 
ATOM   1202 H  HB3  . LEU A 1 15 ? -5.602 -3.696 7.332   1.00 0.00 ? 15 LEU A HB3  4 
ATOM   1203 H  HG   . LEU A 1 15 ? -6.055 -1.822 8.607   1.00 0.00 ? 15 LEU A HG   4 
ATOM   1204 H  HD11 . LEU A 1 15 ? -3.985 -3.026 9.411   1.00 0.00 ? 15 LEU A HD11 4 
ATOM   1205 H  HD12 . LEU A 1 15 ? -2.970 -1.827 8.574   1.00 0.00 ? 15 LEU A HD12 4 
ATOM   1206 H  HD13 . LEU A 1 15 ? -4.030 -1.323 9.905   1.00 0.00 ? 15 LEU A HD13 4 
ATOM   1207 H  HD21 . LEU A 1 15 ? -5.919 -0.048 6.864   1.00 0.00 ? 15 LEU A HD21 4 
ATOM   1208 H  HD22 . LEU A 1 15 ? -5.114 0.447  8.366   1.00 0.00 ? 15 LEU A HD22 4 
ATOM   1209 H  HD23 . LEU A 1 15 ? -4.148 -0.044 6.968   1.00 0.00 ? 15 LEU A HD23 4 
HETATM 1210 N  N    . DAL A 1 16 ? -2.927 -5.235 5.180   1.00 0.00 ? 16 DAL A N    4 
HETATM 1211 C  CA   . DAL A 1 16 ? -2.772 -6.338 4.192   1.00 0.00 ? 16 DAL A CA   4 
HETATM 1212 C  CB   . DAL A 1 16 ? -1.754 -7.288 4.853   1.00 0.00 ? 16 DAL A CB   4 
HETATM 1213 C  C    . DAL A 1 16 ? -2.311 -5.923 2.748   1.00 0.00 ? 16 DAL A C    4 
HETATM 1214 O  O    . DAL A 1 16 ? -2.018 -6.787 1.917   1.00 0.00 ? 16 DAL A O    4 
HETATM 1215 H  H    . DAL A 1 16 ? -2.101 -4.812 5.642   1.00 0.00 ? 16 DAL A H    4 
HETATM 1216 H  HA   . DAL A 1 16 ? -3.731 -6.878 4.069   1.00 0.00 ? 16 DAL A HA   4 
HETATM 1217 H  HB1  . DAL A 1 16 ? -2.096 -7.643 5.844   1.00 0.00 ? 16 DAL A HB1  4 
HETATM 1218 H  HB2  . DAL A 1 16 ? -1.592 -8.193 4.239   1.00 0.00 ? 16 DAL A HB2  4 
HETATM 1219 H  HB3  . DAL A 1 16 ? -0.764 -6.814 4.999   1.00 0.00 ? 16 DAL A HB3  4 
HETATM 1220 N  N    . CHP A 1 17 ? -2.211 -4.614 2.448   1.00 0.00 ? 17 CHP A N    4 
HETATM 1221 C  CA   . CHP A 1 17 ? -1.567 -4.080 1.212   1.00 0.00 ? 17 CHP A CA   4 
HETATM 1222 C  C    . CHP A 1 17 ? -0.003 -4.133 1.345   1.00 0.00 ? 17 CHP A C    4 
HETATM 1223 O  O    . CHP A 1 17 ? 0.751  -4.101 0.370   1.00 0.00 ? 17 CHP A O    4 
HETATM 1224 C  C1   . CHP A 1 17 ? -2.190 -2.697 0.805   1.00 0.00 ? 17 CHP A C1   4 
HETATM 1225 C  C2   . CHP A 1 17 ? -1.434 -1.573 0.431   1.00 0.00 ? 17 CHP A C2   4 
HETATM 1226 C  C3   . CHP A 1 17 ? -2.052 -0.367 0.105   1.00 0.00 ? 17 CHP A C3   4 
HETATM 1227 CL CL3  . CHP A 1 17 ? -1.078 1.042  -0.299  1.00 0.00 ? 17 CHP A CL3  4 
HETATM 1228 C  C4   . CHP A 1 17 ? -3.442 -0.269 0.136   1.00 0.00 ? 17 CHP A C4   4 
HETATM 1229 O  O4   . CHP A 1 17 ? -4.068 0.920  -0.145  1.00 0.00 ? 17 CHP A O4   4 
HETATM 1230 C  C5   . CHP A 1 17 ? -4.208 -1.369 0.499   1.00 0.00 ? 17 CHP A C5   4 
HETATM 1231 C  C6   . CHP A 1 17 ? -3.591 -2.575 0.800   1.00 0.00 ? 17 CHP A C6   4 
HETATM 1232 H  H    . CHP A 1 17 ? -2.405 -3.988 3.242   1.00 0.00 ? 17 CHP A H    4 
HETATM 1233 H  HA   . CHP A 1 17 ? -1.801 -4.766 0.377   1.00 0.00 ? 17 CHP A HA   4 
HETATM 1234 H  HC2  . CHP A 1 17 ? -0.360 -1.627 0.405   1.00 0.00 ? 17 CHP A HC2  4 
HETATM 1235 H  HO4  . CHP A 1 17 ? -5.019 0.796  -0.095  1.00 0.00 ? 17 CHP A HO4  4 
HETATM 1236 H  H5   . CHP A 1 17 ? -5.273 -1.286 0.641   1.00 0.00 ? 17 CHP A H5   4 
HETATM 1237 H  H6   . CHP A 1 17 ? -4.204 -3.402 1.132   1.00 0.00 ? 17 CHP A H6   4 
HETATM 1238 C  C1   . MAN B 2 .  ? -0.994 10.506 -5.473  1.00 0.00 ? 1  MAN B C1   4 
HETATM 1239 C  C2   . MAN B 2 .  ? -1.004 11.483 -6.676  1.00 0.00 ? 1  MAN B C2   4 
HETATM 1240 C  C3   . MAN B 2 .  ? -1.656 12.834 -6.265  1.00 0.00 ? 1  MAN B C3   4 
HETATM 1241 C  C4   . MAN B 2 .  ? -1.022 13.433 -4.977  1.00 0.00 ? 1  MAN B C4   4 
HETATM 1242 C  C5   . MAN B 2 .  ? -0.877 12.397 -3.822  1.00 0.00 ? 1  MAN B C5   4 
HETATM 1243 C  C6   . MAN B 2 .  ? -2.156 12.149 -2.997  1.00 0.00 ? 1  MAN B C6   4 
HETATM 1244 O  O2   . MAN B 2 .  ? -1.734 10.918 -7.797  1.00 0.00 ? 1  MAN B O2   4 
HETATM 1245 O  O3   . MAN B 2 .  ? -3.059 12.668 -6.058  1.00 0.00 ? 1  MAN B O3   4 
HETATM 1246 O  O4   . MAN B 2 .  ? 0.276  13.916 -5.302  1.00 0.00 ? 1  MAN B O4   4 
HETATM 1247 O  O5   . MAN B 2 .  ? -0.338 11.131 -4.320  1.00 0.00 ? 1  MAN B O5   4 
HETATM 1248 O  O6   . MAN B 2 .  ? -1.886 11.160 -2.010  1.00 0.00 ? 1  MAN B O6   4 
HETATM 1249 H  H2   . MAN B 2 .  ? 0.044  11.694 -6.967  1.00 0.00 ? 1  MAN B H2   4 
HETATM 1250 H  H4   . MAN B 2 .  ? -1.621 14.298 -4.632  1.00 0.00 ? 1  MAN B H4   4 
HETATM 1251 H  H5   . MAN B 2 .  ? -0.138 12.808 -3.108  1.00 0.00 ? 1  MAN B H5   4 
HETATM 1252 H  H61  . MAN B 2 .  ? -2.991 11.812 -3.640  1.00 0.00 ? 1  MAN B H61  4 
HETATM 1253 H  H62  . MAN B 2 .  ? -2.501 13.081 -2.510  1.00 0.00 ? 1  MAN B H62  4 
HETATM 1254 H  HO3  . MAN B 2 .  ? -3.429 13.546 -5.937  1.00 0.00 ? 1  MAN B HO3  4 
HETATM 1255 H  HO4  . MAN B 2 .  ? 0.848  13.142 -5.316  1.00 0.00 ? 1  MAN B HO4  4 
HETATM 1256 H  HO6  . MAN B 2 .  ? -1.322 10.512 -2.447  1.00 0.00 ? 1  MAN B HO6  4 
HETATM 1257 C  C1   . MAN B 2 .  ? -1.004 10.102 -8.757  1.00 0.00 ? 2  MAN B C1   4 
HETATM 1258 C  C2   . MAN B 2 .  ? -0.974 10.829 -10.131 1.00 0.00 ? 2  MAN B C2   4 
HETATM 1259 C  C3   . MAN B 2 .  ? -2.346 10.764 -10.849 1.00 0.00 ? 2  MAN B C3   4 
HETATM 1260 C  C4   . MAN B 2 .  ? -2.948 9.343  -10.861 1.00 0.00 ? 2  MAN B C4   4 
HETATM 1261 C  C5   . MAN B 2 .  ? -2.974 8.742  -9.432  1.00 0.00 ? 2  MAN B C5   4 
HETATM 1262 C  C6   . MAN B 2 .  ? -3.449 7.278  -9.431  1.00 0.00 ? 2  MAN B C6   4 
HETATM 1263 O  O2   . MAN B 2 .  ? 0.012  10.249 -10.980 1.00 0.00 ? 2  MAN B O2   4 
HETATM 1264 O  O3   . MAN B 2 .  ? -2.214 11.190 -12.199 1.00 0.00 ? 2  MAN B O3   4 
HETATM 1265 O  O4   . MAN B 2 .  ? -4.278 9.384  -11.369 1.00 0.00 ? 2  MAN B O4   4 
HETATM 1266 O  O5   . MAN B 2 .  ? -1.638 8.789  -8.855  1.00 0.00 ? 2  MAN B O5   4 
HETATM 1267 O  O6   . MAN B 2 .  ? -4.774 7.175  -9.959  1.00 0.00 ? 2  MAN B O6   4 
HETATM 1268 H  H1   . MAN B 2 .  ? 0.042  9.936  -8.431  1.00 0.00 ? 2  MAN B H1   4 
HETATM 1269 H  H2   . MAN B 2 .  ? -0.706 11.890 -9.969  1.00 0.00 ? 2  MAN B H2   4 
HETATM 1270 H  H3   . MAN B 2 .  ? -3.050 11.441 -10.324 1.00 0.00 ? 2  MAN B H3   4 
HETATM 1271 H  H4   . MAN B 2 .  ? -2.329 8.693  -11.511 1.00 0.00 ? 2  MAN B H4   4 
HETATM 1272 H  H5   . MAN B 2 .  ? -3.663 9.335  -8.796  1.00 0.00 ? 2  MAN B H5   4 
HETATM 1273 H  H61  . MAN B 2 .  ? -3.415 6.880  -8.398  1.00 0.00 ? 2  MAN B H61  4 
HETATM 1274 H  H62  . MAN B 2 .  ? -2.750 6.655  -10.022 1.00 0.00 ? 2  MAN B H62  4 
HETATM 1275 H  HO2  . MAN B 2 .  ? -0.300 10.462 -11.868 1.00 0.00 ? 2  MAN B HO2  4 
HETATM 1276 H  HO3  . MAN B 2 .  ? -3.056 10.949 -12.604 1.00 0.00 ? 2  MAN B HO3  4 
HETATM 1277 H  HO4  . MAN B 2 .  ? -4.699 8.604  -10.971 1.00 0.00 ? 2  MAN B HO4  4 
HETATM 1278 H  HO6  . MAN B 2 .  ? -5.049 6.259  -9.848  1.00 0.00 ? 2  MAN B HO6  4 
HETATM 1279 C  C1   . FA7 C 3 .  ? -0.423 -3.917 7.835   1.00 0.00 ? 0  FA7 A C1   4 
HETATM 1280 O  O    . FA7 C 3 .  ? -0.788 -4.265 6.709   1.00 0.00 ? 0  FA7 A O    4 
HETATM 1281 C  C2   . FA7 C 3 .  ? -0.453 -4.877 9.006   1.00 0.00 ? 0  FA7 A C2   4 
HETATM 1282 C  C3   . FA7 C 3 .  ? -1.431 -5.708 9.409   1.00 0.00 ? 0  FA7 A C3   4 
HETATM 1283 C  C4   . FA7 C 3 .  ? -2.653 -5.840 8.871   1.00 0.00 ? 0  FA7 A C4   4 
HETATM 1284 C  C5   . FA7 C 3 .  ? -3.583 -6.691 9.323   1.00 0.00 ? 0  FA7 A C5   4 
HETATM 1285 C  C6   . FA7 C 3 .  ? -4.966 -6.784 8.709   1.00 0.00 ? 0  FA7 A C6   4 
HETATM 1286 C  C7   . FA7 C 3 .  ? -5.968 -7.472 9.653   1.00 0.00 ? 0  FA7 A C7   4 
HETATM 1287 C  C8   . FA7 C 3 .  ? -7.385 -7.517 9.065   1.00 0.00 ? 0  FA7 A C8   4 
HETATM 1288 C  C9   . FA7 C 3 .  ? -6.002 -6.741 11.007  1.00 0.00 ? 0  FA7 A C9   4 
HETATM 1289 H  H3   . FA7 C 3 .  ? -1.183 -6.328 10.273  1.00 0.00 ? 0  FA7 A H3   4 
HETATM 1290 H  H4   . FA7 C 3 .  ? -2.926 -5.222 8.019   1.00 0.00 ? 0  FA7 A H4   4 
HETATM 1291 H  H5   . FA7 C 3 .  ? -3.348 -7.366 10.151  1.00 0.00 ? 0  FA7 A H5   4 
HETATM 1292 H  H61  . FA7 C 3 .  ? -5.337 -5.772 8.457   1.00 0.00 ? 0  FA7 A H61  4 
HETATM 1293 H  H62  . FA7 C 3 .  ? -4.908 -7.327 7.747   1.00 0.00 ? 0  FA7 A H62  4 
HETATM 1294 H  H7   . FA7 C 3 .  ? -5.690 -8.503 9.870   1.00 0.00 ? 0  FA7 A H7   4 
HETATM 1295 H  H81  . FA7 C 3 .  ? -8.093 -7.991 9.768   1.00 0.00 ? 0  FA7 A H81  4 
HETATM 1296 H  H82  . FA7 C 3 .  ? -7.425 -8.096 8.123   1.00 0.00 ? 0  FA7 A H82  4 
HETATM 1297 H  H83  . FA7 C 3 .  ? -7.774 -6.504 8.848   1.00 0.00 ? 0  FA7 A H83  4 
HETATM 1298 H  H91  . FA7 C 3 .  ? -6.714 -7.234 11.669  1.00 0.00 ? 0  FA7 A H91  4 
HETATM 1299 H  H92  . FA7 C 3 .  ? -5.010 -6.764 11.459  1.00 0.00 ? 0  FA7 A H92  4 
HETATM 1300 H  H93  . FA7 C 3 .  ? -6.307 -5.705 10.853  1.00 0.00 ? 0  FA7 A H93  4 
ATOM   1301 N  N    . ASN A 1 1  ? -0.027 -2.683 8.108   1.00 0.00 ? 1  ASN A N    5 
ATOM   1302 C  CA   . ASN A 1 1  ? 0.103  -1.647 7.043   1.00 0.00 ? 1  ASN A CA   5 
ATOM   1303 C  C    . ASN A 1 1  ? 1.299  -1.924 6.078   1.00 0.00 ? 1  ASN A C    5 
ATOM   1304 O  O    . ASN A 1 1  ? 2.461  -1.646 6.387   1.00 0.00 ? 1  ASN A O    5 
ATOM   1305 C  CB   . ASN A 1 1  ? 0.235  -0.233 7.658   1.00 0.00 ? 1  ASN A CB   5 
ATOM   1306 C  CG   . ASN A 1 1  ? -1.022 0.364  8.277   1.00 0.00 ? 1  ASN A CG   5 
ATOM   1307 O  OD1  . ASN A 1 1  ? -1.945 0.760  7.577   1.00 0.00 ? 1  ASN A OD1  5 
ATOM   1308 N  ND2  . ASN A 1 1  ? -1.100 0.478  9.580   1.00 0.00 ? 1  ASN A ND2  5 
ATOM   1309 H  H2   . ASN A 1 1  ? 0.315  -4.830 9.706   1.00 0.00 ? 1  ASN A H2   5 
ATOM   1310 H  HA   . ASN A 1 1  ? -0.833 -1.642 6.448   1.00 0.00 ? 1  ASN A HA   5 
ATOM   1311 H  HB2  . ASN A 1 1  ? 1.100  -0.185 8.340   1.00 0.00 ? 1  ASN A HB2  5 
ATOM   1312 H  HB3  . ASN A 1 1  ? 0.498  0.465  6.848   1.00 0.00 ? 1  ASN A HB3  5 
ATOM   1313 H  HD21 . ASN A 1 1  ? -0.275 0.224  10.127  1.00 0.00 ? 1  ASN A HD21 5 
ATOM   1314 H  HD22 . ASN A 1 1  ? -1.945 0.959  9.896   1.00 0.00 ? 1  ASN A HD22 5 
HETATM 1315 N  N    . AHB A 1 2  ? 0.973  -2.437 4.886   1.00 0.00 ? 2  AHB A N    5 
HETATM 1316 C  CA   . AHB A 1 2  ? 1.959  -2.592 3.771   1.00 0.00 ? 2  AHB A CA   5 
HETATM 1317 C  CB   . AHB A 1 2  ? 1.841  -3.976 3.050   1.00 0.00 ? 2  AHB A CB   5 
HETATM 1318 O  OB   . AHB A 1 2  ? 0.457  -4.155 2.647   1.00 0.00 ? 2  AHB A OB   5 
HETATM 1319 C  CG   . AHB A 1 2  ? 2.339  -5.182 3.888   1.00 0.00 ? 2  AHB A CG   5 
HETATM 1320 O  OD1  . AHB A 1 2  ? 3.037  -5.059 4.890   1.00 0.00 ? 2  AHB A OD1  5 
HETATM 1321 N  ND2  . AHB A 1 2  ? 2.057  -6.404 3.488   1.00 0.00 ? 2  AHB A ND2  5 
HETATM 1322 C  C    . AHB A 1 2  ? 1.778  -1.444 2.739   1.00 0.00 ? 2  AHB A C    5 
HETATM 1323 O  O    . AHB A 1 2  ? 0.686  -0.886 2.584   1.00 0.00 ? 2  AHB A O    5 
HETATM 1324 H  HA   . AHB A 1 2  ? 2.987  -2.521 4.178   1.00 0.00 ? 2  AHB A HA   5 
HETATM 1325 H  HB   . AHB A 1 2  ? 2.509  -3.960 2.164   1.00 0.00 ? 2  AHB A HB   5 
HETATM 1326 N  N    . GHP A 1 3  ? 2.851  -1.124 2.006   1.00 0.00 ? 3  GHP A N    5 
HETATM 1327 C  CA   . GHP A 1 3  ? 2.807  -0.136 0.887   1.00 0.00 ? 3  GHP A CA   5 
HETATM 1328 C  C    . GHP A 1 3  ? 4.115  0.707  0.950   1.00 0.00 ? 3  GHP A C    5 
HETATM 1329 O  O    . GHP A 1 3  ? 5.196  0.283  0.533   1.00 0.00 ? 3  GHP A O    5 
HETATM 1330 C  C1   . GHP A 1 3  ? 2.541  -0.688 -0.548  1.00 0.00 ? 3  GHP A C1   5 
HETATM 1331 C  C2   . GHP A 1 3  ? 1.853  0.111  -1.474  1.00 0.00 ? 3  GHP A C2   5 
HETATM 1332 C  C3   . GHP A 1 3  ? 1.494  -0.394 -2.721  1.00 0.00 ? 3  GHP A C3   5 
HETATM 1333 C  C4   . GHP A 1 3  ? 1.841  -1.695 -3.068  1.00 0.00 ? 3  GHP A C4   5 
HETATM 1334 O  O4   . GHP A 1 3  ? 1.452  -2.220 -4.269  1.00 0.00 ? 3  GHP A O4   5 
HETATM 1335 C  C5   . GHP A 1 3  ? 2.563  -2.487 -2.181  1.00 0.00 ? 3  GHP A C5   5 
HETATM 1336 C  C6   . GHP A 1 3  ? 2.915  -1.987 -0.932  1.00 0.00 ? 3  GHP A C6   5 
HETATM 1337 H  H    . GHP A 1 3  ? 3.689  -1.679 2.203   1.00 0.00 ? 3  GHP A H    5 
HETATM 1338 H  HA   . GHP A 1 3  ? 1.959  0.551  1.099   1.00 0.00 ? 3  GHP A HA   5 
HETATM 1339 H  HC2  . GHP A 1 3  ? 1.566  1.123  -1.221  1.00 0.00 ? 3  GHP A HC2  5 
HETATM 1340 H  HO4  . GHP A 1 3  ? 1.808  -3.110 -4.342  1.00 0.00 ? 3  GHP A HO4  5 
HETATM 1341 H  H5   . GHP A 1 3  ? 2.834  -3.498 -2.444  1.00 0.00 ? 3  GHP A H5   5 
HETATM 1342 H  H6   . GHP A 1 3  ? 3.449  -2.629 -0.247  1.00 0.00 ? 3  GHP A H6   5 
HETATM 1343 N  N    . ORD A 1 4  ? 3.989  1.919  1.507   1.00 0.00 ? 4  ORD A N    5 
HETATM 1344 C  CA   . ORD A 1 4  ? 5.069  2.943  1.555   1.00 0.00 ? 4  ORD A CA   5 
HETATM 1345 C  CB   . ORD A 1 4  ? 4.550  3.971  2.604   1.00 0.00 ? 4  ORD A CB   5 
HETATM 1346 C  CG   . ORD A 1 4  ? 5.556  5.055  3.053   1.00 0.00 ? 4  ORD A CG   5 
HETATM 1347 C  CD   . ORD A 1 4  ? 4.947  5.990  4.113   1.00 0.00 ? 4  ORD A CD   5 
HETATM 1348 N  NE   . ORD A 1 4  ? 5.934  7.018  4.511   1.00 0.00 ? 4  ORD A NE   5 
HETATM 1349 O  O    . ORD A 1 4  ? 6.566  3.761  -0.190  1.00 0.00 ? 4  ORD A O    5 
HETATM 1350 C  C    . ORD A 1 4  ? 5.399  3.602  0.171   1.00 0.00 ? 4  ORD A C    5 
HETATM 1351 H  H    . ORD A 1 4  ? 3.006  2.197  1.679   1.00 0.00 ? 4  ORD A H    5 
HETATM 1352 H  HA   . ORD A 1 4  ? 5.997  2.470  1.933   1.00 0.00 ? 4  ORD A HA   5 
HETATM 1353 H  HB2  . ORD A 1 4  ? 3.631  4.454  2.211   1.00 0.00 ? 4  ORD A HB2  5 
HETATM 1354 H  HB3  . ORD A 1 4  ? 4.200  3.433  3.504   1.00 0.00 ? 4  ORD A HB3  5 
HETATM 1355 H  HG2  . ORD A 1 4  ? 6.468  4.565  3.447   1.00 0.00 ? 4  ORD A HG2  5 
HETATM 1356 H  HG3  . ORD A 1 4  ? 5.883  5.636  2.167   1.00 0.00 ? 4  ORD A HG3  5 
HETATM 1357 H  HD2  . ORD A 1 4  ? 4.621  5.407  4.999   1.00 0.00 ? 4  ORD A HD2  5 
HETATM 1358 H  HD3  . ORD A 1 4  ? 4.027  6.472  3.718   1.00 0.00 ? 4  ORD A HD3  5 
HETATM 1359 H  HE1  . ORD A 1 4  ? 6.250  7.577  3.711   1.00 0.00 ? 4  ORD A HE1  5 
HETATM 1360 H  HE2  . ORD A 1 4  ? 6.777  6.598  4.923   1.00 0.00 ? 4  ORD A HE2  5 
HETATM 1361 H  HE3  . ORD A 1 4  ? 5.562  7.678  5.206   1.00 0.00 ? 4  ORD A HE3  5 
HETATM 1362 N  N    . 2TL A 1 5  ? 4.352  4.008  -0.560  1.00 0.00 ? 5  2TL A N    5 
HETATM 1363 C  CA   . 2TL A 1 5  ? 4.439  4.521  -1.954  1.00 0.00 ? 5  2TL A CA   5 
HETATM 1364 C  CB   . 2TL A 1 5  ? 4.286  6.075  -1.949  1.00 0.00 ? 5  2TL A CB   5 
HETATM 1365 O  OG1  . 2TL A 1 5  ? 4.091  6.576  -3.266  1.00 0.00 ? 5  2TL A OG1  5 
HETATM 1366 C  CG2  . 2TL A 1 5  ? 5.504  6.841  -1.415  1.00 0.00 ? 5  2TL A CG2  5 
HETATM 1367 C  C    . 2TL A 1 5  ? 3.314  3.828  -2.792  1.00 0.00 ? 5  2TL A C    5 
HETATM 1368 O  O    . 2TL A 1 5  ? 2.243  3.479  -2.278  1.00 0.00 ? 5  2TL A O    5 
HETATM 1369 H  H    . 2TL A 1 5  ? 3.469  3.652  -0.178  1.00 0.00 ? 5  2TL A H    5 
HETATM 1370 H  HA   . 2TL A 1 5  ? 5.418  4.257  -2.402  1.00 0.00 ? 5  2TL A HA   5 
HETATM 1371 H  HB   . 2TL A 1 5  ? 3.401  6.337  -1.335  1.00 0.00 ? 5  2TL A HB   5 
HETATM 1372 H  HG1  . 2TL A 1 5  ? 4.513  7.439  -3.280  1.00 0.00 ? 5  2TL A HG1  5 
HETATM 1373 H  HG21 . 2TL A 1 5  ? 5.748  6.542  -0.380  1.00 0.00 ? 5  2TL A HG21 5 
HETATM 1374 H  HG22 . 2TL A 1 5  ? 6.408  6.654  -2.025  1.00 0.00 ? 5  2TL A HG22 5 
HETATM 1375 H  HG23 . 2TL A 1 5  ? 5.330  7.932  -1.399  1.00 0.00 ? 5  2TL A HG23 5 
HETATM 1376 N  N    . D4P A 1 6  ? 3.554  3.676  -4.105  1.00 0.00 ? 6  D4P A N    5 
HETATM 1377 C  CA   . D4P A 1 6  ? 2.525  3.215  -5.089  1.00 0.00 ? 6  D4P A CA   5 
HETATM 1378 C  C    . D4P A 1 6  ? 2.818  1.795  -5.676  1.00 0.00 ? 6  D4P A C    5 
HETATM 1379 O  O    . D4P A 1 6  ? 3.974  1.372  -5.788  1.00 0.00 ? 6  D4P A O    5 
HETATM 1380 C  C1   . D4P A 1 6  ? 2.280  4.214  -6.262  1.00 0.00 ? 6  D4P A C1   5 
HETATM 1381 C  C2   . D4P A 1 6  ? 3.335  4.722  -7.039  1.00 0.00 ? 6  D4P A C2   5 
HETATM 1382 C  C3   . D4P A 1 6  ? 3.082  5.602  -8.087  1.00 0.00 ? 6  D4P A C3   5 
HETATM 1383 C  C4   . D4P A 1 6  ? 1.776  5.983  -8.374  1.00 0.00 ? 6  D4P A C4   5 
HETATM 1384 O  O4   . D4P A 1 6  ? 1.530  6.854  -9.400  1.00 0.00 ? 6  D4P A O4   5 
HETATM 1385 C  C5   . D4P A 1 6  ? 0.718  5.475  -7.629  1.00 0.00 ? 6  D4P A C5   5 
HETATM 1386 C  C6   . D4P A 1 6  ? 0.967  4.586  -6.588  1.00 0.00 ? 6  D4P A C6   5 
HETATM 1387 H  H    . D4P A 1 6  ? 4.440  4.092  -4.410  1.00 0.00 ? 6  D4P A H    5 
HETATM 1388 H  HA   . D4P A 1 6  ? 1.575  3.127  -4.533  1.00 0.00 ? 6  D4P A HA   5 
HETATM 1389 H  H4   . D4P A 1 6  ? 0.586  7.010  -9.451  1.00 0.00 ? 6  D4P A H4   5 
HETATM 1390 H  H5   . D4P A 1 6  ? -0.296 5.773  -7.848  1.00 0.00 ? 6  D4P A H5   5 
HETATM 1391 H  H6   . D4P A 1 6  ? 0.127  4.210  -6.024  1.00 0.00 ? 6  D4P A H6   5 
HETATM 1392 N  N    . GHP A 1 7  ? 1.765  1.095  -6.149  1.00 0.00 ? 7  GHP A N    5 
HETATM 1393 C  CA   . GHP A 1 7  ? 1.928  -0.076 -7.061  1.00 0.00 ? 7  GHP A CA   5 
HETATM 1394 C  C    . GHP A 1 7  ? 0.586  -0.831 -7.317  1.00 0.00 ? 7  GHP A C    5 
HETATM 1395 O  O    . GHP A 1 7  ? -0.448 -0.242 -7.650  1.00 0.00 ? 7  GHP A O    5 
HETATM 1396 C  C1   . GHP A 1 7  ? 2.611  0.219  -8.434  1.00 0.00 ? 7  GHP A C1   5 
HETATM 1397 C  C2   . GHP A 1 7  ? 2.157  1.249  -9.276  1.00 0.00 ? 7  GHP A C2   5 
HETATM 1398 C  C3   . GHP A 1 7  ? 2.805  1.514  -10.481 1.00 0.00 ? 7  GHP A C3   5 
HETATM 1399 C  C4   . GHP A 1 7  ? 3.909  0.756  -10.856 1.00 0.00 ? 7  GHP A C4   5 
HETATM 1400 O  O4   . GHP A 1 7  ? 4.542  1.025  -12.039 1.00 0.00 ? 7  GHP A O4   5 
HETATM 1401 C  C5   . GHP A 1 7  ? 4.371  -0.267 -10.033 1.00 0.00 ? 7  GHP A C5   5 
HETATM 1402 C  C6   . GHP A 1 7  ? 3.726  -0.533 -8.826  1.00 0.00 ? 7  GHP A C6   5 
HETATM 1403 H  H    . GHP A 1 7  ? 0.850  1.499  -5.908  1.00 0.00 ? 7  GHP A H    5 
HETATM 1404 H  HA   . GHP A 1 7  ? 2.569  -0.782 -6.490  1.00 0.00 ? 7  GHP A HA   5 
HETATM 1405 H  HC2  . GHP A 1 7  ? 1.310  1.854  -8.987  1.00 0.00 ? 7  GHP A HC2  5 
HETATM 1406 H  HO4  . GHP A 1 7  ? 5.298  0.441  -12.129 1.00 0.00 ? 7  GHP A HO4  5 
HETATM 1407 H  H5   . GHP A 1 7  ? 5.231  -0.853 -10.320 1.00 0.00 ? 7  GHP A H5   5 
HETATM 1408 H  H6   . GHP A 1 7  ? 4.110  -1.321 -8.194  1.00 0.00 ? 7  GHP A H6   5 
HETATM 1409 N  N    . ALO A 1 8  ? 0.628  -2.165 -7.167  1.00 0.00 ? 8  ALO A N    5 
HETATM 1410 C  CA   . ALO A 1 8  ? -0.546 -3.079 -7.291  1.00 0.00 ? 8  ALO A CA   5 
HETATM 1411 C  CB   . ALO A 1 8  ? 0.004  -4.534 -7.102  1.00 0.00 ? 8  ALO A CB   5 
HETATM 1412 C  CG2  . ALO A 1 8  ? -1.028 -5.657 -7.283  1.00 0.00 ? 8  ALO A CG2  5 
HETATM 1413 O  OG1  . ALO A 1 8  ? 0.563  -4.719 -5.801  1.00 0.00 ? 8  ALO A OG1  5 
HETATM 1414 C  C    . ALO A 1 8  ? -1.777 -2.745 -6.384  1.00 0.00 ? 8  ALO A C    5 
HETATM 1415 O  O    . ALO A 1 8  ? -2.885 -2.536 -6.891  1.00 0.00 ? 8  ALO A O    5 
HETATM 1416 H  H    . ALO A 1 8  ? 1.517  -2.519 -6.804  1.00 0.00 ? 8  ALO A H    5 
HETATM 1417 H  HA   . ALO A 1 8  ? -0.907 -2.993 -8.331  1.00 0.00 ? 8  ALO A HA   5 
HETATM 1418 H  HB   . ALO A 1 8  ? 0.805  -4.703 -7.848  1.00 0.00 ? 8  ALO A HB   5 
HETATM 1419 H  HG21 . ALO A 1 8  ? -1.526 -5.594 -8.268  1.00 0.00 ? 8  ALO A HG21 5 
HETATM 1420 H  HG22 . ALO A 1 8  ? -0.562 -6.659 -7.226  1.00 0.00 ? 8  ALO A HG22 5 
HETATM 1421 H  HG23 . ALO A 1 8  ? -1.824 -5.621 -6.514  1.00 0.00 ? 8  ALO A HG23 5 
HETATM 1422 H  HG1  . ALO A 1 8  ? 0.331  -5.619 -5.553  1.00 0.00 ? 8  ALO A HG1  5 
ATOM   1423 N  N    . PHE A 1 9  ? -1.566 -2.692 -5.064  1.00 0.00 ? 9  PHE A N    5 
ATOM   1424 C  CA   . PHE A 1 9  ? -2.639 -2.442 -4.061  1.00 0.00 ? 9  PHE A CA   5 
ATOM   1425 C  C    . PHE A 1 9  ? -3.166 -0.973 -3.946  1.00 0.00 ? 9  PHE A C    5 
ATOM   1426 O  O    . PHE A 1 9  ? -4.330 -0.769 -3.593  1.00 0.00 ? 9  PHE A O    5 
ATOM   1427 C  CB   . PHE A 1 9  ? -2.107 -2.929 -2.694  1.00 0.00 ? 9  PHE A CB   5 
ATOM   1428 C  CG   . PHE A 1 9  ? -1.850 -4.435 -2.530  1.00 0.00 ? 9  PHE A CG   5 
ATOM   1429 C  CD1  . PHE A 1 9  ? -2.920 -5.308 -2.307  1.00 0.00 ? 9  PHE A CD1  5 
ATOM   1430 C  CD2  . PHE A 1 9  ? -0.543 -4.932 -2.515  1.00 0.00 ? 9  PHE A CD2  5 
ATOM   1431 C  CE1  . PHE A 1 9  ? -2.684 -6.659 -2.062  1.00 0.00 ? 9  PHE A CE1  5 
ATOM   1432 C  CE2  . PHE A 1 9  ? -0.308 -6.282 -2.270  1.00 0.00 ? 9  PHE A CE2  5 
ATOM   1433 C  CZ   . PHE A 1 9  ? -1.379 -7.143 -2.040  1.00 0.00 ? 9  PHE A CZ   5 
ATOM   1434 H  H    . PHE A 1 9  ? -0.592 -2.883 -4.797  1.00 0.00 ? 9  PHE A H    5 
ATOM   1435 H  HA   . PHE A 1 9  ? -3.520 -3.061 -4.320  1.00 0.00 ? 9  PHE A HA   5 
ATOM   1436 H  HB2  . PHE A 1 9  ? -1.208 -2.349 -2.407  1.00 0.00 ? 9  PHE A HB2  5 
ATOM   1437 H  HB3  . PHE A 1 9  ? -2.848 -2.638 -1.932  1.00 0.00 ? 9  PHE A HB3  5 
ATOM   1438 H  HD1  . PHE A 1 9  ? -3.936 -4.939 -2.299  1.00 0.00 ? 9  PHE A HD1  5 
ATOM   1439 H  HD2  . PHE A 1 9  ? 0.296  -4.269 -2.654  1.00 0.00 ? 9  PHE A HD2  5 
ATOM   1440 H  HE1  . PHE A 1 9  ? -3.511 -7.327 -1.871  1.00 0.00 ? 9  PHE A HE1  5 
ATOM   1441 H  HE2  . PHE A 1 9  ? 0.704  -6.657 -2.233  1.00 0.00 ? 9  PHE A HE2  5 
ATOM   1442 H  HZ   . PHE A 1 9  ? -1.195 -8.184 -1.824  1.00 0.00 ? 9  PHE A HZ   5 
HETATM 1443 N  N    . ORD A 1 10 ? -2.343 0.031  -4.284  1.00 0.00 ? 10 ORD A N    5 
HETATM 1444 C  CA   . ORD A 1 10 ? -2.801 1.420  -4.555  1.00 0.00 ? 10 ORD A CA   5 
HETATM 1445 C  CB   . ORD A 1 10 ? -2.999 1.600  -6.088  1.00 0.00 ? 10 ORD A CB   5 
HETATM 1446 C  CG   . ORD A 1 10 ? -4.112 0.771  -6.786  1.00 0.00 ? 10 ORD A CG   5 
HETATM 1447 C  CD   . ORD A 1 10 ? -3.836 0.501  -8.283  1.00 0.00 ? 10 ORD A CD   5 
HETATM 1448 N  NE   . ORD A 1 10 ? -4.241 -0.877 -8.637  1.00 0.00 ? 10 ORD A NE   5 
HETATM 1449 O  O    . ORD A 1 10 ? -0.538 2.233  -4.562  1.00 0.00 ? 10 ORD A O    5 
HETATM 1450 C  C    . ORD A 1 10 ? -1.675 2.393  -4.109  1.00 0.00 ? 10 ORD A C    5 
HETATM 1451 H  H    . ORD A 1 10 ? -1.457 -0.312 -4.677  1.00 0.00 ? 10 ORD A H    5 
HETATM 1452 H  HA   . ORD A 1 10 ? -3.744 1.648  -4.017  1.00 0.00 ? 10 ORD A HA   5 
HETATM 1453 H  HB2  . ORD A 1 10 ? -3.151 2.673  -6.296  1.00 0.00 ? 10 ORD A HB2  5 
HETATM 1454 H  HB3  . ORD A 1 10 ? -2.027 1.393  -6.568  1.00 0.00 ? 10 ORD A HB3  5 
HETATM 1455 H  HG2  . ORD A 1 10 ? -4.240 -0.181 -6.240  1.00 0.00 ? 10 ORD A HG2  5 
HETATM 1456 H  HG3  . ORD A 1 10 ? -5.088 1.276  -6.661  1.00 0.00 ? 10 ORD A HG3  5 
HETATM 1457 H  HD2  . ORD A 1 10 ? -4.358 1.248  -8.915  1.00 0.00 ? 10 ORD A HD2  5 
HETATM 1458 H  HD3  . ORD A 1 10 ? -2.759 0.627  -8.523  1.00 0.00 ? 10 ORD A HD3  5 
HETATM 1459 H  HE1  . ORD A 1 10 ? -3.753 -1.555 -8.013  1.00 0.00 ? 10 ORD A HE1  5 
HETATM 1460 H  HE2  . ORD A 1 10 ? -5.243 -1.046 -8.502  1.00 0.00 ? 10 ORD A HE2  5 
HETATM 1461 H  HE3  . ORD A 1 10 ? -3.998 -1.142 -9.598  1.00 0.00 ? 10 ORD A HE3  5 
HETATM 1462 N  N    . D4P A 1 11 ? -1.973 3.415  -3.289  1.00 0.00 ? 11 D4P A N    5 
HETATM 1463 C  CA   . D4P A 1 11 ? -0.952 4.407  -2.833  1.00 0.00 ? 11 D4P A CA   5 
HETATM 1464 C  C    . D4P A 1 11 ? -1.073 4.686  -1.306  1.00 0.00 ? 11 D4P A C    5 
HETATM 1465 O  O    . D4P A 1 11 ? -2.131 5.085  -0.810  1.00 0.00 ? 11 D4P A O    5 
HETATM 1466 C  C1   . D4P A 1 11 ? -0.850 5.772  -3.574  1.00 0.00 ? 11 D4P A C1   5 
HETATM 1467 C  C2   . D4P A 1 11 ? 0.419  6.334  -3.778  1.00 0.00 ? 11 D4P A C2   5 
HETATM 1468 C  C3   . D4P A 1 11 ? 0.558  7.557  -4.421  1.00 0.00 ? 11 D4P A C3   5 
HETATM 1469 C  C4   . D4P A 1 11 ? -0.563 8.265  -4.845  1.00 0.00 ? 11 D4P A C4   5 
HETATM 1470 O  O4   . D4P A 1 11 ? -0.296 9.474  -5.483  1.00 0.00 ? 11 D4P A O4   5 
HETATM 1471 C  C5   . D4P A 1 11 ? -1.838 7.722  -4.627  1.00 0.00 ? 11 D4P A C5   5 
HETATM 1472 C  C6   . D4P A 1 11 ? -1.979 6.486  -3.999  1.00 0.00 ? 11 D4P A C6   5 
HETATM 1473 H  H    . D4P A 1 11 ? -2.902 3.374  -2.867  1.00 0.00 ? 11 D4P A H    5 
HETATM 1474 H  HA   . D4P A 1 11 ? 0.023  3.914  -2.987  1.00 0.00 ? 11 D4P A HA   5 
HETATM 1475 H  H1   . D4P A 1 11 ? 1.313  5.820  -3.452  1.00 0.00 ? 11 D4P A H1   5 
HETATM 1476 H  H3   . D4P A 1 11 ? 1.545  7.963  -4.588  1.00 0.00 ? 11 D4P A H3   5 
HETATM 1477 H  H5   . D4P A 1 11 ? -2.722 8.249  -4.948  1.00 0.00 ? 11 D4P A H5   5 
HETATM 1478 H  H6   . D4P A 1 11 ? -2.970 6.086  -3.835  1.00 0.00 ? 11 D4P A H6   5 
HETATM 1479 N  N    . 2TL A 1 12 ? 0.047  4.530  -0.581  1.00 0.00 ? 12 2TL A N    5 
HETATM 1480 C  CA   . 2TL A 1 12 ? 0.158  4.945  0.847   1.00 0.00 ? 12 2TL A CA   5 
HETATM 1481 C  CB   . 2TL A 1 12 ? 1.274  6.021  1.031   1.00 0.00 ? 12 2TL A CB   5 
HETATM 1482 O  OG1  . 2TL A 1 12 ? 1.423  6.358  2.406   1.00 0.00 ? 12 2TL A OG1  5 
HETATM 1483 C  CG2  . 2TL A 1 12 ? 1.014  7.350  0.308   1.00 0.00 ? 12 2TL A CG2  5 
HETATM 1484 C  C    . 2TL A 1 12 ? 0.423  3.681  1.710   1.00 0.00 ? 12 2TL A C    5 
HETATM 1485 O  O    . 2TL A 1 12 ? 1.467  3.035  1.583   1.00 0.00 ? 12 2TL A O    5 
HETATM 1486 H  H    . 2TL A 1 12 ? 0.823  4.093  -1.101  1.00 0.00 ? 12 2TL A H    5 
HETATM 1487 H  HA   . 2TL A 1 12 ? -0.785 5.419  1.190   1.00 0.00 ? 12 2TL A HA   5 
HETATM 1488 H  HB   . 2TL A 1 12 ? 2.235  5.607  0.672   1.00 0.00 ? 12 2TL A HB   5 
HETATM 1489 H  HG1  . 2TL A 1 12 ? 0.723  6.989  2.595   1.00 0.00 ? 12 2TL A HG1  5 
HETATM 1490 H  HG21 . 2TL A 1 12 ? 0.059  7.817  0.612   1.00 0.00 ? 12 2TL A HG21 5 
HETATM 1491 H  HG22 . 2TL A 1 12 ? 1.821  8.081  0.501   1.00 0.00 ? 12 2TL A HG22 5 
HETATM 1492 H  HG23 . 2TL A 1 12 ? 0.969  7.214  -0.789  1.00 0.00 ? 12 2TL A HG23 5 
HETATM 1493 N  N    . D4P A 1 13 ? -0.515 3.337  2.602   1.00 0.00 ? 13 D4P A N    5 
HETATM 1494 C  CA   . D4P A 1 13 ? -0.374 2.167  3.519   1.00 0.00 ? 13 D4P A CA   5 
HETATM 1495 C  C    . D4P A 1 13 ? -1.785 1.672  3.953   1.00 0.00 ? 13 D4P A C    5 
HETATM 1496 O  O    . D4P A 1 13 ? -2.610 2.483  4.393   1.00 0.00 ? 13 D4P A O    5 
HETATM 1497 C  C1   . D4P A 1 13 ? 0.589  2.397  4.719   1.00 0.00 ? 13 D4P A C1   5 
HETATM 1498 C  C2   . D4P A 1 13 ? 0.265  3.260  5.779   1.00 0.00 ? 13 D4P A C2   5 
HETATM 1499 C  C3   . D4P A 1 13 ? 1.169  3.482  6.814   1.00 0.00 ? 13 D4P A C3   5 
HETATM 1500 C  C4   . D4P A 1 13 ? 2.411  2.855  6.796   1.00 0.00 ? 13 D4P A C4   5 
HETATM 1501 O  O4   . D4P A 1 13 ? 3.305  3.072  7.810   1.00 0.00 ? 13 D4P A O4   5 
HETATM 1502 C  C5   . D4P A 1 13 ? 2.752  2.005  5.749   1.00 0.00 ? 13 D4P A C5   5 
HETATM 1503 C  C6   . D4P A 1 13 ? 1.850  1.783  4.713   1.00 0.00 ? 13 D4P A C6   5 
HETATM 1504 H  H    . D4P A 1 13 ? -1.406 3.834  2.495   1.00 0.00 ? 13 D4P A H    5 
HETATM 1505 H  HA   . D4P A 1 13 ? 0.039  1.352  2.903   1.00 0.00 ? 13 D4P A HA   5 
HETATM 1506 H  H4   . D4P A 1 13 ? 2.877  3.587  8.498   1.00 0.00 ? 13 D4P A H4   5 
HETATM 1507 H  H5   . D4P A 1 13 ? 3.715  1.514  5.744   1.00 0.00 ? 13 D4P A H5   5 
HETATM 1508 H  H6   . D4P A 1 13 ? 2.143  1.135  3.901   1.00 0.00 ? 13 D4P A H6   5 
ATOM   1509 N  N    . GLY A 1 14 ? -2.094 0.370  3.791   1.00 0.00 ? 14 GLY A N    5 
ATOM   1510 C  CA   . GLY A 1 14 ? -3.520 -0.074 3.825   1.00 0.00 ? 14 GLY A CA   5 
ATOM   1511 C  C    . GLY A 1 14 ? -3.894 -1.521 4.169   1.00 0.00 ? 14 GLY A C    5 
ATOM   1512 O  O    . GLY A 1 14 ? -4.768 -2.103 3.531   1.00 0.00 ? 14 GLY A O    5 
ATOM   1513 H  H    . GLY A 1 14 ? -1.313 -0.211 3.452   1.00 0.00 ? 14 GLY A H    5 
ATOM   1514 H  HA2  . GLY A 1 14 ? -4.092 0.545  4.537   1.00 0.00 ? 14 GLY A HA2  5 
ATOM   1515 H  HA3  . GLY A 1 14 ? -3.965 0.153  2.845   1.00 0.00 ? 14 GLY A HA3  5 
ATOM   1516 N  N    . LEU A 1 15 ? -3.328 -2.031 5.263   1.00 0.00 ? 15 LEU A N    5 
ATOM   1517 C  CA   . LEU A 1 15 ? -3.888 -3.182 6.036   1.00 0.00 ? 15 LEU A CA   5 
ATOM   1518 C  C    . LEU A 1 15 ? -4.004 -4.526 5.240   1.00 0.00 ? 15 LEU A C    5 
ATOM   1519 O  O    . LEU A 1 15 ? -5.060 -4.893 4.717   1.00 0.00 ? 15 LEU A O    5 
ATOM   1520 C  CB   . LEU A 1 15 ? -5.183 -2.816 6.828   1.00 0.00 ? 15 LEU A CB   5 
ATOM   1521 C  CG   . LEU A 1 15 ? -5.125 -1.761 7.969   1.00 0.00 ? 15 LEU A CG   5 
ATOM   1522 C  CD1  . LEU A 1 15 ? -3.988 -2.001 8.978   1.00 0.00 ? 15 LEU A CD1  5 
ATOM   1523 C  CD2  . LEU A 1 15 ? -5.093 -0.313 7.454   1.00 0.00 ? 15 LEU A CD2  5 
ATOM   1524 H  H    . LEU A 1 15 ? -2.737 -1.316 5.689   1.00 0.00 ? 15 LEU A H    5 
ATOM   1525 H  HA   . LEU A 1 15 ? -3.135 -3.376 6.816   1.00 0.00 ? 15 LEU A HA   5 
ATOM   1526 H  HB2  . LEU A 1 15 ? -5.976 -2.539 6.107   1.00 0.00 ? 15 LEU A HB2  5 
ATOM   1527 H  HB3  . LEU A 1 15 ? -5.567 -3.746 7.287   1.00 0.00 ? 15 LEU A HB3  5 
ATOM   1528 H  HG   . LEU A 1 15 ? -6.076 -1.861 8.533   1.00 0.00 ? 15 LEU A HG   5 
ATOM   1529 H  HD11 . LEU A 1 15 ? -4.005 -3.032 9.377   1.00 0.00 ? 15 LEU A HD11 5 
ATOM   1530 H  HD12 . LEU A 1 15 ? -2.990 -1.839 8.532   1.00 0.00 ? 15 LEU A HD12 5 
ATOM   1531 H  HD13 . LEU A 1 15 ? -4.063 -1.320 9.846   1.00 0.00 ? 15 LEU A HD13 5 
ATOM   1532 H  HD21 . LEU A 1 15 ? -5.925 -0.111 6.754   1.00 0.00 ? 15 LEU A HD21 5 
ATOM   1533 H  HD22 . LEU A 1 15 ? -5.188 0.415  8.281   1.00 0.00 ? 15 LEU A HD22 5 
ATOM   1534 H  HD23 . LEU A 1 15 ? -4.159 -0.067 6.924   1.00 0.00 ? 15 LEU A HD23 5 
HETATM 1535 N  N    . DAL A 1 16 ? -2.875 -5.234 5.128   1.00 0.00 ? 16 DAL A N    5 
HETATM 1536 C  CA   . DAL A 1 16 ? -2.692 -6.327 4.134   1.00 0.00 ? 16 DAL A CA   5 
HETATM 1537 C  CB   . DAL A 1 16 ? -1.584 -7.203 4.754   1.00 0.00 ? 16 DAL A CB   5 
HETATM 1538 C  C    . DAL A 1 16 ? -2.310 -5.893 2.674   1.00 0.00 ? 16 DAL A C    5 
HETATM 1539 O  O    . DAL A 1 16 ? -2.106 -6.745 1.807   1.00 0.00 ? 16 DAL A O    5 
HETATM 1540 H  H    . DAL A 1 16 ? -2.060 -4.803 5.600   1.00 0.00 ? 16 DAL A H    5 
HETATM 1541 H  HA   . DAL A 1 16 ? -3.619 -6.928 4.054   1.00 0.00 ? 16 DAL A HA   5 
HETATM 1542 H  HB1  . DAL A 1 16 ? -1.846 -7.565 5.766   1.00 0.00 ? 16 DAL A HB1  5 
HETATM 1543 H  HB2  . DAL A 1 16 ? -1.391 -8.103 4.141   1.00 0.00 ? 16 DAL A HB2  5 
HETATM 1544 H  HB3  . DAL A 1 16 ? -0.621 -6.662 4.845   1.00 0.00 ? 16 DAL A HB3  5 
HETATM 1545 N  N    . CHP A 1 17 ? -2.165 -4.582 2.408   1.00 0.00 ? 17 CHP A N    5 
HETATM 1546 C  CA   . CHP A 1 17 ? -1.519 -4.040 1.177   1.00 0.00 ? 17 CHP A CA   5 
HETATM 1547 C  C    . CHP A 1 17 ? 0.043  -4.095 1.316   1.00 0.00 ? 17 CHP A C    5 
HETATM 1548 O  O    . CHP A 1 17 ? 0.799  -4.080 0.343   1.00 0.00 ? 17 CHP A O    5 
HETATM 1549 C  C1   . CHP A 1 17 ? -2.139 -2.654 0.778   1.00 0.00 ? 17 CHP A C1   5 
HETATM 1550 C  C2   . CHP A 1 17 ? -1.384 -1.524 0.417   1.00 0.00 ? 17 CHP A C2   5 
HETATM 1551 C  C3   . CHP A 1 17 ? -2.006 -0.327 0.064   1.00 0.00 ? 17 CHP A C3   5 
HETATM 1552 CL CL3  . CHP A 1 17 ? -1.041 1.093  -0.323  1.00 0.00 ? 17 CHP A CL3  5 
HETATM 1553 C  C4   . CHP A 1 17 ? -3.396 -0.245 0.053   1.00 0.00 ? 17 CHP A C4   5 
HETATM 1554 O  O4   . CHP A 1 17 ? -4.027 0.928  -0.272  1.00 0.00 ? 17 CHP A O4   5 
HETATM 1555 C  C5   . CHP A 1 17 ? -4.160 -1.348 0.409   1.00 0.00 ? 17 CHP A C5   5 
HETATM 1556 C  C6   . CHP A 1 17 ? -3.540 -2.544 0.743   1.00 0.00 ? 17 CHP A C6   5 
HETATM 1557 H  H    . CHP A 1 17 ? -2.337 -3.970 3.217   1.00 0.00 ? 17 CHP A H    5 
HETATM 1558 H  HA   . CHP A 1 17 ? -1.749 -4.720 0.336   1.00 0.00 ? 17 CHP A HA   5 
HETATM 1559 H  HC2  . CHP A 1 17 ? -0.308 -1.570 0.416   1.00 0.00 ? 17 CHP A HC2  5 
HETATM 1560 H  HO4  . CHP A 1 17 ? -4.973 0.774  -0.312  1.00 0.00 ? 17 CHP A HO4  5 
HETATM 1561 H  H5   . CHP A 1 17 ? -5.230 -1.275 0.513   1.00 0.00 ? 17 CHP A H5   5 
HETATM 1562 H  H6   . CHP A 1 17 ? -4.153 -3.377 1.065   1.00 0.00 ? 17 CHP A H6   5 
HETATM 1563 C  C1   . MAN B 2 .  ? -1.241 10.567 -5.624  1.00 0.00 ? 1  MAN B C1   5 
HETATM 1564 C  C2   . MAN B 2 .  ? -1.794 10.622 -7.072  1.00 0.00 ? 1  MAN B C2   5 
HETATM 1565 C  C3   . MAN B 2 .  ? -2.644 11.902 -7.289  1.00 0.00 ? 1  MAN B C3   5 
HETATM 1566 C  C4   . MAN B 2 .  ? -1.923 13.198 -6.835  1.00 0.00 ? 1  MAN B C4   5 
HETATM 1567 C  C5   . MAN B 2 .  ? -1.220 13.069 -5.451  1.00 0.00 ? 1  MAN B C5   5 
HETATM 1568 C  C6   . MAN B 2 .  ? -2.141 13.292 -4.234  1.00 0.00 ? 1  MAN B C6   5 
HETATM 1569 O  O2   . MAN B 2 .  ? -2.622 9.452  -7.320  1.00 0.00 ? 1  MAN B O2   5 
HETATM 1570 O  O3   . MAN B 2 .  ? -3.877 11.770 -6.587  1.00 0.00 ? 1  MAN B O3   5 
HETATM 1571 O  O4   . MAN B 2 .  ? -0.940 13.530 -7.816  1.00 0.00 ? 1  MAN B O4   5 
HETATM 1572 O  O5   . MAN B 2 .  ? -0.513 11.794 -5.321  1.00 0.00 ? 1  MAN B O5   5 
HETATM 1573 O  O6   . MAN B 2 .  ? -1.392 13.077 -3.042  1.00 0.00 ? 1  MAN B O6   5 
HETATM 1574 H  H2   . MAN B 2 .  ? -0.915 10.656 -7.745  1.00 0.00 ? 1  MAN B H2   5 
HETATM 1575 H  H4   . MAN B 2 .  ? -2.658 14.027 -6.797  1.00 0.00 ? 1  MAN B H4   5 
HETATM 1576 H  H5   . MAN B 2 .  ? -0.454 13.868 -5.402  1.00 0.00 ? 1  MAN B H5   5 
HETATM 1577 H  H61  . MAN B 2 .  ? -3.007 12.607 -4.257  1.00 0.00 ? 1  MAN B H61  5 
HETATM 1578 H  H62  . MAN B 2 .  ? -2.558 14.317 -4.233  1.00 0.00 ? 1  MAN B H62  5 
HETATM 1579 H  HO3  . MAN B 2 .  ? -4.124 10.845 -6.685  1.00 0.00 ? 1  MAN B HO3  5 
HETATM 1580 H  HO4  . MAN B 2 .  ? -1.411 13.718 -8.632  1.00 0.00 ? 1  MAN B HO4  5 
HETATM 1581 H  HO6  . MAN B 2 .  ? -0.766 12.377 -3.259  1.00 0.00 ? 1  MAN B HO6  5 
HETATM 1582 C  C1   . MAN B 2 .  ? -2.502 8.773  -8.602  1.00 0.00 ? 2  MAN B C1   5 
HETATM 1583 C  C2   . MAN B 2 .  ? -3.721 9.102  -9.512  1.00 0.00 ? 2  MAN B C2   5 
HETATM 1584 C  C3   . MAN B 2 .  ? -5.016 8.439  -8.984  1.00 0.00 ? 2  MAN B C3   5 
HETATM 1585 C  C4   . MAN B 2 .  ? -4.831 6.929  -8.719  1.00 0.00 ? 2  MAN B C4   5 
HETATM 1586 C  C5   . MAN B 2 .  ? -3.602 6.693  -7.796  1.00 0.00 ? 2  MAN B C5   5 
HETATM 1587 C  C6   . MAN B 2 .  ? -3.301 5.205  -7.579  1.00 0.00 ? 2  MAN B C6   5 
HETATM 1588 O  O2   . MAN B 2 .  ? -3.460 8.635  -10.834 1.00 0.00 ? 2  MAN B O2   5 
HETATM 1589 O  O3   . MAN B 2 .  ? -6.044 8.623  -9.946  1.00 0.00 ? 2  MAN B O3   5 
HETATM 1590 O  O4   . MAN B 2 .  ? -6.019 6.423  -8.117  1.00 0.00 ? 2  MAN B O4   5 
HETATM 1591 O  O5   . MAN B 2 .  ? -2.422 7.330  -8.375  1.00 0.00 ? 2  MAN B O5   5 
HETATM 1592 O  O6   . MAN B 2 .  ? -4.479 4.561  -7.102  1.00 0.00 ? 2  MAN B O6   5 
HETATM 1593 H  H1   . MAN B 2 .  ? -1.577 9.079  -9.128  1.00 0.00 ? 2  MAN B H1   5 
HETATM 1594 H  H2   . MAN B 2 .  ? -3.865 10.198 -9.551  1.00 0.00 ? 2  MAN B H2   5 
HETATM 1595 H  H3   . MAN B 2 .  ? -5.320 8.936  -8.041  1.00 0.00 ? 2  MAN B H3   5 
HETATM 1596 H  H4   . MAN B 2 .  ? -4.667 6.406  -9.682  1.00 0.00 ? 2  MAN B H4   5 
HETATM 1597 H  H5   . MAN B 2 .  ? -3.808 7.143  -6.805  1.00 0.00 ? 2  MAN B H5   5 
HETATM 1598 H  H61  . MAN B 2 .  ? -2.478 5.081  -6.849  1.00 0.00 ? 2  MAN B H61  5 
HETATM 1599 H  H62  . MAN B 2 .  ? -2.961 4.733  -8.520  1.00 0.00 ? 2  MAN B H62  5 
HETATM 1600 H  HO2  . MAN B 2 .  ? -3.155 7.727  -10.736 1.00 0.00 ? 2  MAN B HO2  5 
HETATM 1601 H  HO3  . MAN B 2 .  ? -5.570 8.785  -10.771 1.00 0.00 ? 2  MAN B HO3  5 
HETATM 1602 H  HO4  . MAN B 2 .  ? -6.733 6.918  -8.539  1.00 0.00 ? 2  MAN B HO4  5 
HETATM 1603 H  HO6  . MAN B 2 .  ? -5.208 5.128  -7.416  1.00 0.00 ? 2  MAN B HO6  5 
HETATM 1604 C  C1   . FA7 C 3 .  ? -0.465 -3.921 7.855   1.00 0.00 ? 0  FA7 A C1   5 
HETATM 1605 O  O    . FA7 C 3 .  ? -0.777 -4.290 6.721   1.00 0.00 ? 0  FA7 A O    5 
HETATM 1606 C  C2   . FA7 C 3 .  ? -0.549 -4.861 9.043   1.00 0.00 ? 0  FA7 A C2   5 
HETATM 1607 C  C3   . FA7 C 3 .  ? -1.518 -5.731 9.386   1.00 0.00 ? 0  FA7 A C3   5 
HETATM 1608 C  C4   . FA7 C 3 .  ? -2.689 -5.925 8.755   1.00 0.00 ? 0  FA7 A C4   5 
HETATM 1609 C  C5   . FA7 C 3 .  ? -3.616 -6.818 9.123   1.00 0.00 ? 0  FA7 A C5   5 
HETATM 1610 C  C6   . FA7 C 3 .  ? -4.928 -6.998 8.382   1.00 0.00 ? 0  FA7 A C6   5 
HETATM 1611 C  C7   . FA7 C 3 .  ? -4.838 -8.085 7.296   1.00 0.00 ? 0  FA7 A C7   5 
HETATM 1612 C  C8   . FA7 C 3 .  ? -6.126 -8.190 6.469   1.00 0.00 ? 0  FA7 A C8   5 
HETATM 1613 C  C9   . FA7 C 3 .  ? -3.665 -7.782 6.346   1.00 0.00 ? 0  FA7 A C9   5 
HETATM 1614 H  H3   . FA7 C 3 .  ? -1.313 -6.329 10.275  1.00 0.00 ? 0  FA7 A H3   5 
HETATM 1615 H  H4   . FA7 C 3 .  ? -2.916 -5.323 7.879   1.00 0.00 ? 0  FA7 A H4   5 
HETATM 1616 H  H5   . FA7 C 3 .  ? -3.440 -7.476 9.976   1.00 0.00 ? 0  FA7 A H5   5 
HETATM 1617 H  H61  . FA7 C 3 .  ? -5.724 -7.257 9.106   1.00 0.00 ? 0  FA7 A H61  5 
HETATM 1618 H  H62  . FA7 C 3 .  ? -5.251 -6.040 7.932   1.00 0.00 ? 0  FA7 A H62  5 
HETATM 1619 H  H7   . FA7 C 3 .  ? -4.657 -9.075 7.715   1.00 0.00 ? 0  FA7 A H7   5 
HETATM 1620 H  H81  . FA7 C 3 .  ? -7.002 -8.442 7.095   1.00 0.00 ? 0  FA7 A H81  5 
HETATM 1621 H  H82  . FA7 C 3 .  ? -6.045 -8.975 5.694   1.00 0.00 ? 0  FA7 A H82  5 
HETATM 1622 H  H83  . FA7 C 3 .  ? -6.354 -7.243 5.941   1.00 0.00 ? 0  FA7 A H83  5 
HETATM 1623 H  H91  . FA7 C 3 .  ? -3.608 -8.556 5.580   1.00 0.00 ? 0  FA7 A H91  5 
HETATM 1624 H  H92  . FA7 C 3 .  ? -3.822 -6.813 5.871   1.00 0.00 ? 0  FA7 A H92  5 
HETATM 1625 H  H93  . FA7 C 3 .  ? -2.734 -7.763 6.912   1.00 0.00 ? 0  FA7 A H93  5 
ATOM   1626 N  N    . ASN A 1 1  ? 0.057  -2.651 8.088   1.00 0.00 ? 1  ASN A N    6 
ATOM   1627 C  CA   . ASN A 1 1  ? 0.158  -1.639 6.998   1.00 0.00 ? 1  ASN A CA   6 
ATOM   1628 C  C    . ASN A 1 1  ? 1.351  -1.920 6.032   1.00 0.00 ? 1  ASN A C    6 
ATOM   1629 O  O    . ASN A 1 1  ? 2.509  -1.604 6.316   1.00 0.00 ? 1  ASN A O    6 
ATOM   1630 C  CB   . ASN A 1 1  ? 0.263  -0.210 7.581   1.00 0.00 ? 1  ASN A CB   6 
ATOM   1631 C  CG   . ASN A 1 1  ? -1.028 0.380  8.136   1.00 0.00 ? 1  ASN A CG   6 
ATOM   1632 O  OD1  . ASN A 1 1  ? -1.957 0.674  7.395   1.00 0.00 ? 1  ASN A OD1  6 
ATOM   1633 N  ND2  . ASN A 1 1  ? -1.129 0.593  9.424   1.00 0.00 ? 1  ASN A ND2  6 
ATOM   1634 H  H2   . ASN A 1 1  ? 0.469  -4.724 9.733   1.00 0.00 ? 1  ASN A H2   6 
ATOM   1635 H  HA   . ASN A 1 1  ? -0.780 -1.667 6.406   1.00 0.00 ? 1  ASN A HA   6 
ATOM   1636 H  HB2  . ASN A 1 1  ? 1.101  -0.139 8.293   1.00 0.00 ? 1  ASN A HB2  6 
ATOM   1637 H  HB3  . ASN A 1 1  ? 0.547  0.473  6.767   1.00 0.00 ? 1  ASN A HB3  6 
ATOM   1638 H  HD21 . ASN A 1 1  ? -0.309 0.402  10.005  1.00 0.00 ? 1  ASN A HD21 6 
ATOM   1639 H  HD22 . ASN A 1 1  ? -2.006 1.046  9.693   1.00 0.00 ? 1  ASN A HD22 6 
HETATM 1640 N  N    . AHB A 1 2  ? 1.024  -2.483 4.862   1.00 0.00 ? 2  AHB A N    6 
HETATM 1641 C  CA   . AHB A 1 2  ? 1.997  -2.647 3.740   1.00 0.00 ? 2  AHB A CA   6 
HETATM 1642 C  CB   . AHB A 1 2  ? 1.885  -4.023 3.006   1.00 0.00 ? 2  AHB A CB   6 
HETATM 1643 O  OB   . AHB A 1 2  ? 0.506  -4.256 2.632   1.00 0.00 ? 2  AHB A OB   6 
HETATM 1644 C  CG   . AHB A 1 2  ? 2.370  -5.216 3.864   1.00 0.00 ? 2  AHB A CG   6 
HETATM 1645 O  OD1  . AHB A 1 2  ? 1.780  -5.586 4.874   1.00 0.00 ? 2  AHB A OD1  6 
HETATM 1646 N  ND2  . AHB A 1 2  ? 3.452  -5.877 3.511   1.00 0.00 ? 2  AHB A ND2  6 
HETATM 1647 C  C    . AHB A 1 2  ? 1.803  -1.496 2.714   1.00 0.00 ? 2  AHB A C    6 
HETATM 1648 O  O    . AHB A 1 2  ? 0.698  -0.977 2.531   1.00 0.00 ? 2  AHB A O    6 
HETATM 1649 H  HA   . AHB A 1 2  ? 3.027  -2.577 4.143   1.00 0.00 ? 2  AHB A HA   6 
HETATM 1650 H  HB   . AHB A 1 2  ? 2.524  -3.980 2.099   1.00 0.00 ? 2  AHB A HB   6 
HETATM 1651 N  N    . GHP A 1 3  ? 2.885  -1.128 2.021   1.00 0.00 ? 3  GHP A N    6 
HETATM 1652 C  CA   . GHP A 1 3  ? 2.830  -0.160 0.887   1.00 0.00 ? 3  GHP A CA   6 
HETATM 1653 C  C    . GHP A 1 3  ? 4.119  0.710  0.946   1.00 0.00 ? 3  GHP A C    6 
HETATM 1654 O  O    . GHP A 1 3  ? 5.217  0.287  0.574   1.00 0.00 ? 3  GHP A O    6 
HETATM 1655 C  C1   . GHP A 1 3  ? 2.584  -0.756 -0.533  1.00 0.00 ? 3  GHP A C1   6 
HETATM 1656 C  C2   . GHP A 1 3  ? 1.814  -0.033 -1.457  1.00 0.00 ? 3  GHP A C2   6 
HETATM 1657 C  C3   . GHP A 1 3  ? 1.462  -0.596 -2.682  1.00 0.00 ? 3  GHP A C3   6 
HETATM 1658 C  C4   . GHP A 1 3  ? 1.899  -1.875 -3.007  1.00 0.00 ? 3  GHP A C4   6 
HETATM 1659 O  O4   . GHP A 1 3  ? 1.510  -2.459 -4.181  1.00 0.00 ? 3  GHP A O4   6 
HETATM 1660 C  C5   . GHP A 1 3  ? 2.699  -2.589 -2.122  1.00 0.00 ? 3  GHP A C5   6 
HETATM 1661 C  C6   . GHP A 1 3  ? 3.048  -2.030 -0.898  1.00 0.00 ? 3  GHP A C6   6 
HETATM 1662 H  H    . GHP A 1 3  ? 3.741  -1.640 2.252   1.00 0.00 ? 3  GHP A H    6 
HETATM 1663 H  HA   . GHP A 1 3  ? 1.964  0.513  1.085   1.00 0.00 ? 3  GHP A HA   6 
HETATM 1664 H  HC2  . GHP A 1 3  ? 1.460  0.961  -1.222  1.00 0.00 ? 3  GHP A HC2  6 
HETATM 1665 H  HO4  . GHP A 1 3  ? 1.848  -3.359 -4.200  1.00 0.00 ? 3  GHP A HO4  6 
HETATM 1666 H  H5   . GHP A 1 3  ? 3.036  -3.586 -2.367  1.00 0.00 ? 3  GHP A H5   6 
HETATM 1667 H  H6   . GHP A 1 3  ? 3.646  -2.613 -0.212  1.00 0.00 ? 3  GHP A H6   6 
HETATM 1668 N  N    . ORD A 1 4  ? 3.961  1.935  1.461   1.00 0.00 ? 4  ORD A N    6 
HETATM 1669 C  CA   . ORD A 1 4  ? 5.033  2.963  1.537   1.00 0.00 ? 4  ORD A CA   6 
HETATM 1670 C  CB   . ORD A 1 4  ? 4.486  3.990  2.574   1.00 0.00 ? 4  ORD A CB   6 
HETATM 1671 C  CG   . ORD A 1 4  ? 5.474  5.097  3.017   1.00 0.00 ? 4  ORD A CG   6 
HETATM 1672 C  CD   . ORD A 1 4  ? 4.900  6.094  4.041   1.00 0.00 ? 4  ORD A CD   6 
HETATM 1673 N  NE   . ORD A 1 4  ? 3.912  7.011  3.425   1.00 0.00 ? 4  ORD A NE   6 
HETATM 1674 O  O    . ORD A 1 4  ? 6.548  3.714  -0.224  1.00 0.00 ? 4  ORD A O    6 
HETATM 1675 C  C    . ORD A 1 4  ? 5.383  3.622  0.159   1.00 0.00 ? 4  ORD A C    6 
HETATM 1676 H  H    . ORD A 1 4  ? 2.970  2.201  1.608   1.00 0.00 ? 4  ORD A H    6 
HETATM 1677 H  HA   . ORD A 1 4  ? 5.957  2.499  1.935   1.00 0.00 ? 4  ORD A HA   6 
HETATM 1678 H  HB2  . ORD A 1 4  ? 3.559  4.444  2.167   1.00 0.00 ? 4  ORD A HB2  6 
HETATM 1679 H  HB3  . ORD A 1 4  ? 4.142  3.456  3.479   1.00 0.00 ? 4  ORD A HB3  6 
HETATM 1680 H  HG2  . ORD A 1 4  ? 6.360  4.610  3.468   1.00 0.00 ? 4  ORD A HG2  6 
HETATM 1681 H  HG3  . ORD A 1 4  ? 5.876  5.637  2.137   1.00 0.00 ? 4  ORD A HG3  6 
HETATM 1682 H  HD2  . ORD A 1 4  ? 5.732  6.684  4.474   1.00 0.00 ? 4  ORD A HD2  6 
HETATM 1683 H  HD3  . ORD A 1 4  ? 4.449  5.552  4.899   1.00 0.00 ? 4  ORD A HD3  6 
HETATM 1684 H  HE1  . ORD A 1 4  ? 3.566  7.722  4.080   1.00 0.00 ? 4  ORD A HE1  6 
HETATM 1685 H  HE2  . ORD A 1 4  ? 3.072  6.520  3.067   1.00 0.00 ? 4  ORD A HE2  6 
HETATM 1686 H  HE3  . ORD A 1 4  ? 4.305  7.513  2.620   1.00 0.00 ? 4  ORD A HE3  6 
HETATM 1687 N  N    . 2TL A 1 5  ? 4.347  4.107  -0.537  1.00 0.00 ? 5  2TL A N    6 
HETATM 1688 C  CA   . 2TL A 1 5  ? 4.427  4.614  -1.931  1.00 0.00 ? 5  2TL A CA   6 
HETATM 1689 C  CB   . 2TL A 1 5  ? 4.217  6.160  -1.927  1.00 0.00 ? 5  2TL A CB   6 
HETATM 1690 O  OG1  . 2TL A 1 5  ? 4.061  6.653  -3.251  1.00 0.00 ? 5  2TL A OG1  6 
HETATM 1691 C  CG2  . 2TL A 1 5  ? 5.380  6.971  -1.338  1.00 0.00 ? 5  2TL A CG2  6 
HETATM 1692 C  C    . 2TL A 1 5  ? 3.326  3.882  -2.765  1.00 0.00 ? 5  2TL A C    6 
HETATM 1693 O  O    . 2TL A 1 5  ? 2.261  3.520  -2.246  1.00 0.00 ? 5  2TL A O    6 
HETATM 1694 H  H    . 2TL A 1 5  ? 3.457  3.776  -0.150  1.00 0.00 ? 5  2TL A H    6 
HETATM 1695 H  HA   . 2TL A 1 5  ? 5.417  4.386  -2.377  1.00 0.00 ? 5  2TL A HA   6 
HETATM 1696 H  HB   . 2TL A 1 5  ? 3.296  6.383  -1.353  1.00 0.00 ? 5  2TL A HB   6 
HETATM 1697 H  HG1  . 2TL A 1 5  ? 4.379  7.560  -3.233  1.00 0.00 ? 5  2TL A HG1  6 
HETATM 1698 H  HG21 . 2TL A 1 5  ? 5.602  6.669  -0.299  1.00 0.00 ? 5  2TL A HG21 6 
HETATM 1699 H  HG22 . 2TL A 1 5  ? 6.313  6.833  -1.918  1.00 0.00 ? 5  2TL A HG22 6 
HETATM 1700 H  HG23 . 2TL A 1 5  ? 5.157  8.054  -1.315  1.00 0.00 ? 5  2TL A HG23 6 
HETATM 1701 N  N    . D4P A 1 6  ? 3.572  3.705  -4.073  1.00 0.00 ? 6  D4P A N    6 
HETATM 1702 C  CA   . D4P A 1 6  ? 2.553  3.186  -5.038  1.00 0.00 ? 6  D4P A CA   6 
HETATM 1703 C  C    . D4P A 1 6  ? 2.901  1.783  -5.632  1.00 0.00 ? 6  D4P A C    6 
HETATM 1704 O  O    . D4P A 1 6  ? 4.071  1.426  -5.796  1.00 0.00 ? 6  D4P A O    6 
HETATM 1705 C  C1   . D4P A 1 6  ? 2.179  4.166  -6.189  1.00 0.00 ? 6  D4P A C1   6 
HETATM 1706 C  C2   . D4P A 1 6  ? 3.140  4.858  -6.945  1.00 0.00 ? 6  D4P A C2   6 
HETATM 1707 C  C3   . D4P A 1 6  ? 2.747  5.721  -7.969  1.00 0.00 ? 6  D4P A C3   6 
HETATM 1708 C  C4   . D4P A 1 6  ? 1.397  5.890  -8.255  1.00 0.00 ? 6  D4P A C4   6 
HETATM 1709 O  O4   . D4P A 1 6  ? 1.008  6.736  -9.259  1.00 0.00 ? 6  D4P A O4   6 
HETATM 1710 C  C5   . D4P A 1 6  ? 0.438  5.194  -7.531  1.00 0.00 ? 6  D4P A C5   6 
HETATM 1711 C  C6   . D4P A 1 6  ? 0.824  4.336  -6.511  1.00 0.00 ? 6  D4P A C6   6 
HETATM 1712 H  H    . D4P A 1 6  ? 4.459  4.110  -4.390  1.00 0.00 ? 6  D4P A H    6 
HETATM 1713 H  HA   . D4P A 1 6  ? 1.631  3.031  -4.455  1.00 0.00 ? 6  D4P A HA   6 
HETATM 1714 H  H4   . D4P A 1 6  ? 0.048  6.820  -9.252  1.00 0.00 ? 6  D4P A H4   6 
HETATM 1715 H  H5   . D4P A 1 6  ? -0.609 5.316  -7.749  1.00 0.00 ? 6  D4P A H5   6 
HETATM 1716 H  H6   . D4P A 1 6  ? 0.054  3.816  -5.963  1.00 0.00 ? 6  D4P A H6   6 
HETATM 1717 N  N    . GHP A 1 7  ? 1.861  1.016  -6.028  1.00 0.00 ? 7  GHP A N    6 
HETATM 1718 C  CA   . GHP A 1 7  ? 2.023  -0.212 -6.865  1.00 0.00 ? 7  GHP A CA   6 
HETATM 1719 C  C    . GHP A 1 7  ? 0.651  -0.897 -7.169  1.00 0.00 ? 7  GHP A C    6 
HETATM 1720 O  O    . GHP A 1 7  ? -0.330 -0.252 -7.556  1.00 0.00 ? 7  GHP A O    6 
HETATM 1721 C  C1   . GHP A 1 7  ? 2.797  -0.052 -8.211  1.00 0.00 ? 7  GHP A C1   6 
HETATM 1722 C  C2   . GHP A 1 7  ? 2.451  0.937  -9.147  1.00 0.00 ? 7  GHP A C2   6 
HETATM 1723 C  C3   . GHP A 1 7  ? 3.175  1.075  -10.329 1.00 0.00 ? 7  GHP A C3   6 
HETATM 1724 C  C4   . GHP A 1 7  ? 4.250  0.232  -10.587 1.00 0.00 ? 7  GHP A C4   6 
HETATM 1725 O  O4   . GHP A 1 7  ? 4.956  0.375  -11.752 1.00 0.00 ? 7  GHP A O4   6 
HETATM 1726 C  C5   . GHP A 1 7  ? 4.607  -0.751 -9.669  1.00 0.00 ? 7  GHP A C5   6 
HETATM 1727 C  C6   . GHP A 1 7  ? 3.886  -0.892 -8.484  1.00 0.00 ? 7  GHP A C6   6 
HETATM 1728 H  H    . GHP A 1 7  ? 0.944  1.370  -5.730  1.00 0.00 ? 7  GHP A H    6 
HETATM 1729 H  HA   . GHP A 1 7  ? 2.580  -0.916 -6.212  1.00 0.00 ? 7  GHP A HA   6 
HETATM 1730 H  HC2  . GHP A 1 7  ? 1.622  1.604  -8.951  1.00 0.00 ? 7  GHP A HC2  6 
HETATM 1731 H  HO4  . GHP A 1 7  ? 5.669  -0.267 -11.765 1.00 0.00 ? 7  GHP A HO4  6 
HETATM 1732 H  H5   . GHP A 1 7  ? 5.446  -1.404 -9.864  1.00 0.00 ? 7  GHP A H5   6 
HETATM 1733 H  H6   . GHP A 1 7  ? 4.188  -1.652 -7.779  1.00 0.00 ? 7  GHP A H6   6 
HETATM 1734 N  N    . ALO A 1 8  ? 0.611  -2.231 -7.008  1.00 0.00 ? 8  ALO A N    6 
HETATM 1735 C  CA   . ALO A 1 8  ? -0.597 -3.081 -7.233  1.00 0.00 ? 8  ALO A CA   6 
HETATM 1736 C  CB   . ALO A 1 8  ? -0.137 -4.569 -7.042  1.00 0.00 ? 8  ALO A CB   6 
HETATM 1737 C  CG2  . ALO A 1 8  ? -1.203 -5.630 -7.346  1.00 0.00 ? 8  ALO A CG2  6 
HETATM 1738 O  OG1  . ALO A 1 8  ? 0.298  -4.818 -5.706  1.00 0.00 ? 8  ALO A OG1  6 
HETATM 1739 C  C    . ALO A 1 8  ? -1.866 -2.694 -6.405  1.00 0.00 ? 8  ALO A C    6 
HETATM 1740 O  O    . ALO A 1 8  ? -2.925 -2.408 -6.974  1.00 0.00 ? 8  ALO A O    6 
HETATM 1741 H  H    . ALO A 1 8  ? 1.437  -2.622 -6.547  1.00 0.00 ? 8  ALO A H    6 
HETATM 1742 H  HA   . ALO A 1 8  ? -0.883 -2.957 -8.292  1.00 0.00 ? 8  ALO A HA   6 
HETATM 1743 H  HB   . ALO A 1 8  ? 0.718  -4.761 -7.723  1.00 0.00 ? 8  ALO A HB   6 
HETATM 1744 H  HG21 . ALO A 1 8  ? -1.578 -5.539 -8.382  1.00 0.00 ? 8  ALO A HG21 6 
HETATM 1745 H  HG22 . ALO A 1 8  ? -0.803 -6.657 -7.244  1.00 0.00 ? 8  ALO A HG22 6 
HETATM 1746 H  HG23 . ALO A 1 8  ? -2.082 -5.551 -6.677  1.00 0.00 ? 8  ALO A HG23 6 
HETATM 1747 H  HG1  . ALO A 1 8  ? -0.141 -5.635 -5.448  1.00 0.00 ? 8  ALO A HG1  6 
ATOM   1748 N  N    . PHE A 1 9  ? -1.737 -2.679 -5.072  1.00 0.00 ? 9  PHE A N    6 
ATOM   1749 C  CA   . PHE A 1 9  ? -2.843 -2.343 -4.132  1.00 0.00 ? 9  PHE A CA   6 
ATOM   1750 C  C    . PHE A 1 9  ? -3.323 -0.851 -4.132  1.00 0.00 ? 9  PHE A C    6 
ATOM   1751 O  O    . PHE A 1 9  ? -4.509 -0.586 -3.922  1.00 0.00 ? 9  PHE A O    6 
ATOM   1752 C  CB   . PHE A 1 9  ? -2.388 -2.769 -2.712  1.00 0.00 ? 9  PHE A CB   6 
ATOM   1753 C  CG   . PHE A 1 9  ? -2.116 -4.263 -2.472  1.00 0.00 ? 9  PHE A CG   6 
ATOM   1754 C  CD1  . PHE A 1 9  ? -3.177 -5.148 -2.254  1.00 0.00 ? 9  PHE A CD1  6 
ATOM   1755 C  CD2  . PHE A 1 9  ? -0.803 -4.741 -2.416  1.00 0.00 ? 9  PHE A CD2  6 
ATOM   1756 C  CE1  . PHE A 1 9  ? -2.926 -6.491 -1.984  1.00 0.00 ? 9  PHE A CE1  6 
ATOM   1757 C  CE2  . PHE A 1 9  ? -0.553 -6.084 -2.145  1.00 0.00 ? 9  PHE A CE2  6 
ATOM   1758 C  CZ   . PHE A 1 9  ? -1.615 -6.958 -1.930  1.00 0.00 ? 9  PHE A CZ   6 
ATOM   1759 H  H    . PHE A 1 9  ? -0.797 -2.941 -4.750  1.00 0.00 ? 9  PHE A H    6 
ATOM   1760 H  HA   . PHE A 1 9  ? -3.729 -2.951 -4.400  1.00 0.00 ? 9  PHE A HA   6 
ATOM   1761 H  HB2  . PHE A 1 9  ? -1.505 -2.171 -2.411  1.00 0.00 ? 9  PHE A HB2  6 
ATOM   1762 H  HB3  . PHE A 1 9  ? -3.161 -2.450 -1.993  1.00 0.00 ? 9  PHE A HB3  6 
ATOM   1763 H  HD1  . PHE A 1 9  ? -4.198 -4.794 -2.275  1.00 0.00 ? 9  PHE A HD1  6 
ATOM   1764 H  HD2  . PHE A 1 9  ? 0.031  -4.068 -2.545  1.00 0.00 ? 9  PHE A HD2  6 
ATOM   1765 H  HE1  . PHE A 1 9  ? -3.748 -7.171 -1.802  1.00 0.00 ? 9  PHE A HE1  6 
ATOM   1766 H  HE2  . PHE A 1 9  ? 0.464  -6.444 -2.076  1.00 0.00 ? 9  PHE A HE2  6 
ATOM   1767 H  HZ   . PHE A 1 9  ? -1.420 -7.996 -1.704  1.00 0.00 ? 9  PHE A HZ   6 
HETATM 1768 N  N    . ORD A 1 10 ? -2.414 0.101  -4.392  1.00 0.00 ? 10 ORD A N    6 
HETATM 1769 C  CA   . ORD A 1 10 ? -2.742 1.535  -4.611  1.00 0.00 ? 10 ORD A CA   6 
HETATM 1770 C  CB   . ORD A 1 10 ? -2.835 1.837  -6.138  1.00 0.00 ? 10 ORD A CB   6 
HETATM 1771 C  CG   . ORD A 1 10 ? -3.938 1.095  -6.933  1.00 0.00 ? 10 ORD A CG   6 
HETATM 1772 C  CD   . ORD A 1 10 ? -3.809 1.280  -8.453  1.00 0.00 ? 10 ORD A CD   6 
HETATM 1773 N  NE   . ORD A 1 10 ? -4.762 0.380  -9.138  1.00 0.00 ? 10 ORD A NE   6 
HETATM 1774 O  O    . ORD A 1 10 ? -0.418 2.044  -4.178  1.00 0.00 ? 10 ORD A O    6 
HETATM 1775 C  C    . ORD A 1 10 ? -1.589 2.398  -4.019  1.00 0.00 ? 10 ORD A C    6 
HETATM 1776 H  H    . ORD A 1 10 ? -1.513 -0.287 -4.693  1.00 0.00 ? 10 ORD A H    6 
HETATM 1777 H  HA   . ORD A 1 10 ? -3.699 1.799  -4.115  1.00 0.00 ? 10 ORD A HA   6 
HETATM 1778 H  HB2  . ORD A 1 10 ? -2.951 2.929  -6.274  1.00 0.00 ? 10 ORD A HB2  6 
HETATM 1779 H  HB3  . ORD A 1 10 ? -1.853 1.617  -6.595  1.00 0.00 ? 10 ORD A HB3  6 
HETATM 1780 H  HG2  . ORD A 1 10 ? -3.876 0.015  -6.699  1.00 0.00 ? 10 ORD A HG2  6 
HETATM 1781 H  HG3  . ORD A 1 10 ? -4.934 1.417  -6.576  1.00 0.00 ? 10 ORD A HG3  6 
HETATM 1782 H  HD2  . ORD A 1 10 ? -3.993 2.339  -8.733  1.00 0.00 ? 10 ORD A HD2  6 
HETATM 1783 H  HD3  . ORD A 1 10 ? -2.772 1.052  -8.782  1.00 0.00 ? 10 ORD A HD3  6 
HETATM 1784 H  HE1  . ORD A 1 10 ? -4.716 0.451  -10.161 1.00 0.00 ? 10 ORD A HE1  6 
HETATM 1785 H  HE2  . ORD A 1 10 ? -4.577 -0.603 -8.896  1.00 0.00 ? 10 ORD A HE2  6 
HETATM 1786 H  HE3  . ORD A 1 10 ? -5.732 0.569  -8.861  1.00 0.00 ? 10 ORD A HE3  6 
HETATM 1787 N  N    . D4P A 1 11 ? -1.905 3.563  -3.428  1.00 0.00 ? 11 D4P A N    6 
HETATM 1788 C  CA   . D4P A 1 11 ? -0.880 4.553  -2.972  1.00 0.00 ? 11 D4P A CA   6 
HETATM 1789 C  C    . D4P A 1 11 ? -1.038 4.841  -1.452  1.00 0.00 ? 11 D4P A C    6 
HETATM 1790 O  O    . D4P A 1 11 ? -2.073 5.344  -1.003  1.00 0.00 ? 11 D4P A O    6 
HETATM 1791 C  C1   . D4P A 1 11 ? -0.770 5.907  -3.736  1.00 0.00 ? 11 D4P A C1   6 
HETATM 1792 C  C2   . D4P A 1 11 ? 0.489  6.515  -3.860  1.00 0.00 ? 11 D4P A C2   6 
HETATM 1793 C  C3   . D4P A 1 11 ? 0.625  7.735  -4.515  1.00 0.00 ? 11 D4P A C3   6 
HETATM 1794 C  C4   . D4P A 1 11 ? -0.487 8.386  -5.039  1.00 0.00 ? 11 D4P A C4   6 
HETATM 1795 O  O4   . D4P A 1 11 ? -0.237 9.621  -5.642  1.00 0.00 ? 11 D4P A O4   6 
HETATM 1796 C  C5   . D4P A 1 11 ? -1.746 7.774  -4.939  1.00 0.00 ? 11 D4P A C5   6 
HETATM 1797 C  C6   . D4P A 1 11 ? -1.886 6.554  -4.285  1.00 0.00 ? 11 D4P A C6   6 
HETATM 1798 H  H    . D4P A 1 11 ? -2.888 3.661  -3.169  1.00 0.00 ? 11 D4P A H    6 
HETATM 1799 H  HA   . D4P A 1 11 ? 0.105  4.076  -3.114  1.00 0.00 ? 11 D4P A HA   6 
HETATM 1800 H  H1   . D4P A 1 11 ? 1.373  6.044  -3.454  1.00 0.00 ? 11 D4P A H1   6 
HETATM 1801 H  H3   . D4P A 1 11 ? 1.605  8.185  -4.603  1.00 0.00 ? 11 D4P A H3   6 
HETATM 1802 H  H5   . D4P A 1 11 ? -2.619 8.238  -5.372  1.00 0.00 ? 11 D4P A H5   6 
HETATM 1803 H  H6   . D4P A 1 11 ? -2.869 6.113  -4.200  1.00 0.00 ? 11 D4P A H6   6 
HETATM 1804 N  N    . 2TL A 1 12 ? 0.018  4.556  -0.674  1.00 0.00 ? 12 2TL A N    6 
HETATM 1805 C  CA   . 2TL A 1 12 ? 0.087  4.918  0.772   1.00 0.00 ? 12 2TL A CA   6 
HETATM 1806 C  CB   . 2TL A 1 12 ? 1.177  6.008  1.028   1.00 0.00 ? 12 2TL A CB   6 
HETATM 1807 O  OG1  . 2TL A 1 12 ? 1.322  6.267  2.423   1.00 0.00 ? 12 2TL A OG1  6 
HETATM 1808 C  CG2  . 2TL A 1 12 ? 0.878  7.371  0.386   1.00 0.00 ? 12 2TL A CG2  6 
HETATM 1809 C  C    . 2TL A 1 12 ? 0.351  3.627  1.597   1.00 0.00 ? 12 2TL A C    6 
HETATM 1810 O  O    . 2TL A 1 12 ? 1.408  3.003  1.474   1.00 0.00 ? 12 2TL A O    6 
HETATM 1811 H  H    . 2TL A 1 12 ? 0.773  4.050  -1.163  1.00 0.00 ? 12 2TL A H    6 
HETATM 1812 H  HA   . 2TL A 1 12 ? -0.876 5.358  1.105   1.00 0.00 ? 12 2TL A HA   6 
HETATM 1813 H  HB   . 2TL A 1 12 ? 2.144  5.644  0.639   1.00 0.00 ? 12 2TL A HB   6 
HETATM 1814 H  HG1  . 2TL A 1 12 ? 0.471  6.621  2.706   1.00 0.00 ? 12 2TL A HG1  6 
HETATM 1815 H  HG21 . 2TL A 1 12 ? -0.080 7.800  0.734   1.00 0.00 ? 12 2TL A HG21 6 
HETATM 1816 H  HG22 . 2TL A 1 12 ? 1.668  8.112  0.606   1.00 0.00 ? 12 2TL A HG22 6 
HETATM 1817 H  HG23 . 2TL A 1 12 ? 0.813  7.298  -0.716  1.00 0.00 ? 12 2TL A HG23 6 
HETATM 1818 N  N    . D4P A 1 13 ? -0.597 3.255  2.469   1.00 0.00 ? 13 D4P A N    6 
HETATM 1819 C  CA   . D4P A 1 13 ? -0.443 2.101  3.404   1.00 0.00 ? 13 D4P A CA   6 
HETATM 1820 C  C    . D4P A 1 13 ? -1.849 1.625  3.878   1.00 0.00 ? 13 D4P A C    6 
HETATM 1821 O  O    . D4P A 1 13 ? -2.676 2.458  4.271   1.00 0.00 ? 13 D4P A O    6 
HETATM 1822 C  C1   . D4P A 1 13 ? 0.538  2.357  4.585   1.00 0.00 ? 13 D4P A C1   6 
HETATM 1823 C  C2   . D4P A 1 13 ? 0.235  3.252  5.624   1.00 0.00 ? 13 D4P A C2   6 
HETATM 1824 C  C3   . D4P A 1 13 ? 1.164  3.514  6.628   1.00 0.00 ? 13 D4P A C3   6 
HETATM 1825 C  C4   . D4P A 1 13 ? 2.409  2.894  6.600   1.00 0.00 ? 13 D4P A C4   6 
HETATM 1826 O  O4   . D4P A 1 13 ? 3.330  3.154  7.577   1.00 0.00 ? 13 D4P A O4   6 
HETATM 1827 C  C5   . D4P A 1 13 ? 2.727  2.009  5.576   1.00 0.00 ? 13 D4P A C5   6 
HETATM 1828 C  C6   . D4P A 1 13 ? 1.801  1.747  4.571   1.00 0.00 ? 13 D4P A C6   6 
HETATM 1829 H  H    . D4P A 1 13 ? -1.500 3.729  2.348   1.00 0.00 ? 13 D4P A H    6 
HETATM 1830 H  HA   . D4P A 1 13 ? -0.047 1.268  2.799   1.00 0.00 ? 13 D4P A HA   6 
HETATM 1831 H  H4   . D4P A 1 13 ? 2.914  3.673  8.270   1.00 0.00 ? 13 D4P A H4   6 
HETATM 1832 H  H5   . D4P A 1 13 ? 3.695  1.528  5.561   1.00 0.00 ? 13 D4P A H5   6 
HETATM 1833 H  H6   . D4P A 1 13 ? 2.079  1.078  3.773   1.00 0.00 ? 13 D4P A H6   6 
ATOM   1834 N  N    . GLY A 1 14 ? -2.151 0.311  3.813   1.00 0.00 ? 14 GLY A N    6 
ATOM   1835 C  CA   . GLY A 1 14 ? -3.568 -0.136 3.953   1.00 0.00 ? 14 GLY A CA   6 
ATOM   1836 C  C    . GLY A 1 14 ? -3.916 -1.591 4.293   1.00 0.00 ? 14 GLY A C    6 
ATOM   1837 O  O    . GLY A 1 14 ? -4.784 -2.185 3.656   1.00 0.00 ? 14 GLY A O    6 
ATOM   1838 H  H    . GLY A 1 14 ? -1.375 -0.294 3.512   1.00 0.00 ? 14 GLY A H    6 
ATOM   1839 H  HA2  . GLY A 1 14 ? -4.076 0.473  4.719   1.00 0.00 ? 14 GLY A HA2  6 
ATOM   1840 H  HA3  . GLY A 1 14 ? -4.090 0.108  3.016   1.00 0.00 ? 14 GLY A HA3  6 
ATOM   1841 N  N    . LEU A 1 15 ? -3.336 -2.097 5.381   1.00 0.00 ? 15 LEU A N    6 
ATOM   1842 C  CA   . LEU A 1 15 ? -3.867 -3.269 6.147   1.00 0.00 ? 15 LEU A CA   6 
ATOM   1843 C  C    . LEU A 1 15 ? -3.974 -4.604 5.338   1.00 0.00 ? 15 LEU A C    6 
ATOM   1844 O  O    . LEU A 1 15 ? -5.035 -4.987 4.838   1.00 0.00 ? 15 LEU A O    6 
ATOM   1845 C  CB   . LEU A 1 15 ? -5.154 -2.936 6.964   1.00 0.00 ? 15 LEU A CB   6 
ATOM   1846 C  CG   . LEU A 1 15 ? -5.099 -1.881 8.106   1.00 0.00 ? 15 LEU A CG   6 
ATOM   1847 C  CD1  . LEU A 1 15 ? -3.923 -2.081 9.081   1.00 0.00 ? 15 LEU A CD1  6 
ATOM   1848 C  CD2  . LEU A 1 15 ? -5.131 -0.431 7.593   1.00 0.00 ? 15 LEU A CD2  6 
ATOM   1849 H  H    . LEU A 1 15 ? -2.757 -1.375 5.815   1.00 0.00 ? 15 LEU A H    6 
ATOM   1850 H  HA   . LEU A 1 15 ? -3.101 -3.464 6.916   1.00 0.00 ? 15 LEU A HA   6 
ATOM   1851 H  HB2  . LEU A 1 15 ? -5.968 -2.677 6.260   1.00 0.00 ? 15 LEU A HB2  6 
ATOM   1852 H  HB3  . LEU A 1 15 ? -5.505 -3.878 7.427   1.00 0.00 ? 15 LEU A HB3  6 
ATOM   1853 H  HG   . LEU A 1 15 ? -6.029 -2.016 8.694   1.00 0.00 ? 15 LEU A HG   6 
ATOM   1854 H  HD11 . LEU A 1 15 ? -3.892 -3.113 9.478   1.00 0.00 ? 15 LEU A HD11 6 
ATOM   1855 H  HD12 . LEU A 1 15 ? -2.946 -1.882 8.606   1.00 0.00 ? 15 LEU A HD12 6 
ATOM   1856 H  HD13 . LEU A 1 15 ? -3.997 -1.405 9.952   1.00 0.00 ? 15 LEU A HD13 6 
ATOM   1857 H  HD21 . LEU A 1 15 ? -5.988 -0.256 6.917   1.00 0.00 ? 15 LEU A HD21 6 
ATOM   1858 H  HD22 . LEU A 1 15 ? -5.225 0.291  8.424   1.00 0.00 ? 15 LEU A HD22 6 
ATOM   1859 H  HD23 . LEU A 1 15 ? -4.220 -0.156 7.039   1.00 0.00 ? 15 LEU A HD23 6 
HETATM 1860 N  N    . DAL A 1 16 ? -2.833 -5.289 5.196   1.00 0.00 ? 16 DAL A N    6 
HETATM 1861 C  CA   . DAL A 1 16 ? -2.655 -6.376 4.198   1.00 0.00 ? 16 DAL A CA   6 
HETATM 1862 C  CB   . DAL A 1 16 ? -1.552 -7.260 4.817   1.00 0.00 ? 16 DAL A CB   6 
HETATM 1863 C  C    . DAL A 1 16 ? -2.280 -5.932 2.739   1.00 0.00 ? 16 DAL A C    6 
HETATM 1864 O  O    . DAL A 1 16 ? -2.104 -6.781 1.862   1.00 0.00 ? 16 DAL A O    6 
HETATM 1865 H  H    . DAL A 1 16 ? -2.016 -4.845 5.652   1.00 0.00 ? 16 DAL A H    6 
HETATM 1866 H  HA   . DAL A 1 16 ? -3.583 -6.975 4.116   1.00 0.00 ? 16 DAL A HA   6 
HETATM 1867 H  HB1  . DAL A 1 16 ? -1.833 -7.643 5.817   1.00 0.00 ? 16 DAL A HB1  6 
HETATM 1868 H  HB2  . DAL A 1 16 ? -1.346 -8.146 4.188   1.00 0.00 ? 16 DAL A HB2  6 
HETATM 1869 H  HB3  . DAL A 1 16 ? -0.592 -6.721 4.932   1.00 0.00 ? 16 DAL A HB3  6 
HETATM 1870 N  N    . CHP A 1 17 ? -2.131 -4.619 2.478   1.00 0.00 ? 17 CHP A N    6 
HETATM 1871 C  CA   . CHP A 1 17 ? -1.523 -4.074 1.229   1.00 0.00 ? 17 CHP A CA   6 
HETATM 1872 C  C    . CHP A 1 17 ? 0.045  -4.112 1.322   1.00 0.00 ? 17 CHP A C    6 
HETATM 1873 O  O    . CHP A 1 17 ? 0.772  -4.011 0.330   1.00 0.00 ? 17 CHP A O    6 
HETATM 1874 C  C1   . CHP A 1 17 ? -2.170 -2.697 0.834   1.00 0.00 ? 17 CHP A C1   6 
HETATM 1875 C  C2   . CHP A 1 17 ? -1.437 -1.567 0.432   1.00 0.00 ? 17 CHP A C2   6 
HETATM 1876 C  C3   . CHP A 1 17 ? -2.077 -0.372 0.107   1.00 0.00 ? 17 CHP A C3   6 
HETATM 1877 CL CL3  . CHP A 1 17 ? -1.133 1.041  -0.361  1.00 0.00 ? 17 CHP A CL3  6 
HETATM 1878 C  C4   . CHP A 1 17 ? -3.466 -0.290 0.172   1.00 0.00 ? 17 CHP A C4   6 
HETATM 1879 O  O4   . CHP A 1 17 ? -4.112 0.887  -0.108  1.00 0.00 ? 17 CHP A O4   6 
HETATM 1880 C  C5   . CHP A 1 17 ? -4.210 -1.396 0.561   1.00 0.00 ? 17 CHP A C5   6 
HETATM 1881 C  C6   . CHP A 1 17 ? -3.571 -2.592 0.859   1.00 0.00 ? 17 CHP A C6   6 
HETATM 1882 H  H    . CHP A 1 17 ? -2.290 -4.011 3.291   1.00 0.00 ? 17 CHP A H    6 
HETATM 1883 H  HA   . CHP A 1 17 ? -1.771 -4.755 0.395   1.00 0.00 ? 17 CHP A HA   6 
HETATM 1884 H  HC2  . CHP A 1 17 ? -0.362 -1.608 0.381   1.00 0.00 ? 17 CHP A HC2  6 
HETATM 1885 H  HO4  . CHP A 1 17 ? -5.060 0.742  -0.065  1.00 0.00 ? 17 CHP A HO4  6 
HETATM 1886 H  H5   . CHP A 1 17 ? -5.272 -1.326 0.720   1.00 0.00 ? 17 CHP A H5   6 
HETATM 1887 H  H6   . CHP A 1 17 ? -4.169 -3.425 1.208   1.00 0.00 ? 17 CHP A H6   6 
HETATM 1888 C  C1   . MAN B 2 .  ? -1.235 10.667 -5.809  1.00 0.00 ? 1  MAN B C1   6 
HETATM 1889 C  C2   . MAN B 2 .  ? -1.614 10.815 -7.304  1.00 0.00 ? 1  MAN B C2   6 
HETATM 1890 C  C3   . MAN B 2 .  ? -2.568 12.017 -7.510  1.00 0.00 ? 1  MAN B C3   6 
HETATM 1891 C  C4   . MAN B 2 .  ? -2.014 13.324 -6.886  1.00 0.00 ? 1  MAN B C4   6 
HETATM 1892 C  C5   . MAN B 2 .  ? -1.463 13.139 -5.438  1.00 0.00 ? 1  MAN B C5   6 
HETATM 1893 C  C6   . MAN B 2 .  ? -2.539 13.186 -4.334  1.00 0.00 ? 1  MAN B C6   6 
HETATM 1894 O  O2   . MAN B 2 .  ? -2.270 9.609  -7.788  1.00 0.00 ? 1  MAN B O2   6 
HETATM 1895 O  O3   . MAN B 2 .  ? -3.845 11.711 -6.955  1.00 0.00 ? 1  MAN B O3   6 
HETATM 1896 O  O4   . MAN B 2 .  ? -0.958 13.786 -7.728  1.00 0.00 ? 1  MAN B O4   6 
HETATM 1897 O  O5   . MAN B 2 .  ? -0.661 11.917 -5.317  1.00 0.00 ? 1  MAN B O5   6 
HETATM 1898 O  O6   . MAN B 2 .  ? -1.918 12.964 -3.073  1.00 0.00 ? 1  MAN B O6   6 
HETATM 1899 H  H2   . MAN B 2 .  ? -0.683 11.032 -7.866  1.00 0.00 ? 1  MAN B H2   6 
HETATM 1900 H  H4   . MAN B 2 .  ? -2.815 14.090 -6.891  1.00 0.00 ? 1  MAN B H4   6 
HETATM 1901 H  H5   . MAN B 2 .  ? -0.788 13.990 -5.228  1.00 0.00 ? 1  MAN B H5   6 
HETATM 1902 H  H61  . MAN B 2 .  ? -3.322 12.424 -4.506  1.00 0.00 ? 1  MAN B H61  6 
HETATM 1903 H  H62  . MAN B 2 .  ? -3.058 14.164 -4.328  1.00 0.00 ? 1  MAN B H62  6 
HETATM 1904 H  HO3  . MAN B 2 .  ? -4.007 10.792 -7.193  1.00 0.00 ? 1  MAN B HO3  6 
HETATM 1905 H  HO4  . MAN B 2 .  ? -0.608 14.586 -7.330  1.00 0.00 ? 1  MAN B HO4  6 
HETATM 1906 H  HO6  . MAN B 2 .  ? -1.211 12.330 -3.245  1.00 0.00 ? 1  MAN B HO6  6 
HETATM 1907 C  C1   . MAN B 2 .  ? -1.507 8.749  -8.681  1.00 0.00 ? 2  MAN B C1   6 
HETATM 1908 C  C2   . MAN B 2 .  ? -1.783 9.116  -10.166 1.00 0.00 ? 2  MAN B C2   6 
HETATM 1909 C  C3   . MAN B 2 .  ? -3.213 8.699  -10.593 1.00 0.00 ? 2  MAN B C3   6 
HETATM 1910 C  C4   . MAN B 2 .  ? -3.514 7.221  -10.248 1.00 0.00 ? 2  MAN B C4   6 
HETATM 1911 C  C5   . MAN B 2 .  ? -3.215 6.934  -8.750  1.00 0.00 ? 2  MAN B C5   6 
HETATM 1912 C  C6   . MAN B 2 .  ? -3.364 5.444  -8.397  1.00 0.00 ? 2  MAN B C6   6 
HETATM 1913 O  O2   . MAN B 2 .  ? -0.844 8.446  -11.003 1.00 0.00 ? 2  MAN B O2   6 
HETATM 1914 O  O3   . MAN B 2 .  ? -3.373 8.888  -11.996 1.00 0.00 ? 2  MAN B O3   6 
HETATM 1915 O  O4   . MAN B 2 .  ? -4.880 6.945  -10.548 1.00 0.00 ? 2  MAN B O4   6 
HETATM 1916 O  O5   . MAN B 2 .  ? -1.853 7.351  -8.430  1.00 0.00 ? 2  MAN B O5   6 
HETATM 1917 O  O6   . MAN B 2 .  ? -4.672 5.001  -8.746  1.00 0.00 ? 2  MAN B O6   6 
HETATM 1918 H  H1   . MAN B 2 .  ? -0.422 8.859  -8.481  1.00 0.00 ? 2  MAN B H1   6 
HETATM 1919 H  H2   . MAN B 2 .  ? -1.658 10.207 -10.298 1.00 0.00 ? 2  MAN B H2   6 
HETATM 1920 H  H3   . MAN B 2 .  ? -3.942 9.340  -10.057 1.00 0.00 ? 2  MAN B H3   6 
HETATM 1921 H  H4   . MAN B 2 .  ? -2.868 6.572  -10.872 1.00 0.00 ? 2  MAN B H4   6 
HETATM 1922 H  H5   . MAN B 2 .  ? -3.924 7.509  -8.122  1.00 0.00 ? 2  MAN B H5   6 
HETATM 1923 H  H61  . MAN B 2 .  ? -3.181 5.284  -7.317  1.00 0.00 ? 2  MAN B H61  6 
HETATM 1924 H  H62  . MAN B 2 .  ? -2.608 4.842  -8.935  1.00 0.00 ? 2  MAN B H62  6 
HETATM 1925 H  HO2  . MAN B 2 .  ? -1.322 8.276  -11.822 1.00 0.00 ? 2  MAN B HO2  6 
HETATM 1926 H  HO3  . MAN B 2 .  ? -3.337 9.837  -12.156 1.00 0.00 ? 2  MAN B HO3  6 
HETATM 1927 H  HO4  . MAN B 2 .  ? -5.048 7.428  -11.366 1.00 0.00 ? 2  MAN B HO4  6 
HETATM 1928 H  HO6  . MAN B 2 .  ? -4.951 5.612  -9.451  1.00 0.00 ? 2  MAN B HO6  6 
HETATM 1929 C  C1   . FA7 C 3 .  ? -0.372 -3.898 7.866   1.00 0.00 ? 0  FA7 A C1   6 
HETATM 1930 O  O    . FA7 C 3 .  ? -0.728 -4.280 6.750   1.00 0.00 ? 0  FA7 A O    6 
HETATM 1931 C  C2   . FA7 C 3 .  ? -0.386 -4.828 9.065   1.00 0.00 ? 0  FA7 A C2   6 
HETATM 1932 C  C3   . FA7 C 3 .  ? -1.283 -5.767 9.415   1.00 0.00 ? 0  FA7 A C3   6 
HETATM 1933 C  C4   . FA7 C 3 .  ? -2.427 -6.068 8.778   1.00 0.00 ? 0  FA7 A C4   6 
HETATM 1934 C  C5   . FA7 C 3 .  ? -3.275 -7.029 9.167   1.00 0.00 ? 0  FA7 A C5   6 
HETATM 1935 C  C6   . FA7 C 3 .  ? -4.556 -7.349 8.420   1.00 0.00 ? 0  FA7 A C6   6 
HETATM 1936 C  C7   . FA7 C 3 .  ? -5.693 -7.733 9.385   1.00 0.00 ? 0  FA7 A C7   6 
HETATM 1937 C  C8   . FA7 C 3 .  ? -7.004 -8.041 8.650   1.00 0.00 ? 0  FA7 A C8   6 
HETATM 1938 C  C9   . FA7 C 3 .  ? -5.932 -6.595 10.393  1.00 0.00 ? 0  FA7 A C9   6 
HETATM 1939 H  H3   . FA7 C 3 .  ? -1.037 -6.331 10.317  1.00 0.00 ? 0  FA7 A H3   6 
HETATM 1940 H  H4   . FA7 C 3 .  ? -2.695 -5.504 7.889   1.00 0.00 ? 0  FA7 A H4   6 
HETATM 1941 H  H5   . FA7 C 3 .  ? -3.039 -7.642 10.040  1.00 0.00 ? 0  FA7 A H5   6 
HETATM 1942 H  H61  . FA7 C 3 .  ? -4.875 -6.492 7.794   1.00 0.00 ? 0  FA7 A H61  6 
HETATM 1943 H  H62  . FA7 C 3 .  ? -4.363 -8.175 7.709   1.00 0.00 ? 0  FA7 A H62  6 
HETATM 1944 H  H7   . FA7 C 3 .  ? -5.454 -8.618 9.976   1.00 0.00 ? 0  FA7 A H7   6 
HETATM 1945 H  H81  . FA7 C 3 .  ? -6.893 -8.886 7.943   1.00 0.00 ? 0  FA7 A H81  6 
HETATM 1946 H  H82  . FA7 C 3 .  ? -7.369 -7.172 8.073   1.00 0.00 ? 0  FA7 A H82  6 
HETATM 1947 H  H83  . FA7 C 3 .  ? -7.805 -8.318 9.360   1.00 0.00 ? 0  FA7 A H83  6 
HETATM 1948 H  H91  . FA7 C 3 .  ? -6.737 -6.874 11.072  1.00 0.00 ? 0  FA7 A H91  6 
HETATM 1949 H  H92  . FA7 C 3 .  ? -5.021 -6.418 10.965  1.00 0.00 ? 0  FA7 A H92  6 
HETATM 1950 H  H93  . FA7 C 3 .  ? -6.207 -5.686 9.858   1.00 0.00 ? 0  FA7 A H93  6 
# 
loop_
_pdbx_poly_seq_scheme.asym_id 
_pdbx_poly_seq_scheme.entity_id 
_pdbx_poly_seq_scheme.seq_id 
_pdbx_poly_seq_scheme.mon_id 
_pdbx_poly_seq_scheme.ndb_seq_num 
_pdbx_poly_seq_scheme.pdb_seq_num 
_pdbx_poly_seq_scheme.auth_seq_num 
_pdbx_poly_seq_scheme.pdb_mon_id 
_pdbx_poly_seq_scheme.auth_mon_id 
_pdbx_poly_seq_scheme.pdb_strand_id 
_pdbx_poly_seq_scheme.pdb_ins_code 
_pdbx_poly_seq_scheme.hetero 
A 1 1  ASN 1  1  1  ASN ASN A . n 
A 1 2  AHB 2  2  2  AHB AHB A . n 
A 1 3  GHP 3  3  3  GHP GHP A . n 
A 1 4  ORD 4  4  4  ORD ORD A . n 
A 1 5  2TL 5  5  5  2TL 2TL A . n 
A 1 6  D4P 6  6  6  D4P D4P A . n 
A 1 7  GHP 7  7  7  GHP GHP A . n 
A 1 8  ALO 8  8  8  ALO ALO A . n 
A 1 9  PHE 9  9  9  PHE PHE A . n 
A 1 10 ORD 10 10 10 ORD ORD A . n 
A 1 11 D4P 11 11 11 D4P D4P A . n 
A 1 12 2TL 12 12 12 2TL 2TL A . n 
A 1 13 D4P 13 13 13 D4P D4P A . n 
A 1 14 GLY 14 14 14 GLY GLY A . n 
A 1 15 LEU 15 15 15 LEU LEU A . n 
A 1 16 DAL 16 16 16 DAL DAL A . n 
A 1 17 CHP 17 17 17 CHP CHP A . n 
# 
_pdbx_nonpoly_scheme.asym_id         C 
_pdbx_nonpoly_scheme.entity_id       3 
_pdbx_nonpoly_scheme.mon_id          FA7 
_pdbx_nonpoly_scheme.ndb_seq_num     1 
_pdbx_nonpoly_scheme.pdb_seq_num     0 
_pdbx_nonpoly_scheme.auth_seq_num    0 
_pdbx_nonpoly_scheme.pdb_mon_id      FA7 
_pdbx_nonpoly_scheme.auth_mon_id     FA7 
_pdbx_nonpoly_scheme.pdb_strand_id   A 
_pdbx_nonpoly_scheme.pdb_ins_code    . 
# 
loop_
_pdbx_molecule_features.prd_id 
_pdbx_molecule_features.name 
_pdbx_molecule_features.type 
_pdbx_molecule_features.class 
_pdbx_molecule_features.details 
PRD_000222 'RAMOPLANIN A2'         Lipoglycopeptide Antibiotic 
;RAMOPLANIN A2 IS A CYCLIC HEPTADECAMER
  LIPOGLYCODEPSIPEPTIDE.
  THE SCAFFOLD IS A HEPTA CYCLIC PEPTIDE
  GLYCOSYLATED BY ONE DISACCHARIDE AND A FATTY ACID
  AT THE N-TERM.
;
PRD_900111 2alpha-alpha-mannobiose Oligosaccharide  Metabolism oligosaccharide 
# 
loop_
_pdbx_molecule.instance_id 
_pdbx_molecule.prd_id 
_pdbx_molecule.asym_id 
1 PRD_000222 A 
1 PRD_000222 B 
1 PRD_000222 C 
# 
_pdbx_struct_assembly.id                   1 
_pdbx_struct_assembly.details              author_and_software_defined_assembly 
_pdbx_struct_assembly.method_details       PISA 
_pdbx_struct_assembly.oligomeric_details   monomeric 
_pdbx_struct_assembly.oligomeric_count     1 
# 
_pdbx_struct_assembly_gen.assembly_id       1 
_pdbx_struct_assembly_gen.oper_expression   1 
_pdbx_struct_assembly_gen.asym_id_list      A,B,C 
# 
_pdbx_struct_oper_list.id                   1 
_pdbx_struct_oper_list.type                 'identity operation' 
_pdbx_struct_oper_list.name                 1_555 
_pdbx_struct_oper_list.symmetry_operation   x,y,z 
_pdbx_struct_oper_list.matrix[1][1]         1.0000000000 
_pdbx_struct_oper_list.matrix[1][2]         0.0000000000 
_pdbx_struct_oper_list.matrix[1][3]         0.0000000000 
_pdbx_struct_oper_list.vector[1]            0.0000000000 
_pdbx_struct_oper_list.matrix[2][1]         0.0000000000 
_pdbx_struct_oper_list.matrix[2][2]         1.0000000000 
_pdbx_struct_oper_list.matrix[2][3]         0.0000000000 
_pdbx_struct_oper_list.vector[2]            0.0000000000 
_pdbx_struct_oper_list.matrix[3][1]         0.0000000000 
_pdbx_struct_oper_list.matrix[3][2]         0.0000000000 
_pdbx_struct_oper_list.matrix[3][3]         1.0000000000 
_pdbx_struct_oper_list.vector[3]            0.0000000000 
# 
loop_
_pdbx_audit_revision_history.ordinal 
_pdbx_audit_revision_history.data_content_type 
_pdbx_audit_revision_history.major_revision 
_pdbx_audit_revision_history.minor_revision 
_pdbx_audit_revision_history.revision_date 
1 'Structure model' 1 0 1997-02-12 
2 'Structure model' 1 1 2011-06-14 
3 'Structure model' 1 2 2011-07-13 
4 'Structure model' 1 3 2011-07-27 
5 'Structure model' 1 4 2012-12-12 
6 'Structure model' 2 0 2020-07-29 
7 'Structure model' 3 0 2023-11-15 
# 
loop_
_pdbx_audit_revision_details.ordinal 
_pdbx_audit_revision_details.revision_ordinal 
_pdbx_audit_revision_details.data_content_type 
_pdbx_audit_revision_details.provider 
_pdbx_audit_revision_details.type 
_pdbx_audit_revision_details.description 
_pdbx_audit_revision_details.details 
1 1 'Structure model' repository 'Initial release' ?                          ? 
2 6 'Structure model' repository Remediation       'Carbohydrate remediation' ? 
# 
loop_
_pdbx_audit_revision_group.ordinal 
_pdbx_audit_revision_group.revision_ordinal 
_pdbx_audit_revision_group.data_content_type 
_pdbx_audit_revision_group.group 
1  2 'Structure model' 'Version format compliance' 
2  3 'Structure model' 'Version format compliance' 
3  4 'Structure model' 'Atomic model'              
4  4 'Structure model' 'Database references'       
5  4 'Structure model' 'Derived calculations'      
6  4 'Structure model' 'Non-polymer description'   
7  4 'Structure model' 'Structure summary'         
8  5 'Structure model' Other                       
9  6 'Structure model' 'Atomic model'              
10 6 'Structure model' 'Data collection'           
11 6 'Structure model' 'Derived calculations'      
12 6 'Structure model' Other                       
13 6 'Structure model' 'Structure summary'         
14 7 'Structure model' 'Atomic model'              
15 7 'Structure model' 'Data collection'           
16 7 'Structure model' 'Database references'       
17 7 'Structure model' 'Derived calculations'      
18 7 'Structure model' 'Structure summary'         
# 
loop_
_pdbx_audit_revision_category.ordinal 
_pdbx_audit_revision_category.revision_ordinal 
_pdbx_audit_revision_category.data_content_type 
_pdbx_audit_revision_category.category 
1  6 'Structure model' atom_site                     
2  6 'Structure model' chem_comp                     
3  6 'Structure model' entity                        
4  6 'Structure model' entity_name_com               
5  6 'Structure model' pdbx_branch_scheme            
6  6 'Structure model' pdbx_chem_comp_identifier     
7  6 'Structure model' pdbx_database_status          
8  6 'Structure model' pdbx_entity_branch            
9  6 'Structure model' pdbx_entity_branch_descriptor 
10 6 'Structure model' pdbx_entity_branch_link       
11 6 'Structure model' pdbx_entity_branch_list       
12 6 'Structure model' pdbx_entity_nonpoly           
13 6 'Structure model' pdbx_molecule                 
14 6 'Structure model' pdbx_molecule_features        
15 6 'Structure model' pdbx_nonpoly_scheme           
16 6 'Structure model' pdbx_struct_assembly_gen      
17 6 'Structure model' struct_asym                   
18 6 'Structure model' struct_conn                   
19 7 'Structure model' atom_site                     
20 7 'Structure model' chem_comp                     
21 7 'Structure model' chem_comp_atom                
22 7 'Structure model' chem_comp_bond                
23 7 'Structure model' database_2                    
24 7 'Structure model' struct_conn                   
# 
loop_
_pdbx_audit_revision_item.ordinal 
_pdbx_audit_revision_item.revision_ordinal 
_pdbx_audit_revision_item.data_content_type 
_pdbx_audit_revision_item.item 
1  6 'Structure model' '_atom_site.Cartn_x'                     
2  6 'Structure model' '_atom_site.Cartn_y'                     
3  6 'Structure model' '_atom_site.Cartn_z'                     
4  6 'Structure model' '_atom_site.auth_asym_id'                
5  6 'Structure model' '_atom_site.auth_atom_id'                
6  6 'Structure model' '_atom_site.auth_comp_id'                
7  6 'Structure model' '_atom_site.auth_seq_id'                 
8  6 'Structure model' '_atom_site.label_asym_id'               
9  6 'Structure model' '_atom_site.label_atom_id'               
10 6 'Structure model' '_atom_site.label_comp_id'               
11 6 'Structure model' '_atom_site.label_entity_id'             
12 6 'Structure model' '_atom_site.type_symbol'                 
13 6 'Structure model' '_chem_comp.name'                        
14 6 'Structure model' '_chem_comp.type'                        
15 6 'Structure model' '_entity.formula_weight'                 
16 6 'Structure model' '_entity.pdbx_description'               
17 6 'Structure model' '_entity.pdbx_number_of_molecules'       
18 6 'Structure model' '_entity.src_method'                     
19 6 'Structure model' '_entity.type'                           
20 6 'Structure model' '_pdbx_database_status.process_site'     
21 6 'Structure model' '_pdbx_struct_assembly_gen.asym_id_list' 
22 6 'Structure model' '_struct_conn.pdbx_dist_value'           
23 6 'Structure model' '_struct_conn.pdbx_leaving_atom_flag'    
24 6 'Structure model' '_struct_conn.ptnr1_auth_asym_id'        
25 6 'Structure model' '_struct_conn.ptnr1_auth_seq_id'         
26 6 'Structure model' '_struct_conn.ptnr1_label_asym_id'       
27 6 'Structure model' '_struct_conn.ptnr1_label_atom_id'       
28 6 'Structure model' '_struct_conn.ptnr2_auth_asym_id'        
29 6 'Structure model' '_struct_conn.ptnr2_auth_comp_id'        
30 6 'Structure model' '_struct_conn.ptnr2_auth_seq_id'         
31 6 'Structure model' '_struct_conn.ptnr2_label_asym_id'       
32 6 'Structure model' '_struct_conn.ptnr2_label_atom_id'       
33 6 'Structure model' '_struct_conn.ptnr2_label_comp_id'       
34 6 'Structure model' '_struct_conn.ptnr2_label_seq_id'        
35 7 'Structure model' '_atom_site.Cartn_x'                     
36 7 'Structure model' '_atom_site.Cartn_y'                     
37 7 'Structure model' '_atom_site.Cartn_z'                     
38 7 'Structure model' '_atom_site.auth_atom_id'                
39 7 'Structure model' '_atom_site.label_atom_id'               
40 7 'Structure model' '_chem_comp.pdbx_synonyms'               
41 7 'Structure model' '_database_2.pdbx_DOI'                   
42 7 'Structure model' '_database_2.pdbx_database_accession'    
43 7 'Structure model' '_struct_conn.pdbx_leaving_atom_flag'    
# 
_pdbx_entry_details.entry_id                 1DSR 
_pdbx_entry_details.compound_details         
;RAMOPLANIN IS A CYCLIC LIPOGLYCOPEPTIDE.
  HERE, RAMOPLANIN IS REPRESENTED BY GROUPING TOGETHER THE
  SEQUENCE (SEQRES) A FATTY ACID (FA7) AND TWO LIGANDS (HET) MAN.
;
_pdbx_entry_details.source_details           ? 
_pdbx_entry_details.nonpolymer_details       ? 
_pdbx_entry_details.sequence_details         ? 
_pdbx_entry_details.has_ligand_of_interest   ? 
# 
loop_
_pdbx_validate_close_contact.id 
_pdbx_validate_close_contact.PDB_model_num 
_pdbx_validate_close_contact.auth_atom_id_1 
_pdbx_validate_close_contact.auth_asym_id_1 
_pdbx_validate_close_contact.auth_comp_id_1 
_pdbx_validate_close_contact.auth_seq_id_1 
_pdbx_validate_close_contact.PDB_ins_code_1 
_pdbx_validate_close_contact.label_alt_id_1 
_pdbx_validate_close_contact.auth_atom_id_2 
_pdbx_validate_close_contact.auth_asym_id_2 
_pdbx_validate_close_contact.auth_comp_id_2 
_pdbx_validate_close_contact.auth_seq_id_2 
_pdbx_validate_close_contact.PDB_ins_code_2 
_pdbx_validate_close_contact.label_alt_id_2 
_pdbx_validate_close_contact.dist 
1 1 H2 A ASN 1 ? ? C2 A FA7 0 ? ? 1.09 
2 2 H2 A ASN 1 ? ? C2 A FA7 0 ? ? 1.09 
3 3 H2 A ASN 1 ? ? C2 A FA7 0 ? ? 1.09 
4 4 H2 A ASN 1 ? ? C2 A FA7 0 ? ? 1.09 
5 5 H2 A ASN 1 ? ? C2 A FA7 0 ? ? 1.09 
6 6 H2 A ASN 1 ? ? C2 A FA7 0 ? ? 1.09 
# 
loop_
_pdbx_validate_torsion.id 
_pdbx_validate_torsion.PDB_model_num 
_pdbx_validate_torsion.auth_comp_id 
_pdbx_validate_torsion.auth_asym_id 
_pdbx_validate_torsion.auth_seq_id 
_pdbx_validate_torsion.PDB_ins_code 
_pdbx_validate_torsion.label_alt_id 
_pdbx_validate_torsion.phi 
_pdbx_validate_torsion.psi 
1  1 GHP A 7  ? ? 171.82 -137.60 
2  1 LEU A 15 ? ? 59.46  79.39   
3  2 GHP A 7  ? ? 176.66 -127.71 
4  2 LEU A 15 ? ? 62.31  79.46   
5  3 LEU A 15 ? ? 60.29  80.34   
6  4 GHP A 7  ? ? 174.95 -136.61 
7  4 LEU A 15 ? ? 62.18  80.09   
8  5 GHP A 7  ? ? 172.37 -131.17 
9  5 LEU A 15 ? ? 61.49  80.39   
10 6 GHP A 7  ? ? 179.97 -134.23 
11 6 LEU A 15 ? ? 60.62  79.99   
# 
_pdbx_validate_peptide_omega.id               1 
_pdbx_validate_peptide_omega.PDB_model_num    3 
_pdbx_validate_peptide_omega.auth_comp_id_1   D4P 
_pdbx_validate_peptide_omega.auth_asym_id_1   A 
_pdbx_validate_peptide_omega.auth_seq_id_1    6 
_pdbx_validate_peptide_omega.PDB_ins_code_1   ? 
_pdbx_validate_peptide_omega.label_alt_id_1   ? 
_pdbx_validate_peptide_omega.auth_comp_id_2   GHP 
_pdbx_validate_peptide_omega.auth_asym_id_2   A 
_pdbx_validate_peptide_omega.auth_seq_id_2    7 
_pdbx_validate_peptide_omega.PDB_ins_code_2   ? 
_pdbx_validate_peptide_omega.label_alt_id_2   ? 
_pdbx_validate_peptide_omega.omega            148.22 
# 
loop_
_chem_comp_atom.comp_id 
_chem_comp_atom.atom_id 
_chem_comp_atom.type_symbol 
_chem_comp_atom.pdbx_aromatic_flag 
_chem_comp_atom.pdbx_stereo_config 
_chem_comp_atom.pdbx_ordinal 
2TL N    N  N N 1   
2TL CA   C  N R 2   
2TL CB   C  N R 3   
2TL OG1  O  N N 4   
2TL CG2  C  N N 5   
2TL C    C  N N 6   
2TL O    O  N N 7   
2TL OXT  O  N N 8   
2TL H    H  N N 9   
2TL H2   H  N N 10  
2TL HA   H  N N 11  
2TL HB   H  N N 12  
2TL HG1  H  N N 13  
2TL HG21 H  N N 14  
2TL HG22 H  N N 15  
2TL HG23 H  N N 16  
2TL HXT  H  N N 17  
AHB N    N  N N 18  
AHB CA   C  N S 19  
AHB CB   C  N S 20  
AHB OB   O  N N 21  
AHB CG   C  N N 22  
AHB OD1  O  N N 23  
AHB ND2  N  N N 24  
AHB C    C  N N 25  
AHB O    O  N N 26  
AHB OXT  O  N N 27  
AHB H    H  N N 28  
AHB H2   H  N N 29  
AHB HA   H  N N 30  
AHB HB   H  N N 31  
AHB HOB  H  N N 32  
AHB HD21 H  N N 33  
AHB HD22 H  N N 34  
AHB HXT  H  N N 35  
ALO N    N  N N 36  
ALO CA   C  N S 37  
ALO CB   C  N S 38  
ALO CG2  C  N N 39  
ALO OG1  O  N N 40  
ALO C    C  N N 41  
ALO O    O  N N 42  
ALO OXT  O  N N 43  
ALO H    H  N N 44  
ALO H2   H  N N 45  
ALO HA   H  N N 46  
ALO HB   H  N N 47  
ALO HG21 H  N N 48  
ALO HG22 H  N N 49  
ALO HG23 H  N N 50  
ALO HG1  H  N N 51  
ALO HXT  H  N N 52  
ASN N    N  N N 53  
ASN CA   C  N S 54  
ASN C    C  N N 55  
ASN O    O  N N 56  
ASN CB   C  N N 57  
ASN CG   C  N N 58  
ASN OD1  O  N N 59  
ASN ND2  N  N N 60  
ASN OXT  O  N N 61  
ASN H    H  N N 62  
ASN H2   H  N N 63  
ASN HA   H  N N 64  
ASN HB2  H  N N 65  
ASN HB3  H  N N 66  
ASN HD21 H  N N 67  
ASN HD22 H  N N 68  
ASN HXT  H  N N 69  
CHP N    N  N N 70  
CHP CA   C  N S 71  
CHP C    C  N N 72  
CHP O    O  N N 73  
CHP OXT  O  N N 74  
CHP C1   C  Y N 75  
CHP C2   C  Y N 76  
CHP C3   C  Y N 77  
CHP CL3  CL N N 78  
CHP C4   C  Y N 79  
CHP O4   O  N N 80  
CHP C5   C  Y N 81  
CHP C6   C  Y N 82  
CHP H    H  N N 83  
CHP H2   H  N N 84  
CHP HA   H  N N 85  
CHP HXT  H  N N 86  
CHP HC2  H  N N 87  
CHP HO4  H  N N 88  
CHP H5   H  N N 89  
CHP H6   H  N N 90  
D4P N    N  N N 91  
D4P CA   C  N S 92  
D4P C    C  N N 93  
D4P O    O  N N 94  
D4P C1   C  Y N 95  
D4P C2   C  Y N 96  
D4P C3   C  Y N 97  
D4P C4   C  Y N 98  
D4P O4   O  N N 99  
D4P C5   C  Y N 100 
D4P C6   C  Y N 101 
D4P OXT  O  N N 102 
D4P H    H  N N 103 
D4P H2   H  N N 104 
D4P HA   H  N N 105 
D4P H1   H  N N 106 
D4P H3   H  N N 107 
D4P H4   H  N N 108 
D4P H5   H  N N 109 
D4P H6   H  N N 110 
D4P HXT  H  N N 111 
DAL N    N  N N 112 
DAL CA   C  N R 113 
DAL CB   C  N N 114 
DAL C    C  N N 115 
DAL O    O  N N 116 
DAL OXT  O  N N 117 
DAL H    H  N N 118 
DAL H2   H  N N 119 
DAL HA   H  N N 120 
DAL HB1  H  N N 121 
DAL HB2  H  N N 122 
DAL HB3  H  N N 123 
DAL HXT  H  N N 124 
FA7 C1   C  N N 125 
FA7 O    O  N N 126 
FA7 C2   C  N N 127 
FA7 C3   C  N N 128 
FA7 C4   C  N N 129 
FA7 C5   C  N N 130 
FA7 C6   C  N N 131 
FA7 C7   C  N N 132 
FA7 C8   C  N N 133 
FA7 C9   C  N N 134 
FA7 OXT  O  N N 135 
FA7 H2   H  N N 136 
FA7 H3   H  N N 137 
FA7 H4   H  N N 138 
FA7 H5   H  N N 139 
FA7 H61  H  N N 140 
FA7 H62  H  N N 141 
FA7 H7   H  N N 142 
FA7 H81  H  N N 143 
FA7 H82  H  N N 144 
FA7 H83  H  N N 145 
FA7 H91  H  N N 146 
FA7 H92  H  N N 147 
FA7 H93  H  N N 148 
FA7 HXT  H  N N 149 
GHP N    N  N N 150 
GHP CA   C  N R 151 
GHP C    C  N N 152 
GHP O    O  N N 153 
GHP OXT  O  N N 154 
GHP C1   C  Y N 155 
GHP C2   C  Y N 156 
GHP C3   C  Y N 157 
GHP C4   C  Y N 158 
GHP O4   O  N N 159 
GHP C5   C  Y N 160 
GHP C6   C  Y N 161 
GHP H    H  N N 162 
GHP H2   H  N N 163 
GHP HA   H  N N 164 
GHP HXT  H  N N 165 
GHP HC2  H  N N 166 
GHP H3   H  N N 167 
GHP HO4  H  N N 168 
GHP H5   H  N N 169 
GHP H6   H  N N 170 
GLY N    N  N N 171 
GLY CA   C  N N 172 
GLY C    C  N N 173 
GLY O    O  N N 174 
GLY OXT  O  N N 175 
GLY H    H  N N 176 
GLY H2   H  N N 177 
GLY HA2  H  N N 178 
GLY HA3  H  N N 179 
GLY HXT  H  N N 180 
LEU N    N  N N 181 
LEU CA   C  N S 182 
LEU C    C  N N 183 
LEU O    O  N N 184 
LEU CB   C  N N 185 
LEU CG   C  N N 186 
LEU CD1  C  N N 187 
LEU CD2  C  N N 188 
LEU OXT  O  N N 189 
LEU H    H  N N 190 
LEU H2   H  N N 191 
LEU HA   H  N N 192 
LEU HB2  H  N N 193 
LEU HB3  H  N N 194 
LEU HG   H  N N 195 
LEU HD11 H  N N 196 
LEU HD12 H  N N 197 
LEU HD13 H  N N 198 
LEU HD21 H  N N 199 
LEU HD22 H  N N 200 
LEU HD23 H  N N 201 
LEU HXT  H  N N 202 
MAN C1   C  N S 203 
MAN C2   C  N S 204 
MAN C3   C  N S 205 
MAN C4   C  N S 206 
MAN C5   C  N R 207 
MAN C6   C  N N 208 
MAN O1   O  N N 209 
MAN O2   O  N N 210 
MAN O3   O  N N 211 
MAN O4   O  N N 212 
MAN O5   O  N N 213 
MAN O6   O  N N 214 
MAN H1   H  N N 215 
MAN H2   H  N N 216 
MAN H3   H  N N 217 
MAN H4   H  N N 218 
MAN H5   H  N N 219 
MAN H61  H  N N 220 
MAN H62  H  N N 221 
MAN HO1  H  N N 222 
MAN HO2  H  N N 223 
MAN HO3  H  N N 224 
MAN HO4  H  N N 225 
MAN HO6  H  N N 226 
ORD N    N  N N 227 
ORD CA   C  N R 228 
ORD CB   C  N N 229 
ORD CG   C  N N 230 
ORD CD   C  N N 231 
ORD NE   N  N N 232 
ORD O    O  N N 233 
ORD OXT  O  N N 234 
ORD C    C  N N 235 
ORD H    H  N N 236 
ORD H2   H  N N 237 
ORD HA   H  N N 238 
ORD HB2  H  N N 239 
ORD HB3  H  N N 240 
ORD HG2  H  N N 241 
ORD HG3  H  N N 242 
ORD HD2  H  N N 243 
ORD HD3  H  N N 244 
ORD HE1  H  N N 245 
ORD HE2  H  N N 246 
ORD HXT  H  N N 247 
PHE N    N  N N 248 
PHE CA   C  N S 249 
PHE C    C  N N 250 
PHE O    O  N N 251 
PHE CB   C  N N 252 
PHE CG   C  Y N 253 
PHE CD1  C  Y N 254 
PHE CD2  C  Y N 255 
PHE CE1  C  Y N 256 
PHE CE2  C  Y N 257 
PHE CZ   C  Y N 258 
PHE OXT  O  N N 259 
PHE H    H  N N 260 
PHE H2   H  N N 261 
PHE HA   H  N N 262 
PHE HB2  H  N N 263 
PHE HB3  H  N N 264 
PHE HD1  H  N N 265 
PHE HD2  H  N N 266 
PHE HE1  H  N N 267 
PHE HE2  H  N N 268 
PHE HZ   H  N N 269 
PHE HXT  H  N N 270 
# 
loop_
_chem_comp_bond.comp_id 
_chem_comp_bond.atom_id_1 
_chem_comp_bond.atom_id_2 
_chem_comp_bond.value_order 
_chem_comp_bond.pdbx_aromatic_flag 
_chem_comp_bond.pdbx_stereo_config 
_chem_comp_bond.pdbx_ordinal 
2TL N   CA   sing N N 1   
2TL CA  CB   sing N N 2   
2TL CA  C    sing N N 3   
2TL CB  OG1  sing N N 4   
2TL CB  CG2  sing N N 5   
2TL C   O    doub N N 6   
2TL C   OXT  sing N N 7   
2TL N   H    sing N N 8   
2TL N   H2   sing N N 9   
2TL CA  HA   sing N N 10  
2TL CB  HB   sing N N 11  
2TL OG1 HG1  sing N N 12  
2TL CG2 HG21 sing N N 13  
2TL CG2 HG22 sing N N 14  
2TL CG2 HG23 sing N N 15  
2TL OXT HXT  sing N N 16  
AHB N   CA   sing N N 17  
AHB N   H    sing N N 18  
AHB N   H2   sing N N 19  
AHB CA  CB   sing N N 20  
AHB CA  C    sing N N 21  
AHB CA  HA   sing N N 22  
AHB CB  OB   sing N N 23  
AHB CB  CG   sing N N 24  
AHB CB  HB   sing N N 25  
AHB OB  HOB  sing N N 26  
AHB CG  OD1  doub N N 27  
AHB CG  ND2  sing N N 28  
AHB ND2 HD21 sing N N 29  
AHB ND2 HD22 sing N N 30  
AHB C   O    doub N N 31  
AHB C   OXT  sing N N 32  
AHB OXT HXT  sing N N 33  
ALO N   CA   sing N N 34  
ALO N   H    sing N N 35  
ALO N   H2   sing N N 36  
ALO CA  CB   sing N N 37  
ALO CA  C    sing N N 38  
ALO CA  HA   sing N N 39  
ALO CB  CG2  sing N N 40  
ALO CB  OG1  sing N N 41  
ALO CB  HB   sing N N 42  
ALO CG2 HG21 sing N N 43  
ALO CG2 HG22 sing N N 44  
ALO CG2 HG23 sing N N 45  
ALO OG1 HG1  sing N N 46  
ALO C   O    doub N N 47  
ALO C   OXT  sing N N 48  
ALO OXT HXT  sing N N 49  
ASN N   CA   sing N N 50  
ASN N   H    sing N N 51  
ASN N   H2   sing N N 52  
ASN CA  C    sing N N 53  
ASN CA  CB   sing N N 54  
ASN CA  HA   sing N N 55  
ASN C   O    doub N N 56  
ASN C   OXT  sing N N 57  
ASN CB  CG   sing N N 58  
ASN CB  HB2  sing N N 59  
ASN CB  HB3  sing N N 60  
ASN CG  OD1  doub N N 61  
ASN CG  ND2  sing N N 62  
ASN ND2 HD21 sing N N 63  
ASN ND2 HD22 sing N N 64  
ASN OXT HXT  sing N N 65  
CHP N   CA   sing N N 66  
CHP N   H    sing N N 67  
CHP N   H2   sing N N 68  
CHP CA  C    sing N N 69  
CHP CA  C1   sing N N 70  
CHP CA  HA   sing N N 71  
CHP C   O    doub N N 72  
CHP C   OXT  sing N N 73  
CHP OXT HXT  sing N N 74  
CHP C1  C2   doub Y N 75  
CHP C1  C6   sing Y N 76  
CHP C2  C3   sing Y N 77  
CHP C2  HC2  sing N N 78  
CHP C3  CL3  sing N N 79  
CHP C3  C4   doub Y N 80  
CHP C4  O4   sing N N 81  
CHP C4  C5   sing Y N 82  
CHP O4  HO4  sing N N 83  
CHP C5  C6   doub Y N 84  
CHP C5  H5   sing N N 85  
CHP C6  H6   sing N N 86  
D4P N   CA   sing N N 87  
D4P N   H    sing N N 88  
D4P N   H2   sing N N 89  
D4P CA  C    sing N N 90  
D4P CA  C1   sing N N 91  
D4P CA  HA   sing N N 92  
D4P C   O    doub N N 93  
D4P C   OXT  sing N N 94  
D4P C1  C2   doub Y N 95  
D4P C1  C6   sing Y N 96  
D4P C2  C3   sing Y N 97  
D4P C2  H1   sing N N 98  
D4P C3  C4   doub Y N 99  
D4P C3  H3   sing N N 100 
D4P C4  O4   sing N N 101 
D4P C4  C5   sing Y N 102 
D4P O4  H4   sing N N 103 
D4P C5  C6   doub Y N 104 
D4P C5  H5   sing N N 105 
D4P C6  H6   sing N N 106 
D4P OXT HXT  sing N N 107 
DAL N   CA   sing N N 108 
DAL N   H    sing N N 109 
DAL N   H2   sing N N 110 
DAL CA  CB   sing N N 111 
DAL CA  C    sing N N 112 
DAL CA  HA   sing N N 113 
DAL CB  HB1  sing N N 114 
DAL CB  HB2  sing N N 115 
DAL CB  HB3  sing N N 116 
DAL C   O    doub N N 117 
DAL C   OXT  sing N N 118 
DAL OXT HXT  sing N N 119 
FA7 C1  O    doub N N 120 
FA7 C1  C2   sing N N 121 
FA7 C1  OXT  sing N N 122 
FA7 C2  C3   doub N Z 123 
FA7 C3  C4   sing N N 124 
FA7 C4  C5   doub N N 125 
FA7 C5  C6   sing N N 126 
FA7 C6  C7   sing N E 127 
FA7 C7  C8   sing N N 128 
FA7 C7  C9   sing N N 129 
FA7 C2  H2   sing N N 130 
FA7 C3  H3   sing N N 131 
FA7 C4  H4   sing N N 132 
FA7 C5  H5   sing N N 133 
FA7 C6  H61  sing N N 134 
FA7 C6  H62  sing N N 135 
FA7 C7  H7   sing N N 136 
FA7 C8  H81  sing N N 137 
FA7 C8  H82  sing N N 138 
FA7 C8  H83  sing N N 139 
FA7 C9  H91  sing N N 140 
FA7 C9  H92  sing N N 141 
FA7 C9  H93  sing N N 142 
FA7 OXT HXT  sing N N 143 
GHP N   CA   sing N N 144 
GHP N   H    sing N N 145 
GHP N   H2   sing N N 146 
GHP CA  C    sing N N 147 
GHP CA  C1   sing N N 148 
GHP CA  HA   sing N N 149 
GHP C   O    doub N N 150 
GHP C   OXT  sing N N 151 
GHP OXT HXT  sing N N 152 
GHP C1  C2   doub Y N 153 
GHP C1  C6   sing Y N 154 
GHP C2  C3   sing Y N 155 
GHP C2  HC2  sing N N 156 
GHP C3  C4   doub Y N 157 
GHP C3  H3   sing N N 158 
GHP C4  O4   sing N N 159 
GHP C4  C5   sing Y N 160 
GHP O4  HO4  sing N N 161 
GHP C5  C6   doub Y N 162 
GHP C5  H5   sing N N 163 
GHP C6  H6   sing N N 164 
GLY N   CA   sing N N 165 
GLY N   H    sing N N 166 
GLY N   H2   sing N N 167 
GLY CA  C    sing N N 168 
GLY CA  HA2  sing N N 169 
GLY CA  HA3  sing N N 170 
GLY C   O    doub N N 171 
GLY C   OXT  sing N N 172 
GLY OXT HXT  sing N N 173 
LEU N   CA   sing N N 174 
LEU N   H    sing N N 175 
LEU N   H2   sing N N 176 
LEU CA  C    sing N N 177 
LEU CA  CB   sing N N 178 
LEU CA  HA   sing N N 179 
LEU C   O    doub N N 180 
LEU C   OXT  sing N N 181 
LEU CB  CG   sing N N 182 
LEU CB  HB2  sing N N 183 
LEU CB  HB3  sing N N 184 
LEU CG  CD1  sing N N 185 
LEU CG  CD2  sing N N 186 
LEU CG  HG   sing N N 187 
LEU CD1 HD11 sing N N 188 
LEU CD1 HD12 sing N N 189 
LEU CD1 HD13 sing N N 190 
LEU CD2 HD21 sing N N 191 
LEU CD2 HD22 sing N N 192 
LEU CD2 HD23 sing N N 193 
LEU OXT HXT  sing N N 194 
MAN C1  C2   sing N N 195 
MAN C1  O1   sing N N 196 
MAN C1  O5   sing N N 197 
MAN C1  H1   sing N N 198 
MAN C2  C3   sing N N 199 
MAN C2  O2   sing N N 200 
MAN C2  H2   sing N N 201 
MAN C3  C4   sing N N 202 
MAN C3  O3   sing N N 203 
MAN C3  H3   sing N N 204 
MAN C4  C5   sing N N 205 
MAN C4  O4   sing N N 206 
MAN C4  H4   sing N N 207 
MAN C5  C6   sing N N 208 
MAN C5  O5   sing N N 209 
MAN C5  H5   sing N N 210 
MAN C6  O6   sing N N 211 
MAN C6  H61  sing N N 212 
MAN C6  H62  sing N N 213 
MAN O1  HO1  sing N N 214 
MAN O2  HO2  sing N N 215 
MAN O3  HO3  sing N N 216 
MAN O4  HO4  sing N N 217 
MAN O6  HO6  sing N N 218 
ORD N   CA   sing N N 219 
ORD CA  CB   sing N N 220 
ORD CA  C    sing N N 221 
ORD CB  CG   sing N N 222 
ORD CG  CD   sing N N 223 
ORD CD  NE   sing N N 224 
ORD C   O    doub N N 225 
ORD C   OXT  sing N N 226 
ORD N   H    sing N N 227 
ORD N   H2   sing N N 228 
ORD CA  HA   sing N N 229 
ORD CB  HB2  sing N N 230 
ORD CB  HB3  sing N N 231 
ORD CG  HG2  sing N N 232 
ORD CG  HG3  sing N N 233 
ORD CD  HD2  sing N N 234 
ORD CD  HD3  sing N N 235 
ORD NE  HE1  sing N N 236 
ORD NE  HE2  sing N N 237 
ORD OXT HXT  sing N N 238 
PHE N   CA   sing N N 239 
PHE N   H    sing N N 240 
PHE N   H2   sing N N 241 
PHE CA  C    sing N N 242 
PHE CA  CB   sing N N 243 
PHE CA  HA   sing N N 244 
PHE C   O    doub N N 245 
PHE C   OXT  sing N N 246 
PHE CB  CG   sing N N 247 
PHE CB  HB2  sing N N 248 
PHE CB  HB3  sing N N 249 
PHE CG  CD1  doub Y N 250 
PHE CG  CD2  sing Y N 251 
PHE CD1 CE1  sing Y N 252 
PHE CD1 HD1  sing N N 253 
PHE CD2 CE2  doub Y N 254 
PHE CD2 HD2  sing N N 255 
PHE CE1 CZ   doub Y N 256 
PHE CE1 HE1  sing N N 257 
PHE CE2 CZ   sing Y N 258 
PHE CE2 HE2  sing N N 259 
PHE CZ  HZ   sing N N 260 
PHE OXT HXT  sing N N 261 
# 
loop_
_pdbx_branch_scheme.asym_id 
_pdbx_branch_scheme.entity_id 
_pdbx_branch_scheme.mon_id 
_pdbx_branch_scheme.num 
_pdbx_branch_scheme.pdb_asym_id 
_pdbx_branch_scheme.pdb_mon_id 
_pdbx_branch_scheme.pdb_seq_num 
_pdbx_branch_scheme.auth_asym_id 
_pdbx_branch_scheme.auth_mon_id 
_pdbx_branch_scheme.auth_seq_num 
_pdbx_branch_scheme.hetero 
B 2 MAN 1 B MAN 1 A MAN 18 n 
B 2 MAN 2 B MAN 2 A MAN 19 n 
# 
loop_
_pdbx_chem_comp_identifier.comp_id 
_pdbx_chem_comp_identifier.type 
_pdbx_chem_comp_identifier.program 
_pdbx_chem_comp_identifier.program_version 
_pdbx_chem_comp_identifier.identifier 
MAN 'CONDENSED IUPAC CARBOHYDRATE SYMBOL' GMML     1.0 DManpa            
MAN 'COMMON NAME'                         GMML     1.0 a-D-mannopyranose 
MAN 'IUPAC CARBOHYDRATE SYMBOL'           PDB-CARE 1.0 a-D-Manp          
MAN 'SNFG CARBOHYDRATE SYMBOL'            GMML     1.0 Man               
# 
_pdbx_entity_branch.entity_id   2 
_pdbx_entity_branch.type        oligosaccharide 
# 
loop_
_pdbx_entity_branch_descriptor.ordinal 
_pdbx_entity_branch_descriptor.entity_id 
_pdbx_entity_branch_descriptor.descriptor 
_pdbx_entity_branch_descriptor.type 
_pdbx_entity_branch_descriptor.program 
_pdbx_entity_branch_descriptor.program_version 
1 2 DManpa1-2DManpa1-ROH                        'Glycam Condensed Sequence' GMML       1.0   
2 2 'WURCS=2.0/1,2,1/[a1122h-1a_1-5]/1-1/a2-b1' WURCS                       PDB2Glycan 1.1.0 
3 2 '[][D-1-deoxy-Manp]{[(2+1)][a-D-Manp]{}}'   LINUCS                      PDB-CARE   ?     
# 
_pdbx_entity_branch_link.link_id                    1 
_pdbx_entity_branch_link.entity_id                  2 
_pdbx_entity_branch_link.entity_branch_list_num_1   2 
_pdbx_entity_branch_link.comp_id_1                  MAN 
_pdbx_entity_branch_link.atom_id_1                  C1 
_pdbx_entity_branch_link.leaving_atom_id_1          O1 
_pdbx_entity_branch_link.entity_branch_list_num_2   1 
_pdbx_entity_branch_link.comp_id_2                  MAN 
_pdbx_entity_branch_link.atom_id_2                  O2 
_pdbx_entity_branch_link.leaving_atom_id_2          HO2 
_pdbx_entity_branch_link.value_order                sing 
_pdbx_entity_branch_link.details                    ? 
# 
loop_
_pdbx_entity_branch_list.entity_id 
_pdbx_entity_branch_list.comp_id 
_pdbx_entity_branch_list.num 
_pdbx_entity_branch_list.hetero 
2 MAN 1 n 
2 MAN 2 n 
# 
_pdbx_entity_nonpoly.entity_id   3 
_pdbx_entity_nonpoly.name        '(2Z,4E)-7-methylocta-2,4-dienoic acid' 
_pdbx_entity_nonpoly.comp_id     FA7 
# 
